data_3HSW
# 
_entry.id   3HSW 
# 
_audit_conform.dict_name       mmcif_pdbx.dic 
_audit_conform.dict_version    5.399 
_audit_conform.dict_location   http://mmcif.pdb.org/dictionaries/ascii/mmcif_pdbx.dic 
# 
loop_
_database_2.database_id 
_database_2.database_code 
_database_2.pdbx_database_accession 
_database_2.pdbx_DOI 
PDB   3HSW         pdb_00003hsw 10.2210/pdb3hsw/pdb 
RCSB  RCSB053542   ?            ?                   
WWPDB D_1000053542 ?            ?                   
# 
loop_
_pdbx_audit_revision_history.ordinal 
_pdbx_audit_revision_history.data_content_type 
_pdbx_audit_revision_history.major_revision 
_pdbx_audit_revision_history.minor_revision 
_pdbx_audit_revision_history.revision_date 
1 'Structure model' 1 0 2009-06-30 
2 'Structure model' 1 1 2011-07-13 
3 'Structure model' 1 2 2012-08-29 
4 'Structure model' 1 3 2023-11-01 
5 'Structure model' 1 4 2024-11-20 
# 
_pdbx_audit_revision_details.ordinal             1 
_pdbx_audit_revision_details.revision_ordinal    1 
_pdbx_audit_revision_details.data_content_type   'Structure model' 
_pdbx_audit_revision_details.provider            repository 
_pdbx_audit_revision_details.type                'Initial release' 
_pdbx_audit_revision_details.description         ? 
_pdbx_audit_revision_details.details             ? 
# 
loop_
_pdbx_audit_revision_group.ordinal 
_pdbx_audit_revision_group.revision_ordinal 
_pdbx_audit_revision_group.data_content_type 
_pdbx_audit_revision_group.group 
1 2 'Structure model' Advisory                    
2 2 'Structure model' 'Version format compliance' 
3 3 'Structure model' 'Database references'       
4 4 'Structure model' 'Data collection'           
5 4 'Structure model' 'Database references'       
6 4 'Structure model' 'Derived calculations'      
7 4 'Structure model' 'Refinement description'    
8 5 'Structure model' 'Structure summary'         
# 
loop_
_pdbx_audit_revision_category.ordinal 
_pdbx_audit_revision_category.revision_ordinal 
_pdbx_audit_revision_category.data_content_type 
_pdbx_audit_revision_category.category 
1 4 'Structure model' chem_comp_atom                
2 4 'Structure model' chem_comp_bond                
3 4 'Structure model' database_2                    
4 4 'Structure model' pdbx_initial_refinement_model 
5 4 'Structure model' struct_site                   
6 5 'Structure model' pdbx_entry_details            
7 5 'Structure model' pdbx_modification_feature     
# 
loop_
_pdbx_audit_revision_item.ordinal 
_pdbx_audit_revision_item.revision_ordinal 
_pdbx_audit_revision_item.data_content_type 
_pdbx_audit_revision_item.item 
1 4 'Structure model' '_database_2.pdbx_DOI'                
2 4 'Structure model' '_database_2.pdbx_database_accession' 
3 4 'Structure model' '_struct_site.pdbx_auth_asym_id'      
4 4 'Structure model' '_struct_site.pdbx_auth_comp_id'      
5 4 'Structure model' '_struct_site.pdbx_auth_seq_id'       
# 
_pdbx_database_status.status_code                     REL 
_pdbx_database_status.entry_id                        3HSW 
_pdbx_database_status.recvd_initial_deposition_date   2009-06-11 
_pdbx_database_status.deposit_site                    RCSB 
_pdbx_database_status.process_site                    PDBJ 
_pdbx_database_status.status_code_sf                  REL 
_pdbx_database_status.status_code_mr                  ? 
_pdbx_database_status.SG_entry                        ? 
_pdbx_database_status.status_code_cs                  ? 
_pdbx_database_status.methods_development_category    ? 
_pdbx_database_status.pdb_format_compatible           Y 
_pdbx_database_status.status_code_nmr_data            ? 
# 
loop_
_pdbx_database_related.db_name 
_pdbx_database_related.db_id 
_pdbx_database_related.details 
_pdbx_database_related.content_type 
PDB 2AZY 'Crystal structure of Porcine Pancreatic Phospholipase A2 in complex with Cholate'                unspecified 
PDB 2B00 'Crystal structure of Porcine Pancreatic Phospholipase A2 in complex with Glycocholate'           unspecified 
PDB 2B01 'Crystal structure of Porcine Pancreatic Phospholipase A2 in complex with Taurochenodeoxycholate' unspecified 
PDB 2B04 'Crystal structure of Porcine Pancreatic Phospholipase A2 in complex with Glycochenodeoxycholate' unspecified 
PDB 2B03 'Crystal structure of Porcine Pancreatic Phospholipase A2 in complex with Taurochenodeoxycholate' unspecified 
# 
loop_
_audit_author.name 
_audit_author.pdbx_ordinal 
'Dileep, K.V.'  1 
'Tintu, I.'     2 
'Karthe, P.'    3 
'Mandal, P.K.'  4 
'Haridas, M.'   5 
'Sadasivan, C.' 6 
# 
_citation.id                        primary 
_citation.title                     
'Crystal structure of porcine pancreatic phospholipase A2 in complex with 2-methoxycyclohexa-2-5-diene-1,4-dione' 
_citation.journal_abbrev            'Frontiers in life sci.' 
_citation.journal_volume            ? 
_citation.page_first                ? 
_citation.page_last                 ? 
_citation.year                      2012 
_citation.journal_id_ASTM           ? 
_citation.country                   UK 
_citation.journal_id_ISSN           2155-3777 
_citation.journal_id_CSD            ? 
_citation.book_publisher            ? 
_citation.pdbx_database_id_PubMed   ? 
_citation.pdbx_database_id_DOI      10.1080/21553769.2012.689262 
# 
loop_
_citation_author.citation_id 
_citation_author.name 
_citation_author.ordinal 
_citation_author.identifier_ORCID 
primary 'Dileep, K.V.'  1 ? 
primary 'Tintu, I.'     2 ? 
primary 'Mandal, P.K.'  3 ? 
primary 'Karthe, P.'    4 ? 
primary 'Haridas, M.'   5 ? 
primary 'Sadasivan, C.' 6 ? 
# 
loop_
_entity.id 
_entity.type 
_entity.src_method 
_entity.pdbx_description 
_entity.formula_weight 
_entity.pdbx_number_of_molecules 
_entity.pdbx_ec 
_entity.pdbx_mutation 
_entity.pdbx_fragment 
_entity.details 
1 polymer     nat 'Phospholipase A2, major isoenzyme'    14009.714 1  3.1.1.4 ? ? ? 
2 non-polymer syn 2-methoxycyclohexa-2,5-diene-1,4-dione 138.121   1  ?       ? ? ? 
3 non-polymer syn 'CALCIUM ION'                          40.078    2  ?       ? ? ? 
4 water       nat water                                  18.015    32 ?       ? ? ? 
# 
_entity_name_com.entity_id   1 
_entity_name_com.name        'Phosphatidylcholine 2-acylhydrolase, Group IB phospholipase A2' 
# 
_entity_poly.entity_id                      1 
_entity_poly.type                           'polypeptide(L)' 
_entity_poly.nstd_linkage                   no 
_entity_poly.nstd_monomer                   no 
_entity_poly.pdbx_seq_one_letter_code       
;ALWQFRSMIKCAIPGSHPLMDFNNYGCYCGLGGSGTPVDELDRCCETHDNCYRDAKNLDSCKFLVDNPYTESYSYSCSNT
EITCNSKNNACEAFICNCDRNAAICFSKAPYNKEHKNLDTKKYC
;
_entity_poly.pdbx_seq_one_letter_code_can   
;ALWQFRSMIKCAIPGSHPLMDFNNYGCYCGLGGSGTPVDELDRCCETHDNCYRDAKNLDSCKFLVDNPYTESYSYSCSNT
EITCNSKNNACEAFICNCDRNAAICFSKAPYNKEHKNLDTKKYC
;
_entity_poly.pdbx_strand_id                 A 
_entity_poly.pdbx_target_identifier         ? 
# 
loop_
_pdbx_entity_nonpoly.entity_id 
_pdbx_entity_nonpoly.name 
_pdbx_entity_nonpoly.comp_id 
2 2-methoxycyclohexa-2,5-diene-1,4-dione MCW 
3 'CALCIUM ION'                          CA  
4 water                                  HOH 
# 
loop_
_entity_poly_seq.entity_id 
_entity_poly_seq.num 
_entity_poly_seq.mon_id 
_entity_poly_seq.hetero 
1 1   ALA n 
1 2   LEU n 
1 3   TRP n 
1 4   GLN n 
1 5   PHE n 
1 6   ARG n 
1 7   SER n 
1 8   MET n 
1 9   ILE n 
1 10  LYS n 
1 11  CYS n 
1 12  ALA n 
1 13  ILE n 
1 14  PRO n 
1 15  GLY n 
1 16  SER n 
1 17  HIS n 
1 18  PRO n 
1 19  LEU n 
1 20  MET n 
1 21  ASP n 
1 22  PHE n 
1 23  ASN n 
1 24  ASN n 
1 25  TYR n 
1 26  GLY n 
1 27  CYS n 
1 28  TYR n 
1 29  CYS n 
1 30  GLY n 
1 31  LEU n 
1 32  GLY n 
1 33  GLY n 
1 34  SER n 
1 35  GLY n 
1 36  THR n 
1 37  PRO n 
1 38  VAL n 
1 39  ASP n 
1 40  GLU n 
1 41  LEU n 
1 42  ASP n 
1 43  ARG n 
1 44  CYS n 
1 45  CYS n 
1 46  GLU n 
1 47  THR n 
1 48  HIS n 
1 49  ASP n 
1 50  ASN n 
1 51  CYS n 
1 52  TYR n 
1 53  ARG n 
1 54  ASP n 
1 55  ALA n 
1 56  LYS n 
1 57  ASN n 
1 58  LEU n 
1 59  ASP n 
1 60  SER n 
1 61  CYS n 
1 62  LYS n 
1 63  PHE n 
1 64  LEU n 
1 65  VAL n 
1 66  ASP n 
1 67  ASN n 
1 68  PRO n 
1 69  TYR n 
1 70  THR n 
1 71  GLU n 
1 72  SER n 
1 73  TYR n 
1 74  SER n 
1 75  TYR n 
1 76  SER n 
1 77  CYS n 
1 78  SER n 
1 79  ASN n 
1 80  THR n 
1 81  GLU n 
1 82  ILE n 
1 83  THR n 
1 84  CYS n 
1 85  ASN n 
1 86  SER n 
1 87  LYS n 
1 88  ASN n 
1 89  ASN n 
1 90  ALA n 
1 91  CYS n 
1 92  GLU n 
1 93  ALA n 
1 94  PHE n 
1 95  ILE n 
1 96  CYS n 
1 97  ASN n 
1 98  CYS n 
1 99  ASP n 
1 100 ARG n 
1 101 ASN n 
1 102 ALA n 
1 103 ALA n 
1 104 ILE n 
1 105 CYS n 
1 106 PHE n 
1 107 SER n 
1 108 LYS n 
1 109 ALA n 
1 110 PRO n 
1 111 TYR n 
1 112 ASN n 
1 113 LYS n 
1 114 GLU n 
1 115 HIS n 
1 116 LYS n 
1 117 ASN n 
1 118 LEU n 
1 119 ASP n 
1 120 THR n 
1 121 LYS n 
1 122 LYS n 
1 123 TYR n 
1 124 CYS n 
# 
_entity_src_nat.entity_id                  1 
_entity_src_nat.pdbx_src_id                1 
_entity_src_nat.pdbx_alt_source_flag       sample 
_entity_src_nat.pdbx_beg_seq_num           ? 
_entity_src_nat.pdbx_end_seq_num           ? 
_entity_src_nat.common_name                Pig 
_entity_src_nat.pdbx_organism_scientific   'Sus scrofa' 
_entity_src_nat.pdbx_ncbi_taxonomy_id      9823 
_entity_src_nat.genus                      ? 
_entity_src_nat.species                    ? 
_entity_src_nat.strain                     ? 
_entity_src_nat.tissue                     ? 
_entity_src_nat.tissue_fraction            ? 
_entity_src_nat.pdbx_secretion             ? 
_entity_src_nat.pdbx_fragment              ? 
_entity_src_nat.pdbx_variant               ? 
_entity_src_nat.pdbx_cell_line             ? 
_entity_src_nat.pdbx_atcc                  ? 
_entity_src_nat.pdbx_cellular_location     ? 
_entity_src_nat.pdbx_organ                 ? 
_entity_src_nat.pdbx_organelle             ? 
_entity_src_nat.pdbx_cell                  ? 
_entity_src_nat.pdbx_plasmid_name          ? 
_entity_src_nat.pdbx_plasmid_details       ? 
_entity_src_nat.details                    Pancreas 
# 
loop_
_chem_comp.id 
_chem_comp.type 
_chem_comp.mon_nstd_flag 
_chem_comp.name 
_chem_comp.pdbx_synonyms 
_chem_comp.formula 
_chem_comp.formula_weight 
ALA 'L-peptide linking' y ALANINE                                ? 'C3 H7 N O2'     89.093  
ARG 'L-peptide linking' y ARGININE                               ? 'C6 H15 N4 O2 1' 175.209 
ASN 'L-peptide linking' y ASPARAGINE                             ? 'C4 H8 N2 O3'    132.118 
ASP 'L-peptide linking' y 'ASPARTIC ACID'                        ? 'C4 H7 N O4'     133.103 
CA  non-polymer         . 'CALCIUM ION'                          ? 'Ca 2'           40.078  
CYS 'L-peptide linking' y CYSTEINE                               ? 'C3 H7 N O2 S'   121.158 
GLN 'L-peptide linking' y GLUTAMINE                              ? 'C5 H10 N2 O3'   146.144 
GLU 'L-peptide linking' y 'GLUTAMIC ACID'                        ? 'C5 H9 N O4'     147.129 
GLY 'peptide linking'   y GLYCINE                                ? 'C2 H5 N O2'     75.067  
HIS 'L-peptide linking' y HISTIDINE                              ? 'C6 H10 N3 O2 1' 156.162 
HOH non-polymer         . WATER                                  ? 'H2 O'           18.015  
ILE 'L-peptide linking' y ISOLEUCINE                             ? 'C6 H13 N O2'    131.173 
LEU 'L-peptide linking' y LEUCINE                                ? 'C6 H13 N O2'    131.173 
LYS 'L-peptide linking' y LYSINE                                 ? 'C6 H15 N2 O2 1' 147.195 
MCW non-polymer         . 2-methoxycyclohexa-2,5-diene-1,4-dione ? 'C7 H6 O3'       138.121 
MET 'L-peptide linking' y METHIONINE                             ? 'C5 H11 N O2 S'  149.211 
PHE 'L-peptide linking' y PHENYLALANINE                          ? 'C9 H11 N O2'    165.189 
PRO 'L-peptide linking' y PROLINE                                ? 'C5 H9 N O2'     115.130 
SER 'L-peptide linking' y SERINE                                 ? 'C3 H7 N O3'     105.093 
THR 'L-peptide linking' y THREONINE                              ? 'C4 H9 N O3'     119.119 
TRP 'L-peptide linking' y TRYPTOPHAN                             ? 'C11 H12 N2 O2'  204.225 
TYR 'L-peptide linking' y TYROSINE                               ? 'C9 H11 N O3'    181.189 
VAL 'L-peptide linking' y VALINE                                 ? 'C5 H11 N O2'    117.146 
# 
loop_
_pdbx_poly_seq_scheme.asym_id 
_pdbx_poly_seq_scheme.entity_id 
_pdbx_poly_seq_scheme.seq_id 
_pdbx_poly_seq_scheme.mon_id 
_pdbx_poly_seq_scheme.ndb_seq_num 
_pdbx_poly_seq_scheme.pdb_seq_num 
_pdbx_poly_seq_scheme.auth_seq_num 
_pdbx_poly_seq_scheme.pdb_mon_id 
_pdbx_poly_seq_scheme.auth_mon_id 
_pdbx_poly_seq_scheme.pdb_strand_id 
_pdbx_poly_seq_scheme.pdb_ins_code 
_pdbx_poly_seq_scheme.hetero 
A 1 1   ALA 1   1   1   ALA ALA A . n 
A 1 2   LEU 2   2   2   LEU LEU A . n 
A 1 3   TRP 3   3   3   TRP TRP A . n 
A 1 4   GLN 4   4   4   GLN GLN A . n 
A 1 5   PHE 5   5   5   PHE PHE A . n 
A 1 6   ARG 6   6   6   ARG ARG A . n 
A 1 7   SER 7   7   7   SER SER A . n 
A 1 8   MET 8   8   8   MET MET A . n 
A 1 9   ILE 9   9   9   ILE ILE A . n 
A 1 10  LYS 10  10  10  LYS LYS A . n 
A 1 11  CYS 11  11  11  CYS CYS A . n 
A 1 12  ALA 12  12  12  ALA ALA A . n 
A 1 13  ILE 13  13  13  ILE ILE A . n 
A 1 14  PRO 14  14  14  PRO PRO A . n 
A 1 15  GLY 15  15  15  GLY GLY A . n 
A 1 16  SER 16  16  16  SER SER A . n 
A 1 17  HIS 17  17  17  HIS HIS A . n 
A 1 18  PRO 18  18  18  PRO PRO A . n 
A 1 19  LEU 19  19  19  LEU LEU A . n 
A 1 20  MET 20  20  20  MET MET A . n 
A 1 21  ASP 21  21  21  ASP ASP A . n 
A 1 22  PHE 22  22  22  PHE PHE A . n 
A 1 23  ASN 23  23  23  ASN ASN A . n 
A 1 24  ASN 24  24  24  ASN ASN A . n 
A 1 25  TYR 25  25  25  TYR TYR A . n 
A 1 26  GLY 26  26  26  GLY GLY A . n 
A 1 27  CYS 27  27  27  CYS CYS A . n 
A 1 28  TYR 28  28  28  TYR TYR A . n 
A 1 29  CYS 29  29  29  CYS CYS A . n 
A 1 30  GLY 30  30  30  GLY GLY A . n 
A 1 31  LEU 31  31  31  LEU LEU A . n 
A 1 32  GLY 32  32  32  GLY GLY A . n 
A 1 33  GLY 33  33  33  GLY GLY A . n 
A 1 34  SER 34  34  34  SER SER A . n 
A 1 35  GLY 35  35  35  GLY GLY A . n 
A 1 36  THR 36  36  36  THR THR A . n 
A 1 37  PRO 37  37  37  PRO PRO A . n 
A 1 38  VAL 38  38  38  VAL VAL A . n 
A 1 39  ASP 39  39  39  ASP ASP A . n 
A 1 40  GLU 40  40  40  GLU GLU A . n 
A 1 41  LEU 41  41  41  LEU LEU A . n 
A 1 42  ASP 42  42  42  ASP ASP A . n 
A 1 43  ARG 43  43  43  ARG ARG A . n 
A 1 44  CYS 44  44  44  CYS CYS A . n 
A 1 45  CYS 45  45  45  CYS CYS A . n 
A 1 46  GLU 46  46  46  GLU GLU A . n 
A 1 47  THR 47  47  47  THR THR A . n 
A 1 48  HIS 48  48  48  HIS HIS A . n 
A 1 49  ASP 49  49  49  ASP ASP A . n 
A 1 50  ASN 50  50  50  ASN ASN A . n 
A 1 51  CYS 51  51  51  CYS CYS A . n 
A 1 52  TYR 52  52  52  TYR TYR A . n 
A 1 53  ARG 53  53  53  ARG ARG A . n 
A 1 54  ASP 54  54  54  ASP ASP A . n 
A 1 55  ALA 55  55  55  ALA ALA A . n 
A 1 56  LYS 56  56  56  LYS LYS A . n 
A 1 57  ASN 57  57  57  ASN ASN A . n 
A 1 58  LEU 58  58  58  LEU LEU A . n 
A 1 59  ASP 59  59  59  ASP ASP A . n 
A 1 60  SER 60  60  60  SER SER A . n 
A 1 61  CYS 61  61  61  CYS CYS A . n 
A 1 62  LYS 62  62  62  LYS LYS A . n 
A 1 63  PHE 63  63  63  PHE PHE A . n 
A 1 64  LEU 64  64  64  LEU LEU A . n 
A 1 65  VAL 65  65  65  VAL VAL A . n 
A 1 66  ASP 66  66  66  ASP ASP A . n 
A 1 67  ASN 67  67  67  ASN ASN A . n 
A 1 68  PRO 68  68  68  PRO PRO A . n 
A 1 69  TYR 69  69  69  TYR TYR A . n 
A 1 70  THR 70  70  70  THR THR A . n 
A 1 71  GLU 71  71  71  GLU GLU A . n 
A 1 72  SER 72  72  72  SER SER A . n 
A 1 73  TYR 73  73  73  TYR TYR A . n 
A 1 74  SER 74  74  74  SER SER A . n 
A 1 75  TYR 75  75  75  TYR TYR A . n 
A 1 76  SER 76  76  76  SER SER A . n 
A 1 77  CYS 77  77  77  CYS CYS A . n 
A 1 78  SER 78  78  78  SER SER A . n 
A 1 79  ASN 79  79  79  ASN ASN A . n 
A 1 80  THR 80  80  80  THR THR A . n 
A 1 81  GLU 81  81  81  GLU GLU A . n 
A 1 82  ILE 82  82  82  ILE ILE A . n 
A 1 83  THR 83  83  83  THR THR A . n 
A 1 84  CYS 84  84  84  CYS CYS A . n 
A 1 85  ASN 85  85  85  ASN ASN A . n 
A 1 86  SER 86  86  86  SER SER A . n 
A 1 87  LYS 87  87  87  LYS LYS A . n 
A 1 88  ASN 88  88  88  ASN ASN A . n 
A 1 89  ASN 89  89  89  ASN ASN A . n 
A 1 90  ALA 90  90  90  ALA ALA A . n 
A 1 91  CYS 91  91  91  CYS CYS A . n 
A 1 92  GLU 92  92  92  GLU GLU A . n 
A 1 93  ALA 93  93  93  ALA ALA A . n 
A 1 94  PHE 94  94  94  PHE PHE A . n 
A 1 95  ILE 95  95  95  ILE ILE A . n 
A 1 96  CYS 96  96  96  CYS CYS A . n 
A 1 97  ASN 97  97  97  ASN ASN A . n 
A 1 98  CYS 98  98  98  CYS CYS A . n 
A 1 99  ASP 99  99  99  ASP ASP A . n 
A 1 100 ARG 100 100 100 ARG ARG A . n 
A 1 101 ASN 101 101 101 ASN ASN A . n 
A 1 102 ALA 102 102 102 ALA ALA A . n 
A 1 103 ALA 103 103 103 ALA ALA A . n 
A 1 104 ILE 104 104 104 ILE ILE A . n 
A 1 105 CYS 105 105 105 CYS CYS A . n 
A 1 106 PHE 106 106 106 PHE PHE A . n 
A 1 107 SER 107 107 107 SER SER A . n 
A 1 108 LYS 108 108 108 LYS LYS A . n 
A 1 109 ALA 109 109 109 ALA ALA A . n 
A 1 110 PRO 110 110 110 PRO PRO A . n 
A 1 111 TYR 111 111 111 TYR TYR A . n 
A 1 112 ASN 112 112 112 ASN ASN A . n 
A 1 113 LYS 113 113 113 LYS LYS A . n 
A 1 114 GLU 114 114 114 GLU GLU A . n 
A 1 115 HIS 115 115 115 HIS HIS A . n 
A 1 116 LYS 116 116 116 LYS LYS A . n 
A 1 117 ASN 117 117 117 ASN ASN A . n 
A 1 118 LEU 118 118 118 LEU LEU A . n 
A 1 119 ASP 119 119 119 ASP ASP A . n 
A 1 120 THR 120 120 120 THR THR A . n 
A 1 121 LYS 121 121 121 LYS LYS A . n 
A 1 122 LYS 122 122 122 LYS LYS A . n 
A 1 123 TYR 123 123 123 TYR TYR A . n 
A 1 124 CYS 124 124 124 CYS CYS A . n 
# 
loop_
_pdbx_nonpoly_scheme.asym_id 
_pdbx_nonpoly_scheme.entity_id 
_pdbx_nonpoly_scheme.mon_id 
_pdbx_nonpoly_scheme.ndb_seq_num 
_pdbx_nonpoly_scheme.pdb_seq_num 
_pdbx_nonpoly_scheme.auth_seq_num 
_pdbx_nonpoly_scheme.pdb_mon_id 
_pdbx_nonpoly_scheme.auth_mon_id 
_pdbx_nonpoly_scheme.pdb_strand_id 
_pdbx_nonpoly_scheme.pdb_ins_code 
B 2 MCW 1  500 500 MCW MCH A . 
C 3 CA  1  501 501 CA  CA  A . 
D 3 CA  1  502 502 CA  CA  A . 
E 4 HOH 1  503 503 HOH HOH A . 
E 4 HOH 2  504 504 HOH HOH A . 
E 4 HOH 3  505 505 HOH HOH A . 
E 4 HOH 4  506 506 HOH HOH A . 
E 4 HOH 5  507 507 HOH HOH A . 
E 4 HOH 6  508 508 HOH HOH A . 
E 4 HOH 7  509 509 HOH HOH A . 
E 4 HOH 8  510 510 HOH HOH A . 
E 4 HOH 9  511 511 HOH HOH A . 
E 4 HOH 10 512 512 HOH HOH A . 
E 4 HOH 11 513 513 HOH HOH A . 
E 4 HOH 12 514 514 HOH HOH A . 
E 4 HOH 13 515 515 HOH HOH A . 
E 4 HOH 14 516 516 HOH HOH A . 
E 4 HOH 15 517 517 HOH HOH A . 
E 4 HOH 16 518 518 HOH HOH A . 
E 4 HOH 17 519 519 HOH HOH A . 
E 4 HOH 18 520 520 HOH HOH A . 
E 4 HOH 19 521 521 HOH HOH A . 
E 4 HOH 20 522 522 HOH HOH A . 
E 4 HOH 21 523 523 HOH HOH A . 
E 4 HOH 22 524 524 HOH HOH A . 
E 4 HOH 23 525 525 HOH HOH A . 
E 4 HOH 24 526 526 HOH HOH A . 
E 4 HOH 25 527 527 HOH HOH A . 
E 4 HOH 26 528 528 HOH HOH A . 
E 4 HOH 27 529 529 HOH HOH A . 
E 4 HOH 28 530 530 HOH HOH A . 
E 4 HOH 29 531 531 HOH HOH A . 
E 4 HOH 30 532 532 HOH HOH A . 
E 4 HOH 31 533 533 HOH HOH A . 
E 4 HOH 32 534 534 HOH HOH A . 
# 
loop_
_software.name 
_software.classification 
_software.version 
_software.citation_id 
_software.pdbx_ordinal 
MAR345dtb 'data collection' .        ? 1 
Auto      'model building'  MR       ? 2 
REFMAC    refinement        5.5.0072 ? 3 
iMOSFLM   'data reduction'  .        ? 4 
SCALA     'data scaling'    .        ? 5 
Auto      phasing           MR       ? 6 
# 
_cell.entry_id           3HSW 
_cell.length_a           68.360 
_cell.length_b           68.360 
_cell.length_c           70.120 
_cell.angle_alpha        90.00 
_cell.angle_beta         90.00 
_cell.angle_gamma        120.00 
_cell.Z_PDB              6 
_cell.pdbx_unique_axis   ? 
_cell.length_a_esd       ? 
_cell.length_b_esd       ? 
_cell.length_c_esd       ? 
_cell.angle_alpha_esd    ? 
_cell.angle_beta_esd     ? 
_cell.angle_gamma_esd    ? 
# 
_symmetry.entry_id                         3HSW 
_symmetry.space_group_name_H-M             'P 31 2 1' 
_symmetry.pdbx_full_space_group_name_H-M   ? 
_symmetry.cell_setting                     ? 
_symmetry.Int_Tables_number                152 
_symmetry.space_group_name_Hall            ? 
# 
_exptl.entry_id          3HSW 
_exptl.method            'X-RAY DIFFRACTION' 
_exptl.crystals_number   1 
# 
_exptl_crystal.id                    1 
_exptl_crystal.density_meas          ? 
_exptl_crystal.density_Matthews      3.38 
_exptl_crystal.density_percent_sol   63.57 
_exptl_crystal.description           ? 
_exptl_crystal.F_000                 ? 
_exptl_crystal.preparation           ? 
# 
_exptl_crystal_grow.crystal_id      1 
_exptl_crystal_grow.method          'VAPOR DIFFUSION, HANGING DROP' 
_exptl_crystal_grow.temp            294 
_exptl_crystal_grow.temp_details    ? 
_exptl_crystal_grow.pH              7.2 
_exptl_crystal_grow.pdbx_details    
'15% MPD, 0.05M Tris Maleate, 5mM Calcium Chloride, pH7.2, VAPOR DIFFUSION, HANGING DROP, temperature 294K' 
_exptl_crystal_grow.pdbx_pH_range   . 
# 
_diffrn.id                     1 
_diffrn.ambient_temp           100 
_diffrn.ambient_temp_details   ? 
_diffrn.crystal_id             1 
# 
_diffrn_detector.diffrn_id              1 
_diffrn_detector.detector               'IMAGE PLATE' 
_diffrn_detector.type                   'MAR scanner 345 mm plate' 
_diffrn_detector.pdbx_collection_date   2009-03-22 
_diffrn_detector.details                Mirrors 
# 
_diffrn_radiation.diffrn_id                        1 
_diffrn_radiation.wavelength_id                    1 
_diffrn_radiation.pdbx_monochromatic_or_laue_m_l   M 
_diffrn_radiation.monochromator                    ? 
_diffrn_radiation.pdbx_diffrn_protocol             'SINGLE WAVELENGTH' 
_diffrn_radiation.pdbx_scattering_type             x-ray 
# 
_diffrn_radiation_wavelength.id           1 
_diffrn_radiation_wavelength.wavelength   1.542 
_diffrn_radiation_wavelength.wt           1.0 
# 
_diffrn_source.diffrn_id                   1 
_diffrn_source.source                      'ROTATING ANODE' 
_diffrn_source.type                        'BRUKER AXS MICROSTAR' 
_diffrn_source.pdbx_synchrotron_site       ? 
_diffrn_source.pdbx_synchrotron_beamline   ? 
_diffrn_source.pdbx_wavelength             ? 
_diffrn_source.pdbx_wavelength_list        1.542 
# 
_reflns.entry_id                     3HSW 
_reflns.observed_criterion_sigma_I   2.00 
_reflns.observed_criterion_sigma_F   2.50 
_reflns.d_resolution_low             45.24 
_reflns.d_resolution_high            2.50 
_reflns.number_obs                   6759 
_reflns.number_all                   6789 
_reflns.percent_possible_obs         97.3 
_reflns.pdbx_Rmerge_I_obs            0.073 
_reflns.pdbx_Rsym_value              0.065 
_reflns.pdbx_netI_over_sigmaI        8.5 
_reflns.B_iso_Wilson_estimate        ? 
_reflns.pdbx_redundancy              ? 
_reflns.R_free_details               ? 
_reflns.limit_h_max                  ? 
_reflns.limit_h_min                  ? 
_reflns.limit_k_max                  ? 
_reflns.limit_k_min                  ? 
_reflns.limit_l_max                  ? 
_reflns.limit_l_min                  ? 
_reflns.observed_criterion_F_max     ? 
_reflns.observed_criterion_F_min     ? 
_reflns.pdbx_chi_squared             ? 
_reflns.pdbx_scaling_rejects         ? 
_reflns.pdbx_ordinal                 1 
_reflns.pdbx_diffrn_id               1 
# 
_reflns_shell.d_res_high             2.50 
_reflns_shell.d_res_low              2.64 
_reflns_shell.percent_possible_all   70.79 
_reflns_shell.Rmerge_I_obs           0.073 
_reflns_shell.pdbx_Rsym_value        0.065 
_reflns_shell.meanI_over_sigI_obs    ? 
_reflns_shell.pdbx_redundancy        ? 
_reflns_shell.percent_possible_obs   ? 
_reflns_shell.number_unique_all      955 
_reflns_shell.number_measured_all    ? 
_reflns_shell.number_measured_obs    ? 
_reflns_shell.number_unique_obs      ? 
_reflns_shell.pdbx_chi_squared       ? 
_reflns_shell.pdbx_ordinal           1 
_reflns_shell.pdbx_diffrn_id         1 
# 
_refine.entry_id                                 3HSW 
_refine.ls_number_reflns_obs                     6356 
_refine.ls_number_reflns_all                     6811 
_refine.pdbx_ls_sigma_I                          2.00 
_refine.pdbx_ls_sigma_F                          2.50 
_refine.pdbx_data_cutoff_high_absF               ? 
_refine.pdbx_data_cutoff_low_absF                ? 
_refine.pdbx_data_cutoff_high_rms_absF           ? 
_refine.ls_d_res_low                             13.65 
_refine.ls_d_res_high                            2.50 
_refine.ls_percent_reflns_obs                    98.44 
_refine.ls_R_factor_obs                          0.18214 
_refine.ls_R_factor_all                          0.2303 
_refine.ls_R_factor_R_work                       0.17965 
_refine.ls_R_factor_R_free                       0.22883 
_refine.ls_R_factor_R_free_error                 ? 
_refine.ls_R_factor_R_free_error_details         ? 
_refine.ls_percent_reflns_R_free                 5.2 
_refine.ls_number_reflns_R_free                  349 
_refine.ls_number_parameters                     ? 
_refine.ls_number_restraints                     ? 
_refine.occupancy_min                            ? 
_refine.occupancy_max                            ? 
_refine.correlation_coeff_Fo_to_Fc               0.952 
_refine.correlation_coeff_Fo_to_Fc_free          0.923 
_refine.B_iso_mean                               23.783 
_refine.aniso_B[1][1]                            0.00 
_refine.aniso_B[2][2]                            0.00 
_refine.aniso_B[3][3]                            0.00 
_refine.aniso_B[1][2]                            0.00 
_refine.aniso_B[1][3]                            0.00 
_refine.aniso_B[2][3]                            0.00 
_refine.solvent_model_details                    MASK 
_refine.solvent_model_param_ksol                 ? 
_refine.solvent_model_param_bsol                 ? 
_refine.pdbx_solvent_vdw_probe_radii             1.40 
_refine.pdbx_solvent_ion_probe_radii             0.80 
_refine.pdbx_solvent_shrinkage_radii             0.80 
_refine.pdbx_ls_cross_valid_method               THROUGHOUT 
_refine.details                                  'HYDROGENS HAVE BEEN ADDED IN THE RIDING POSITIONS' 
_refine.pdbx_starting_model                      'PDB ENTRY 1P2P' 
_refine.pdbx_method_to_determine_struct          'MOLECULAR REPLACEMENT' 
_refine.pdbx_isotropic_thermal_model             ISOTROPIC 
_refine.pdbx_stereochemistry_target_values       'MAXIMUM LIKELIHOOD' 
_refine.pdbx_stereochem_target_val_spec_case     ? 
_refine.pdbx_R_Free_selection_details            RANDOM 
_refine.pdbx_overall_ESU_R                       0.333 
_refine.pdbx_overall_ESU_R_Free                  0.241 
_refine.overall_SU_ML                            0.174 
_refine.overall_SU_B                             17.329 
_refine.ls_redundancy_reflns_obs                 ? 
_refine.B_iso_min                                ? 
_refine.B_iso_max                                ? 
_refine.overall_SU_R_Cruickshank_DPI             ? 
_refine.overall_SU_R_free                        ? 
_refine.ls_wR_factor_R_free                      ? 
_refine.ls_wR_factor_R_work                      ? 
_refine.overall_FOM_free_R_set                   ? 
_refine.overall_FOM_work_R_set                   ? 
_refine.pdbx_refine_id                           'X-RAY DIFFRACTION' 
_refine.pdbx_overall_phase_error                 ? 
_refine.pdbx_TLS_residual_ADP_flag               'LIKELY RESIDUAL' 
_refine.pdbx_diffrn_id                           1 
_refine.pdbx_overall_SU_R_free_Cruickshank_DPI   ? 
_refine.pdbx_overall_SU_R_Blow_DPI               ? 
_refine.pdbx_overall_SU_R_free_Blow_DPI          ? 
# 
_refine_hist.pdbx_refine_id                   'X-RAY DIFFRACTION' 
_refine_hist.cycle_id                         LAST 
_refine_hist.pdbx_number_atoms_protein        971 
_refine_hist.pdbx_number_atoms_nucleic_acid   0 
_refine_hist.pdbx_number_atoms_ligand         12 
_refine_hist.number_atoms_solvent             32 
_refine_hist.number_atoms_total               1015 
_refine_hist.d_res_high                       2.50 
_refine_hist.d_res_low                        13.65 
# 
loop_
_refine_ls_restr.type 
_refine_ls_restr.dev_ideal 
_refine_ls_restr.dev_ideal_target 
_refine_ls_restr.weight 
_refine_ls_restr.number 
_refine_ls_restr.pdbx_refine_id 
_refine_ls_restr.pdbx_restraint_function 
r_bond_refined_d       0.020  0.021  ? 1010 'X-RAY DIFFRACTION' ? 
r_angle_refined_deg    2.079  1.951  ? 1369 'X-RAY DIFFRACTION' ? 
r_dihedral_angle_1_deg 7.137  5.000  ? 123  'X-RAY DIFFRACTION' ? 
r_dihedral_angle_2_deg 40.295 25.000 ? 50   'X-RAY DIFFRACTION' ? 
r_dihedral_angle_3_deg 22.792 15.000 ? 163  'X-RAY DIFFRACTION' ? 
r_dihedral_angle_4_deg 28.049 15.000 ? 4    'X-RAY DIFFRACTION' ? 
r_chiral_restr         0.135  0.200  ? 138  'X-RAY DIFFRACTION' ? 
r_gen_planes_refined   0.008  0.021  ? 788  'X-RAY DIFFRACTION' ? 
r_mcbond_it            0.840  1.500  ? 619  'X-RAY DIFFRACTION' ? 
r_mcangle_it           1.644  2.000  ? 993  'X-RAY DIFFRACTION' ? 
r_scbond_it            2.545  3.000  ? 391  'X-RAY DIFFRACTION' ? 
r_scangle_it           4.224  4.500  ? 376  'X-RAY DIFFRACTION' ? 
# 
_refine_ls_shell.pdbx_total_number_of_bins_used   20 
_refine_ls_shell.d_res_high                       2.500 
_refine_ls_shell.d_res_low                        2.563 
_refine_ls_shell.number_reflns_R_work             438 
_refine_ls_shell.R_factor_R_work                  0.282 
_refine_ls_shell.percent_reflns_obs               97.08 
_refine_ls_shell.R_factor_R_free                  0.417 
_refine_ls_shell.R_factor_R_free_error            ? 
_refine_ls_shell.percent_reflns_R_free            ? 
_refine_ls_shell.number_reflns_R_free             27 
_refine_ls_shell.number_reflns_all                ? 
_refine_ls_shell.R_factor_all                     ? 
_refine_ls_shell.number_reflns_obs                ? 
_refine_ls_shell.redundancy_reflns_obs            ? 
_refine_ls_shell.pdbx_refine_id                   'X-RAY DIFFRACTION' 
# 
_struct.entry_id                  3HSW 
_struct.title                     
'Crystal Structure of Porcine Pancreatic Phospholipase A2 in Complex with 2-methoxycyclohexa-2-5-diene-1,4-dione' 
_struct.pdbx_model_details        ? 
_struct.pdbx_CASP_flag            Y 
_struct.pdbx_model_type_details   ? 
# 
_struct_keywords.entry_id        3HSW 
_struct_keywords.pdbx_keywords   HYDROLASE 
_struct_keywords.text            
;Hydrolase, Curcumin binding, PLA2, Pancreatic Enzyme, Disulfide bond, Lipid degradation, Lipoprotein, Metal-binding, Palmitate, Pyrrolidone carboxylic acid, Secreted
;
# 
loop_
_struct_asym.id 
_struct_asym.pdbx_blank_PDB_chainid_flag 
_struct_asym.pdbx_modified 
_struct_asym.entity_id 
_struct_asym.details 
A N N 1 ? 
B N N 2 ? 
C N N 3 ? 
D N N 3 ? 
E N N 4 ? 
# 
_struct_ref.id                         1 
_struct_ref.db_name                    UNP 
_struct_ref.db_code                    PA21B_PIG 
_struct_ref.pdbx_db_accession          P00592 
_struct_ref.entity_id                  1 
_struct_ref.pdbx_seq_one_letter_code   
;ALWQFRSMIKCAIPGSHPLMDFNNYGCYCGLGGSGTPVDELDRCCETHDNCYRDAKNLDSCKFLVDNPYTESYSYSCSNT
EITCNSKNNACEAFICNCDRNAAICFSKAPYNKEHKNLDTKKYC
;
_struct_ref.pdbx_align_begin           23 
_struct_ref.pdbx_db_isoform            ? 
# 
_struct_ref_seq.align_id                      1 
_struct_ref_seq.ref_id                        1 
_struct_ref_seq.pdbx_PDB_id_code              3HSW 
_struct_ref_seq.pdbx_strand_id                A 
_struct_ref_seq.seq_align_beg                 1 
_struct_ref_seq.pdbx_seq_align_beg_ins_code   ? 
_struct_ref_seq.seq_align_end                 124 
_struct_ref_seq.pdbx_seq_align_end_ins_code   ? 
_struct_ref_seq.pdbx_db_accession             P00592 
_struct_ref_seq.db_align_beg                  23 
_struct_ref_seq.pdbx_db_align_beg_ins_code    ? 
_struct_ref_seq.db_align_end                  146 
_struct_ref_seq.pdbx_db_align_end_ins_code    ? 
_struct_ref_seq.pdbx_auth_seq_align_beg       1 
_struct_ref_seq.pdbx_auth_seq_align_end       124 
# 
_pdbx_struct_assembly.id                   1 
_pdbx_struct_assembly.details              author_and_software_defined_assembly 
_pdbx_struct_assembly.method_details       PISA 
_pdbx_struct_assembly.oligomeric_details   dimeric 
_pdbx_struct_assembly.oligomeric_count     2 
# 
loop_
_pdbx_struct_assembly_prop.biol_id 
_pdbx_struct_assembly_prop.type 
_pdbx_struct_assembly_prop.value 
_pdbx_struct_assembly_prop.details 
1 'ABSA (A^2)' 1560  ? 
1 MORE         -50   ? 
1 'SSA (A^2)'  12870 ? 
# 
_pdbx_struct_assembly_gen.assembly_id       1 
_pdbx_struct_assembly_gen.oper_expression   1,2 
_pdbx_struct_assembly_gen.asym_id_list      A,B,C,D,E 
# 
loop_
_pdbx_struct_oper_list.id 
_pdbx_struct_oper_list.type 
_pdbx_struct_oper_list.name 
_pdbx_struct_oper_list.symmetry_operation 
_pdbx_struct_oper_list.matrix[1][1] 
_pdbx_struct_oper_list.matrix[1][2] 
_pdbx_struct_oper_list.matrix[1][3] 
_pdbx_struct_oper_list.vector[1] 
_pdbx_struct_oper_list.matrix[2][1] 
_pdbx_struct_oper_list.matrix[2][2] 
_pdbx_struct_oper_list.matrix[2][3] 
_pdbx_struct_oper_list.vector[2] 
_pdbx_struct_oper_list.matrix[3][1] 
_pdbx_struct_oper_list.matrix[3][2] 
_pdbx_struct_oper_list.matrix[3][3] 
_pdbx_struct_oper_list.vector[3] 
1 'identity operation'         1_555 x,y,z         1.0000000000  0.0000000000  0.0000000000  0.0000000000   0.0000000000  1.0000000000  0.0000000000 0.0000000000  0.0000000000  0.0000000000 1.0000000000  0.0000000000   
2 'crystal symmetry operation' 5_554 x-y,-y,-z-1/3 -0.2804004207 -0.5200654103 -0.8067884314 -10.2789394570 -0.5200654103 -0.6241409268 0.5830781016 21.7024433458 -0.8067884314 0.5830781016 -0.0954586525 -23.1577572053 
# 
_struct_biol.id        1 
_struct_biol.details   ? 
# 
loop_
_struct_conf.conf_type_id 
_struct_conf.id 
_struct_conf.pdbx_PDB_helix_id 
_struct_conf.beg_label_comp_id 
_struct_conf.beg_label_asym_id 
_struct_conf.beg_label_seq_id 
_struct_conf.pdbx_beg_PDB_ins_code 
_struct_conf.end_label_comp_id 
_struct_conf.end_label_asym_id 
_struct_conf.end_label_seq_id 
_struct_conf.pdbx_end_PDB_ins_code 
_struct_conf.beg_auth_comp_id 
_struct_conf.beg_auth_asym_id 
_struct_conf.beg_auth_seq_id 
_struct_conf.end_auth_comp_id 
_struct_conf.end_auth_asym_id 
_struct_conf.end_auth_seq_id 
_struct_conf.pdbx_PDB_helix_class 
_struct_conf.details 
_struct_conf.pdbx_PDB_helix_length 
HELX_P HELX_P1 1 ALA A 1   ? ILE A 13  ? ALA A 1   ILE A 13  1 ? 13 
HELX_P HELX_P2 2 HIS A 17  ? ASN A 23  ? HIS A 17  ASN A 23  1 ? 7  
HELX_P HELX_P3 3 ASP A 39  ? ASN A 57  ? ASP A 39  ASN A 57  1 ? 19 
HELX_P HELX_P4 4 PHE A 63  ? GLU A 71  ? PHE A 63  GLU A 71  5 ? 9  
HELX_P HELX_P5 5 ASN A 89  ? ALA A 109 ? ASN A 89  ALA A 109 1 ? 21 
HELX_P HELX_P6 6 ASN A 112 ? LYS A 116 ? ASN A 112 LYS A 116 5 ? 5  
HELX_P HELX_P7 7 ASP A 119 ? CYS A 124 ? ASP A 119 CYS A 124 1 ? 6  
# 
_struct_conf_type.id          HELX_P 
_struct_conf_type.criteria    ? 
_struct_conf_type.reference   ? 
# 
loop_
_struct_conn.id 
_struct_conn.conn_type_id 
_struct_conn.pdbx_leaving_atom_flag 
_struct_conn.pdbx_PDB_id 
_struct_conn.ptnr1_label_asym_id 
_struct_conn.ptnr1_label_comp_id 
_struct_conn.ptnr1_label_seq_id 
_struct_conn.ptnr1_label_atom_id 
_struct_conn.pdbx_ptnr1_label_alt_id 
_struct_conn.pdbx_ptnr1_PDB_ins_code 
_struct_conn.pdbx_ptnr1_standard_comp_id 
_struct_conn.ptnr1_symmetry 
_struct_conn.ptnr2_label_asym_id 
_struct_conn.ptnr2_label_comp_id 
_struct_conn.ptnr2_label_seq_id 
_struct_conn.ptnr2_label_atom_id 
_struct_conn.pdbx_ptnr2_label_alt_id 
_struct_conn.pdbx_ptnr2_PDB_ins_code 
_struct_conn.ptnr1_auth_asym_id 
_struct_conn.ptnr1_auth_comp_id 
_struct_conn.ptnr1_auth_seq_id 
_struct_conn.ptnr2_auth_asym_id 
_struct_conn.ptnr2_auth_comp_id 
_struct_conn.ptnr2_auth_seq_id 
_struct_conn.ptnr2_symmetry 
_struct_conn.pdbx_ptnr3_label_atom_id 
_struct_conn.pdbx_ptnr3_label_seq_id 
_struct_conn.pdbx_ptnr3_label_comp_id 
_struct_conn.pdbx_ptnr3_label_asym_id 
_struct_conn.pdbx_ptnr3_label_alt_id 
_struct_conn.pdbx_ptnr3_PDB_ins_code 
_struct_conn.details 
_struct_conn.pdbx_dist_value 
_struct_conn.pdbx_value_order 
_struct_conn.pdbx_role 
disulf1  disulf ? ? A CYS 11 SG  ? ? ? 1_555 A CYS 77  SG ? ? A CYS 11  A CYS 77  1_555 ? ? ? ? ? ? ? 1.079 ? ? 
disulf2  disulf ? ? A CYS 27 SG  ? ? ? 1_555 A CYS 124 SG ? ? A CYS 27  A CYS 124 1_555 ? ? ? ? ? ? ? 2.023 ? ? 
disulf3  disulf ? ? A CYS 29 SG  ? ? ? 1_555 A CYS 45  SG ? ? A CYS 29  A CYS 45  1_555 ? ? ? ? ? ? ? 2.050 ? ? 
disulf4  disulf ? ? A CYS 44 SG  ? ? ? 1_555 A CYS 105 SG ? ? A CYS 44  A CYS 105 1_555 ? ? ? ? ? ? ? 1.995 ? ? 
disulf5  disulf ? ? A CYS 51 SG  ? ? ? 1_555 A CYS 98  SG ? ? A CYS 51  A CYS 98  1_555 ? ? ? ? ? ? ? 2.055 ? ? 
disulf6  disulf ? ? A CYS 61 SG  ? ? ? 1_555 A CYS 91  SG ? ? A CYS 61  A CYS 91  1_555 ? ? ? ? ? ? ? 2.019 ? ? 
disulf7  disulf ? ? A CYS 84 SG  ? ? ? 1_555 A CYS 96  SG ? ? A CYS 84  A CYS 96  1_555 ? ? ? ? ? ? ? 2.059 ? ? 
metalc1  metalc ? ? A TYR 28 O   ? ? ? 1_555 C CA  .   CA ? ? A TYR 28  A CA  501 1_555 ? ? ? ? ? ? ? 2.696 ? ? 
metalc2  metalc ? ? A GLY 30 O   ? ? ? 1_555 C CA  .   CA ? ? A GLY 30  A CA  501 1_555 ? ? ? ? ? ? ? 2.297 ? ? 
metalc3  metalc ? ? A GLY 32 O   ? ? ? 1_555 C CA  .   CA ? ? A GLY 32  A CA  501 1_555 ? ? ? ? ? ? ? 2.340 ? ? 
metalc4  metalc ? ? A ASP 49 OD1 ? ? ? 1_555 C CA  .   CA ? ? A ASP 49  A CA  501 1_555 ? ? ? ? ? ? ? 2.583 ? ? 
metalc5  metalc ? ? A ASP 49 OD2 ? ? ? 1_555 C CA  .   CA ? ? A ASP 49  A CA  501 1_555 ? ? ? ? ? ? ? 2.297 ? ? 
metalc6  metalc ? ? A GLU 71 OE1 ? ? ? 1_555 D CA  .   CA ? ? A GLU 71  A CA  502 1_555 ? ? ? ? ? ? ? 2.101 ? ? 
metalc7  metalc ? ? A SER 72 O   ? ? ? 1_555 D CA  .   CA ? ? A SER 72  A CA  502 1_555 ? ? ? ? ? ? ? 2.478 ? ? 
metalc8  metalc ? ? A GLU 92 OE1 ? ? ? 1_555 D CA  .   CA ? ? A GLU 92  A CA  502 1_555 ? ? ? ? ? ? ? 2.307 ? ? 
metalc9  metalc ? ? C CA  .  CA  ? ? ? 1_555 E HOH .   O  ? ? A CA  501 A HOH 518 1_555 ? ? ? ? ? ? ? 2.359 ? ? 
metalc10 metalc ? ? C CA  .  CA  ? ? ? 1_555 E HOH .   O  ? ? A CA  501 A HOH 520 1_555 ? ? ? ? ? ? ? 2.508 ? ? 
# 
loop_
_struct_conn_type.id 
_struct_conn_type.criteria 
_struct_conn_type.reference 
disulf ? ? 
metalc ? ? 
# 
loop_
_pdbx_struct_conn_angle.id 
_pdbx_struct_conn_angle.ptnr1_label_atom_id 
_pdbx_struct_conn_angle.ptnr1_label_alt_id 
_pdbx_struct_conn_angle.ptnr1_label_asym_id 
_pdbx_struct_conn_angle.ptnr1_label_comp_id 
_pdbx_struct_conn_angle.ptnr1_label_seq_id 
_pdbx_struct_conn_angle.ptnr1_auth_atom_id 
_pdbx_struct_conn_angle.ptnr1_auth_asym_id 
_pdbx_struct_conn_angle.ptnr1_auth_comp_id 
_pdbx_struct_conn_angle.ptnr1_auth_seq_id 
_pdbx_struct_conn_angle.ptnr1_PDB_ins_code 
_pdbx_struct_conn_angle.ptnr1_symmetry 
_pdbx_struct_conn_angle.ptnr2_label_atom_id 
_pdbx_struct_conn_angle.ptnr2_label_alt_id 
_pdbx_struct_conn_angle.ptnr2_label_asym_id 
_pdbx_struct_conn_angle.ptnr2_label_comp_id 
_pdbx_struct_conn_angle.ptnr2_label_seq_id 
_pdbx_struct_conn_angle.ptnr2_auth_atom_id 
_pdbx_struct_conn_angle.ptnr2_auth_asym_id 
_pdbx_struct_conn_angle.ptnr2_auth_comp_id 
_pdbx_struct_conn_angle.ptnr2_auth_seq_id 
_pdbx_struct_conn_angle.ptnr2_PDB_ins_code 
_pdbx_struct_conn_angle.ptnr2_symmetry 
_pdbx_struct_conn_angle.ptnr3_label_atom_id 
_pdbx_struct_conn_angle.ptnr3_label_alt_id 
_pdbx_struct_conn_angle.ptnr3_label_asym_id 
_pdbx_struct_conn_angle.ptnr3_label_comp_id 
_pdbx_struct_conn_angle.ptnr3_label_seq_id 
_pdbx_struct_conn_angle.ptnr3_auth_atom_id 
_pdbx_struct_conn_angle.ptnr3_auth_asym_id 
_pdbx_struct_conn_angle.ptnr3_auth_comp_id 
_pdbx_struct_conn_angle.ptnr3_auth_seq_id 
_pdbx_struct_conn_angle.ptnr3_PDB_ins_code 
_pdbx_struct_conn_angle.ptnr3_symmetry 
_pdbx_struct_conn_angle.value 
_pdbx_struct_conn_angle.value_esd 
1  O   ? A TYR 28 ? A TYR 28  ? 1_555 CA ? C CA . ? A CA 501 ? 1_555 O   ? A GLY 30 ? A GLY 30  ? 1_555 102.3 ? 
2  O   ? A TYR 28 ? A TYR 28  ? 1_555 CA ? C CA . ? A CA 501 ? 1_555 O   ? A GLY 32 ? A GLY 32  ? 1_555 106.2 ? 
3  O   ? A GLY 30 ? A GLY 30  ? 1_555 CA ? C CA . ? A CA 501 ? 1_555 O   ? A GLY 32 ? A GLY 32  ? 1_555 78.5  ? 
4  O   ? A TYR 28 ? A TYR 28  ? 1_555 CA ? C CA . ? A CA 501 ? 1_555 OD1 ? A ASP 49 ? A ASP 49  ? 1_555 92.7  ? 
5  O   ? A GLY 30 ? A GLY 30  ? 1_555 CA ? C CA . ? A CA 501 ? 1_555 OD1 ? A ASP 49 ? A ASP 49  ? 1_555 148.9 ? 
6  O   ? A GLY 32 ? A GLY 32  ? 1_555 CA ? C CA . ? A CA 501 ? 1_555 OD1 ? A ASP 49 ? A ASP 49  ? 1_555 123.4 ? 
7  O   ? A TYR 28 ? A TYR 28  ? 1_555 CA ? C CA . ? A CA 501 ? 1_555 OD2 ? A ASP 49 ? A ASP 49  ? 1_555 92.8  ? 
8  O   ? A GLY 30 ? A GLY 30  ? 1_555 CA ? C CA . ? A CA 501 ? 1_555 OD2 ? A ASP 49 ? A ASP 49  ? 1_555 150.3 ? 
9  O   ? A GLY 32 ? A GLY 32  ? 1_555 CA ? C CA . ? A CA 501 ? 1_555 OD2 ? A ASP 49 ? A ASP 49  ? 1_555 72.8  ? 
10 OD1 ? A ASP 49 ? A ASP 49  ? 1_555 CA ? C CA . ? A CA 501 ? 1_555 OD2 ? A ASP 49 ? A ASP 49  ? 1_555 53.0  ? 
11 O   ? A TYR 28 ? A TYR 28  ? 1_555 CA ? C CA . ? A CA 501 ? 1_555 O   ? E HOH .  ? A HOH 518 ? 1_555 169.0 ? 
12 O   ? A GLY 30 ? A GLY 30  ? 1_555 CA ? C CA . ? A CA 501 ? 1_555 O   ? E HOH .  ? A HOH 518 ? 1_555 86.0  ? 
13 O   ? A GLY 32 ? A GLY 32  ? 1_555 CA ? C CA . ? A CA 501 ? 1_555 O   ? E HOH .  ? A HOH 518 ? 1_555 82.3  ? 
14 OD1 ? A ASP 49 ? A ASP 49  ? 1_555 CA ? C CA . ? A CA 501 ? 1_555 O   ? E HOH .  ? A HOH 518 ? 1_555 76.7  ? 
15 OD2 ? A ASP 49 ? A ASP 49  ? 1_555 CA ? C CA . ? A CA 501 ? 1_555 O   ? E HOH .  ? A HOH 518 ? 1_555 83.0  ? 
16 O   ? A TYR 28 ? A TYR 28  ? 1_555 CA ? C CA . ? A CA 501 ? 1_555 O   ? E HOH .  ? A HOH 520 ? 1_555 72.3  ? 
17 O   ? A GLY 30 ? A GLY 30  ? 1_555 CA ? C CA . ? A CA 501 ? 1_555 O   ? E HOH .  ? A HOH 520 ? 1_555 72.7  ? 
18 O   ? A GLY 32 ? A GLY 32  ? 1_555 CA ? C CA . ? A CA 501 ? 1_555 O   ? E HOH .  ? A HOH 520 ? 1_555 149.9 ? 
19 OD1 ? A ASP 49 ? A ASP 49  ? 1_555 CA ? C CA . ? A CA 501 ? 1_555 O   ? E HOH .  ? A HOH 520 ? 1_555 86.6  ? 
20 OD2 ? A ASP 49 ? A ASP 49  ? 1_555 CA ? C CA . ? A CA 501 ? 1_555 O   ? E HOH .  ? A HOH 520 ? 1_555 136.8 ? 
21 O   ? E HOH .  ? A HOH 518 ? 1_555 CA ? C CA . ? A CA 501 ? 1_555 O   ? E HOH .  ? A HOH 520 ? 1_555 104.0 ? 
22 OE1 ? A GLU 71 ? A GLU 71  ? 1_555 CA ? D CA . ? A CA 502 ? 1_555 O   ? A SER 72 ? A SER 72  ? 1_555 86.2  ? 
23 OE1 ? A GLU 71 ? A GLU 71  ? 1_555 CA ? D CA . ? A CA 502 ? 1_555 OE1 ? A GLU 92 ? A GLU 92  ? 1_555 90.4  ? 
24 O   ? A SER 72 ? A SER 72  ? 1_555 CA ? D CA . ? A CA 502 ? 1_555 OE1 ? A GLU 92 ? A GLU 92  ? 1_555 88.1  ? 
# 
loop_
_pdbx_modification_feature.ordinal 
_pdbx_modification_feature.label_comp_id 
_pdbx_modification_feature.label_asym_id 
_pdbx_modification_feature.label_seq_id 
_pdbx_modification_feature.label_alt_id 
_pdbx_modification_feature.modified_residue_label_comp_id 
_pdbx_modification_feature.modified_residue_label_asym_id 
_pdbx_modification_feature.modified_residue_label_seq_id 
_pdbx_modification_feature.modified_residue_label_alt_id 
_pdbx_modification_feature.auth_comp_id 
_pdbx_modification_feature.auth_asym_id 
_pdbx_modification_feature.auth_seq_id 
_pdbx_modification_feature.PDB_ins_code 
_pdbx_modification_feature.symmetry 
_pdbx_modification_feature.modified_residue_auth_comp_id 
_pdbx_modification_feature.modified_residue_auth_asym_id 
_pdbx_modification_feature.modified_residue_auth_seq_id 
_pdbx_modification_feature.modified_residue_PDB_ins_code 
_pdbx_modification_feature.modified_residue_symmetry 
_pdbx_modification_feature.comp_id_linking_atom 
_pdbx_modification_feature.modified_residue_id_linking_atom 
_pdbx_modification_feature.modified_residue_id 
_pdbx_modification_feature.ref_pcm_id 
_pdbx_modification_feature.ref_comp_id 
_pdbx_modification_feature.type 
_pdbx_modification_feature.category 
1 CYS A 11 ? CYS A 77  ? CYS A 11 ? 1_555 CYS A 77  ? 1_555 SG SG . . . None 'Disulfide bridge' 
2 CYS A 27 ? CYS A 124 ? CYS A 27 ? 1_555 CYS A 124 ? 1_555 SG SG . . . None 'Disulfide bridge' 
3 CYS A 29 ? CYS A 45  ? CYS A 29 ? 1_555 CYS A 45  ? 1_555 SG SG . . . None 'Disulfide bridge' 
4 CYS A 44 ? CYS A 105 ? CYS A 44 ? 1_555 CYS A 105 ? 1_555 SG SG . . . None 'Disulfide bridge' 
5 CYS A 51 ? CYS A 98  ? CYS A 51 ? 1_555 CYS A 98  ? 1_555 SG SG . . . None 'Disulfide bridge' 
6 CYS A 61 ? CYS A 91  ? CYS A 61 ? 1_555 CYS A 91  ? 1_555 SG SG . . . None 'Disulfide bridge' 
7 CYS A 84 ? CYS A 96  ? CYS A 84 ? 1_555 CYS A 96  ? 1_555 SG SG . . . None 'Disulfide bridge' 
# 
_struct_sheet.id               A 
_struct_sheet.type             ? 
_struct_sheet.number_strands   2 
_struct_sheet.details          ? 
# 
_struct_sheet_order.sheet_id     A 
_struct_sheet_order.range_id_1   1 
_struct_sheet_order.range_id_2   2 
_struct_sheet_order.offset       ? 
_struct_sheet_order.sense        anti-parallel 
# 
loop_
_struct_sheet_range.sheet_id 
_struct_sheet_range.id 
_struct_sheet_range.beg_label_comp_id 
_struct_sheet_range.beg_label_asym_id 
_struct_sheet_range.beg_label_seq_id 
_struct_sheet_range.pdbx_beg_PDB_ins_code 
_struct_sheet_range.end_label_comp_id 
_struct_sheet_range.end_label_asym_id 
_struct_sheet_range.end_label_seq_id 
_struct_sheet_range.pdbx_end_PDB_ins_code 
_struct_sheet_range.beg_auth_comp_id 
_struct_sheet_range.beg_auth_asym_id 
_struct_sheet_range.beg_auth_seq_id 
_struct_sheet_range.end_auth_comp_id 
_struct_sheet_range.end_auth_asym_id 
_struct_sheet_range.end_auth_seq_id 
A 1 TYR A 75 ? CYS A 77 ? TYR A 75 CYS A 77 
A 2 ILE A 82 ? CYS A 84 ? ILE A 82 CYS A 84 
# 
_pdbx_struct_sheet_hbond.sheet_id                A 
_pdbx_struct_sheet_hbond.range_id_1              1 
_pdbx_struct_sheet_hbond.range_id_2              2 
_pdbx_struct_sheet_hbond.range_1_label_atom_id   N 
_pdbx_struct_sheet_hbond.range_1_label_comp_id   SER 
_pdbx_struct_sheet_hbond.range_1_label_asym_id   A 
_pdbx_struct_sheet_hbond.range_1_label_seq_id    76 
_pdbx_struct_sheet_hbond.range_1_PDB_ins_code    ? 
_pdbx_struct_sheet_hbond.range_1_auth_atom_id    N 
_pdbx_struct_sheet_hbond.range_1_auth_comp_id    SER 
_pdbx_struct_sheet_hbond.range_1_auth_asym_id    A 
_pdbx_struct_sheet_hbond.range_1_auth_seq_id     76 
_pdbx_struct_sheet_hbond.range_2_label_atom_id   O 
_pdbx_struct_sheet_hbond.range_2_label_comp_id   THR 
_pdbx_struct_sheet_hbond.range_2_label_asym_id   A 
_pdbx_struct_sheet_hbond.range_2_label_seq_id    83 
_pdbx_struct_sheet_hbond.range_2_PDB_ins_code    ? 
_pdbx_struct_sheet_hbond.range_2_auth_atom_id    O 
_pdbx_struct_sheet_hbond.range_2_auth_comp_id    THR 
_pdbx_struct_sheet_hbond.range_2_auth_asym_id    A 
_pdbx_struct_sheet_hbond.range_2_auth_seq_id     83 
# 
loop_
_struct_site.id 
_struct_site.pdbx_evidence_code 
_struct_site.pdbx_auth_asym_id 
_struct_site.pdbx_auth_comp_id 
_struct_site.pdbx_auth_seq_id 
_struct_site.pdbx_auth_ins_code 
_struct_site.pdbx_num_residues 
_struct_site.details 
AC1 Software A MCW 500 ? 5 'BINDING SITE FOR RESIDUE MCW A 500' 
AC2 Software A CA  501 ? 6 'BINDING SITE FOR RESIDUE CA A 501'  
AC3 Software A CA  502 ? 6 'BINDING SITE FOR RESIDUE CA A 502'  
# 
loop_
_struct_site_gen.id 
_struct_site_gen.site_id 
_struct_site_gen.pdbx_num_res 
_struct_site_gen.label_comp_id 
_struct_site_gen.label_asym_id 
_struct_site_gen.label_seq_id 
_struct_site_gen.pdbx_auth_ins_code 
_struct_site_gen.auth_comp_id 
_struct_site_gen.auth_asym_id 
_struct_site_gen.auth_seq_id 
_struct_site_gen.label_atom_id 
_struct_site_gen.label_alt_id 
_struct_site_gen.symmetry 
_struct_site_gen.details 
1  AC1 5 ARG A 6  ? ARG A 6   . ? 1_555 ? 
2  AC1 5 PHE A 22 ? PHE A 22  . ? 1_555 ? 
3  AC1 5 ASN A 23 ? ASN A 23  . ? 1_555 ? 
4  AC1 5 HOH E .  ? HOH A 509 . ? 1_555 ? 
5  AC1 5 HOH E .  ? HOH A 534 . ? 1_555 ? 
6  AC2 6 TYR A 28 ? TYR A 28  . ? 1_555 ? 
7  AC2 6 GLY A 30 ? GLY A 30  . ? 1_555 ? 
8  AC2 6 GLY A 32 ? GLY A 32  . ? 1_555 ? 
9  AC2 6 ASP A 49 ? ASP A 49  . ? 1_555 ? 
10 AC2 6 HOH E .  ? HOH A 518 . ? 1_555 ? 
11 AC2 6 HOH E .  ? HOH A 520 . ? 1_555 ? 
12 AC3 6 GLU A 71 ? GLU A 71  . ? 5_554 ? 
13 AC3 6 GLU A 71 ? GLU A 71  . ? 1_555 ? 
14 AC3 6 SER A 72 ? SER A 72  . ? 5_554 ? 
15 AC3 6 SER A 72 ? SER A 72  . ? 1_555 ? 
16 AC3 6 GLU A 92 ? GLU A 92  . ? 5_554 ? 
17 AC3 6 GLU A 92 ? GLU A 92  . ? 1_555 ? 
# 
_pdbx_entry_details.entry_id                   3HSW 
_pdbx_entry_details.compound_details           ? 
_pdbx_entry_details.source_details             ? 
_pdbx_entry_details.nonpolymer_details         ? 
_pdbx_entry_details.sequence_details           ? 
_pdbx_entry_details.has_ligand_of_interest     ? 
_pdbx_entry_details.has_protein_modification   Y 
# 
loop_
_pdbx_validate_torsion.id 
_pdbx_validate_torsion.PDB_model_num 
_pdbx_validate_torsion.auth_comp_id 
_pdbx_validate_torsion.auth_asym_id 
_pdbx_validate_torsion.auth_seq_id 
_pdbx_validate_torsion.PDB_ins_code 
_pdbx_validate_torsion.label_alt_id 
_pdbx_validate_torsion.phi 
_pdbx_validate_torsion.psi 
1 1 ASP A 66 ? ? 81.04 26.82 
2 1 SER A 74 ? ? 77.57 94.77 
# 
_pdbx_struct_special_symmetry.id              1 
_pdbx_struct_special_symmetry.PDB_model_num   1 
_pdbx_struct_special_symmetry.auth_asym_id    A 
_pdbx_struct_special_symmetry.auth_comp_id    CA 
_pdbx_struct_special_symmetry.auth_seq_id     502 
_pdbx_struct_special_symmetry.PDB_ins_code    ? 
_pdbx_struct_special_symmetry.label_asym_id   D 
_pdbx_struct_special_symmetry.label_comp_id   CA 
_pdbx_struct_special_symmetry.label_seq_id    . 
# 
_pdbx_refine_tls.id               1 
_pdbx_refine_tls.details          ? 
_pdbx_refine_tls.method           refined 
_pdbx_refine_tls.origin_x         0.2605 
_pdbx_refine_tls.origin_y         0.1136 
_pdbx_refine_tls.origin_z         0.0684 
_pdbx_refine_tls.T[1][1]          0.1340 
_pdbx_refine_tls.T[2][2]          0.1007 
_pdbx_refine_tls.T[3][3]          0.2712 
_pdbx_refine_tls.T[1][2]          0.0324 
_pdbx_refine_tls.T[1][3]          0.0368 
_pdbx_refine_tls.T[2][3]          0.0347 
_pdbx_refine_tls.L[1][1]          4.6141 
_pdbx_refine_tls.L[2][2]          4.3040 
_pdbx_refine_tls.L[3][3]          5.2336 
_pdbx_refine_tls.L[1][2]          -2.5848 
_pdbx_refine_tls.L[1][3]          3.6868 
_pdbx_refine_tls.L[2][3]          -2.9756 
_pdbx_refine_tls.S[1][1]          -0.0847 
_pdbx_refine_tls.S[1][2]          -0.2495 
_pdbx_refine_tls.S[1][3]          -0.5502 
_pdbx_refine_tls.S[2][1]          0.4871 
_pdbx_refine_tls.S[2][2]          0.3524 
_pdbx_refine_tls.S[2][3]          0.2254 
_pdbx_refine_tls.S[3][1]          -0.3042 
_pdbx_refine_tls.S[3][2]          -0.0808 
_pdbx_refine_tls.S[3][3]          -0.2677 
_pdbx_refine_tls.pdbx_refine_id   'X-RAY DIFFRACTION' 
# 
_pdbx_refine_tls_group.id                  1 
_pdbx_refine_tls_group.refine_tls_id       1 
_pdbx_refine_tls_group.beg_auth_asym_id    A 
_pdbx_refine_tls_group.beg_auth_seq_id     1 
_pdbx_refine_tls_group.beg_label_asym_id   ? 
_pdbx_refine_tls_group.beg_label_seq_id    ? 
_pdbx_refine_tls_group.end_auth_asym_id    A 
_pdbx_refine_tls_group.end_auth_seq_id     124 
_pdbx_refine_tls_group.end_label_asym_id   ? 
_pdbx_refine_tls_group.end_label_seq_id    ? 
_pdbx_refine_tls_group.selection           ? 
_pdbx_refine_tls_group.selection_details   ? 
_pdbx_refine_tls_group.pdbx_refine_id      'X-RAY DIFFRACTION' 
# 
loop_
_chem_comp_atom.comp_id 
_chem_comp_atom.atom_id 
_chem_comp_atom.type_symbol 
_chem_comp_atom.pdbx_aromatic_flag 
_chem_comp_atom.pdbx_stereo_config 
_chem_comp_atom.pdbx_ordinal 
ALA N    N  N N 1   
ALA CA   C  N S 2   
ALA C    C  N N 3   
ALA O    O  N N 4   
ALA CB   C  N N 5   
ALA OXT  O  N N 6   
ALA H    H  N N 7   
ALA H2   H  N N 8   
ALA HA   H  N N 9   
ALA HB1  H  N N 10  
ALA HB2  H  N N 11  
ALA HB3  H  N N 12  
ALA HXT  H  N N 13  
ARG N    N  N N 14  
ARG CA   C  N S 15  
ARG C    C  N N 16  
ARG O    O  N N 17  
ARG CB   C  N N 18  
ARG CG   C  N N 19  
ARG CD   C  N N 20  
ARG NE   N  N N 21  
ARG CZ   C  N N 22  
ARG NH1  N  N N 23  
ARG NH2  N  N N 24  
ARG OXT  O  N N 25  
ARG H    H  N N 26  
ARG H2   H  N N 27  
ARG HA   H  N N 28  
ARG HB2  H  N N 29  
ARG HB3  H  N N 30  
ARG HG2  H  N N 31  
ARG HG3  H  N N 32  
ARG HD2  H  N N 33  
ARG HD3  H  N N 34  
ARG HE   H  N N 35  
ARG HH11 H  N N 36  
ARG HH12 H  N N 37  
ARG HH21 H  N N 38  
ARG HH22 H  N N 39  
ARG HXT  H  N N 40  
ASN N    N  N N 41  
ASN CA   C  N S 42  
ASN C    C  N N 43  
ASN O    O  N N 44  
ASN CB   C  N N 45  
ASN CG   C  N N 46  
ASN OD1  O  N N 47  
ASN ND2  N  N N 48  
ASN OXT  O  N N 49  
ASN H    H  N N 50  
ASN H2   H  N N 51  
ASN HA   H  N N 52  
ASN HB2  H  N N 53  
ASN HB3  H  N N 54  
ASN HD21 H  N N 55  
ASN HD22 H  N N 56  
ASN HXT  H  N N 57  
ASP N    N  N N 58  
ASP CA   C  N S 59  
ASP C    C  N N 60  
ASP O    O  N N 61  
ASP CB   C  N N 62  
ASP CG   C  N N 63  
ASP OD1  O  N N 64  
ASP OD2  O  N N 65  
ASP OXT  O  N N 66  
ASP H    H  N N 67  
ASP H2   H  N N 68  
ASP HA   H  N N 69  
ASP HB2  H  N N 70  
ASP HB3  H  N N 71  
ASP HD2  H  N N 72  
ASP HXT  H  N N 73  
CA  CA   CA N N 74  
CYS N    N  N N 75  
CYS CA   C  N R 76  
CYS C    C  N N 77  
CYS O    O  N N 78  
CYS CB   C  N N 79  
CYS SG   S  N N 80  
CYS OXT  O  N N 81  
CYS H    H  N N 82  
CYS H2   H  N N 83  
CYS HA   H  N N 84  
CYS HB2  H  N N 85  
CYS HB3  H  N N 86  
CYS HG   H  N N 87  
CYS HXT  H  N N 88  
GLN N    N  N N 89  
GLN CA   C  N S 90  
GLN C    C  N N 91  
GLN O    O  N N 92  
GLN CB   C  N N 93  
GLN CG   C  N N 94  
GLN CD   C  N N 95  
GLN OE1  O  N N 96  
GLN NE2  N  N N 97  
GLN OXT  O  N N 98  
GLN H    H  N N 99  
GLN H2   H  N N 100 
GLN HA   H  N N 101 
GLN HB2  H  N N 102 
GLN HB3  H  N N 103 
GLN HG2  H  N N 104 
GLN HG3  H  N N 105 
GLN HE21 H  N N 106 
GLN HE22 H  N N 107 
GLN HXT  H  N N 108 
GLU N    N  N N 109 
GLU CA   C  N S 110 
GLU C    C  N N 111 
GLU O    O  N N 112 
GLU CB   C  N N 113 
GLU CG   C  N N 114 
GLU CD   C  N N 115 
GLU OE1  O  N N 116 
GLU OE2  O  N N 117 
GLU OXT  O  N N 118 
GLU H    H  N N 119 
GLU H2   H  N N 120 
GLU HA   H  N N 121 
GLU HB2  H  N N 122 
GLU HB3  H  N N 123 
GLU HG2  H  N N 124 
GLU HG3  H  N N 125 
GLU HE2  H  N N 126 
GLU HXT  H  N N 127 
GLY N    N  N N 128 
GLY CA   C  N N 129 
GLY C    C  N N 130 
GLY O    O  N N 131 
GLY OXT  O  N N 132 
GLY H    H  N N 133 
GLY H2   H  N N 134 
GLY HA2  H  N N 135 
GLY HA3  H  N N 136 
GLY HXT  H  N N 137 
HIS N    N  N N 138 
HIS CA   C  N S 139 
HIS C    C  N N 140 
HIS O    O  N N 141 
HIS CB   C  N N 142 
HIS CG   C  Y N 143 
HIS ND1  N  Y N 144 
HIS CD2  C  Y N 145 
HIS CE1  C  Y N 146 
HIS NE2  N  Y N 147 
HIS OXT  O  N N 148 
HIS H    H  N N 149 
HIS H2   H  N N 150 
HIS HA   H  N N 151 
HIS HB2  H  N N 152 
HIS HB3  H  N N 153 
HIS HD1  H  N N 154 
HIS HD2  H  N N 155 
HIS HE1  H  N N 156 
HIS HE2  H  N N 157 
HIS HXT  H  N N 158 
HOH O    O  N N 159 
HOH H1   H  N N 160 
HOH H2   H  N N 161 
ILE N    N  N N 162 
ILE CA   C  N S 163 
ILE C    C  N N 164 
ILE O    O  N N 165 
ILE CB   C  N S 166 
ILE CG1  C  N N 167 
ILE CG2  C  N N 168 
ILE CD1  C  N N 169 
ILE OXT  O  N N 170 
ILE H    H  N N 171 
ILE H2   H  N N 172 
ILE HA   H  N N 173 
ILE HB   H  N N 174 
ILE HG12 H  N N 175 
ILE HG13 H  N N 176 
ILE HG21 H  N N 177 
ILE HG22 H  N N 178 
ILE HG23 H  N N 179 
ILE HD11 H  N N 180 
ILE HD12 H  N N 181 
ILE HD13 H  N N 182 
ILE HXT  H  N N 183 
LEU N    N  N N 184 
LEU CA   C  N S 185 
LEU C    C  N N 186 
LEU O    O  N N 187 
LEU CB   C  N N 188 
LEU CG   C  N N 189 
LEU CD1  C  N N 190 
LEU CD2  C  N N 191 
LEU OXT  O  N N 192 
LEU H    H  N N 193 
LEU H2   H  N N 194 
LEU HA   H  N N 195 
LEU HB2  H  N N 196 
LEU HB3  H  N N 197 
LEU HG   H  N N 198 
LEU HD11 H  N N 199 
LEU HD12 H  N N 200 
LEU HD13 H  N N 201 
LEU HD21 H  N N 202 
LEU HD22 H  N N 203 
LEU HD23 H  N N 204 
LEU HXT  H  N N 205 
LYS N    N  N N 206 
LYS CA   C  N S 207 
LYS C    C  N N 208 
LYS O    O  N N 209 
LYS CB   C  N N 210 
LYS CG   C  N N 211 
LYS CD   C  N N 212 
LYS CE   C  N N 213 
LYS NZ   N  N N 214 
LYS OXT  O  N N 215 
LYS H    H  N N 216 
LYS H2   H  N N 217 
LYS HA   H  N N 218 
LYS HB2  H  N N 219 
LYS HB3  H  N N 220 
LYS HG2  H  N N 221 
LYS HG3  H  N N 222 
LYS HD2  H  N N 223 
LYS HD3  H  N N 224 
LYS HE2  H  N N 225 
LYS HE3  H  N N 226 
LYS HZ1  H  N N 227 
LYS HZ2  H  N N 228 
LYS HZ3  H  N N 229 
LYS HXT  H  N N 230 
MCW C7   C  N N 231 
MCW O3   O  N N 232 
MCW C6   C  N N 233 
MCW C5   C  N N 234 
MCW C3   C  N N 235 
MCW O1   O  N N 236 
MCW C1   C  N N 237 
MCW C2   C  N N 238 
MCW C4   C  N N 239 
MCW O2   O  N N 240 
MCW H7   H  N N 241 
MCW H7A  H  N N 242 
MCW H7B  H  N N 243 
MCW H5   H  N N 244 
MCW H1   H  N N 245 
MCW H2   H  N N 246 
MET N    N  N N 247 
MET CA   C  N S 248 
MET C    C  N N 249 
MET O    O  N N 250 
MET CB   C  N N 251 
MET CG   C  N N 252 
MET SD   S  N N 253 
MET CE   C  N N 254 
MET OXT  O  N N 255 
MET H    H  N N 256 
MET H2   H  N N 257 
MET HA   H  N N 258 
MET HB2  H  N N 259 
MET HB3  H  N N 260 
MET HG2  H  N N 261 
MET HG3  H  N N 262 
MET HE1  H  N N 263 
MET HE2  H  N N 264 
MET HE3  H  N N 265 
MET HXT  H  N N 266 
PHE N    N  N N 267 
PHE CA   C  N S 268 
PHE C    C  N N 269 
PHE O    O  N N 270 
PHE CB   C  N N 271 
PHE CG   C  Y N 272 
PHE CD1  C  Y N 273 
PHE CD2  C  Y N 274 
PHE CE1  C  Y N 275 
PHE CE2  C  Y N 276 
PHE CZ   C  Y N 277 
PHE OXT  O  N N 278 
PHE H    H  N N 279 
PHE H2   H  N N 280 
PHE HA   H  N N 281 
PHE HB2  H  N N 282 
PHE HB3  H  N N 283 
PHE HD1  H  N N 284 
PHE HD2  H  N N 285 
PHE HE1  H  N N 286 
PHE HE2  H  N N 287 
PHE HZ   H  N N 288 
PHE HXT  H  N N 289 
PRO N    N  N N 290 
PRO CA   C  N S 291 
PRO C    C  N N 292 
PRO O    O  N N 293 
PRO CB   C  N N 294 
PRO CG   C  N N 295 
PRO CD   C  N N 296 
PRO OXT  O  N N 297 
PRO H    H  N N 298 
PRO HA   H  N N 299 
PRO HB2  H  N N 300 
PRO HB3  H  N N 301 
PRO HG2  H  N N 302 
PRO HG3  H  N N 303 
PRO HD2  H  N N 304 
PRO HD3  H  N N 305 
PRO HXT  H  N N 306 
SER N    N  N N 307 
SER CA   C  N S 308 
SER C    C  N N 309 
SER O    O  N N 310 
SER CB   C  N N 311 
SER OG   O  N N 312 
SER OXT  O  N N 313 
SER H    H  N N 314 
SER H2   H  N N 315 
SER HA   H  N N 316 
SER HB2  H  N N 317 
SER HB3  H  N N 318 
SER HG   H  N N 319 
SER HXT  H  N N 320 
THR N    N  N N 321 
THR CA   C  N S 322 
THR C    C  N N 323 
THR O    O  N N 324 
THR CB   C  N R 325 
THR OG1  O  N N 326 
THR CG2  C  N N 327 
THR OXT  O  N N 328 
THR H    H  N N 329 
THR H2   H  N N 330 
THR HA   H  N N 331 
THR HB   H  N N 332 
THR HG1  H  N N 333 
THR HG21 H  N N 334 
THR HG22 H  N N 335 
THR HG23 H  N N 336 
THR HXT  H  N N 337 
TRP N    N  N N 338 
TRP CA   C  N S 339 
TRP C    C  N N 340 
TRP O    O  N N 341 
TRP CB   C  N N 342 
TRP CG   C  Y N 343 
TRP CD1  C  Y N 344 
TRP CD2  C  Y N 345 
TRP NE1  N  Y N 346 
TRP CE2  C  Y N 347 
TRP CE3  C  Y N 348 
TRP CZ2  C  Y N 349 
TRP CZ3  C  Y N 350 
TRP CH2  C  Y N 351 
TRP OXT  O  N N 352 
TRP H    H  N N 353 
TRP H2   H  N N 354 
TRP HA   H  N N 355 
TRP HB2  H  N N 356 
TRP HB3  H  N N 357 
TRP HD1  H  N N 358 
TRP HE1  H  N N 359 
TRP HE3  H  N N 360 
TRP HZ2  H  N N 361 
TRP HZ3  H  N N 362 
TRP HH2  H  N N 363 
TRP HXT  H  N N 364 
TYR N    N  N N 365 
TYR CA   C  N S 366 
TYR C    C  N N 367 
TYR O    O  N N 368 
TYR CB   C  N N 369 
TYR CG   C  Y N 370 
TYR CD1  C  Y N 371 
TYR CD2  C  Y N 372 
TYR CE1  C  Y N 373 
TYR CE2  C  Y N 374 
TYR CZ   C  Y N 375 
TYR OH   O  N N 376 
TYR OXT  O  N N 377 
TYR H    H  N N 378 
TYR H2   H  N N 379 
TYR HA   H  N N 380 
TYR HB2  H  N N 381 
TYR HB3  H  N N 382 
TYR HD1  H  N N 383 
TYR HD2  H  N N 384 
TYR HE1  H  N N 385 
TYR HE2  H  N N 386 
TYR HH   H  N N 387 
TYR HXT  H  N N 388 
VAL N    N  N N 389 
VAL CA   C  N S 390 
VAL C    C  N N 391 
VAL O    O  N N 392 
VAL CB   C  N N 393 
VAL CG1  C  N N 394 
VAL CG2  C  N N 395 
VAL OXT  O  N N 396 
VAL H    H  N N 397 
VAL H2   H  N N 398 
VAL HA   H  N N 399 
VAL HB   H  N N 400 
VAL HG11 H  N N 401 
VAL HG12 H  N N 402 
VAL HG13 H  N N 403 
VAL HG21 H  N N 404 
VAL HG22 H  N N 405 
VAL HG23 H  N N 406 
VAL HXT  H  N N 407 
# 
loop_
_chem_comp_bond.comp_id 
_chem_comp_bond.atom_id_1 
_chem_comp_bond.atom_id_2 
_chem_comp_bond.value_order 
_chem_comp_bond.pdbx_aromatic_flag 
_chem_comp_bond.pdbx_stereo_config 
_chem_comp_bond.pdbx_ordinal 
ALA N   CA   sing N N 1   
ALA N   H    sing N N 2   
ALA N   H2   sing N N 3   
ALA CA  C    sing N N 4   
ALA CA  CB   sing N N 5   
ALA CA  HA   sing N N 6   
ALA C   O    doub N N 7   
ALA C   OXT  sing N N 8   
ALA CB  HB1  sing N N 9   
ALA CB  HB2  sing N N 10  
ALA CB  HB3  sing N N 11  
ALA OXT HXT  sing N N 12  
ARG N   CA   sing N N 13  
ARG N   H    sing N N 14  
ARG N   H2   sing N N 15  
ARG CA  C    sing N N 16  
ARG CA  CB   sing N N 17  
ARG CA  HA   sing N N 18  
ARG C   O    doub N N 19  
ARG C   OXT  sing N N 20  
ARG CB  CG   sing N N 21  
ARG CB  HB2  sing N N 22  
ARG CB  HB3  sing N N 23  
ARG CG  CD   sing N N 24  
ARG CG  HG2  sing N N 25  
ARG CG  HG3  sing N N 26  
ARG CD  NE   sing N N 27  
ARG CD  HD2  sing N N 28  
ARG CD  HD3  sing N N 29  
ARG NE  CZ   sing N N 30  
ARG NE  HE   sing N N 31  
ARG CZ  NH1  sing N N 32  
ARG CZ  NH2  doub N N 33  
ARG NH1 HH11 sing N N 34  
ARG NH1 HH12 sing N N 35  
ARG NH2 HH21 sing N N 36  
ARG NH2 HH22 sing N N 37  
ARG OXT HXT  sing N N 38  
ASN N   CA   sing N N 39  
ASN N   H    sing N N 40  
ASN N   H2   sing N N 41  
ASN CA  C    sing N N 42  
ASN CA  CB   sing N N 43  
ASN CA  HA   sing N N 44  
ASN C   O    doub N N 45  
ASN C   OXT  sing N N 46  
ASN CB  CG   sing N N 47  
ASN CB  HB2  sing N N 48  
ASN CB  HB3  sing N N 49  
ASN CG  OD1  doub N N 50  
ASN CG  ND2  sing N N 51  
ASN ND2 HD21 sing N N 52  
ASN ND2 HD22 sing N N 53  
ASN OXT HXT  sing N N 54  
ASP N   CA   sing N N 55  
ASP N   H    sing N N 56  
ASP N   H2   sing N N 57  
ASP CA  C    sing N N 58  
ASP CA  CB   sing N N 59  
ASP CA  HA   sing N N 60  
ASP C   O    doub N N 61  
ASP C   OXT  sing N N 62  
ASP CB  CG   sing N N 63  
ASP CB  HB2  sing N N 64  
ASP CB  HB3  sing N N 65  
ASP CG  OD1  doub N N 66  
ASP CG  OD2  sing N N 67  
ASP OD2 HD2  sing N N 68  
ASP OXT HXT  sing N N 69  
CYS N   CA   sing N N 70  
CYS N   H    sing N N 71  
CYS N   H2   sing N N 72  
CYS CA  C    sing N N 73  
CYS CA  CB   sing N N 74  
CYS CA  HA   sing N N 75  
CYS C   O    doub N N 76  
CYS C   OXT  sing N N 77  
CYS CB  SG   sing N N 78  
CYS CB  HB2  sing N N 79  
CYS CB  HB3  sing N N 80  
CYS SG  HG   sing N N 81  
CYS OXT HXT  sing N N 82  
GLN N   CA   sing N N 83  
GLN N   H    sing N N 84  
GLN N   H2   sing N N 85  
GLN CA  C    sing N N 86  
GLN CA  CB   sing N N 87  
GLN CA  HA   sing N N 88  
GLN C   O    doub N N 89  
GLN C   OXT  sing N N 90  
GLN CB  CG   sing N N 91  
GLN CB  HB2  sing N N 92  
GLN CB  HB3  sing N N 93  
GLN CG  CD   sing N N 94  
GLN CG  HG2  sing N N 95  
GLN CG  HG3  sing N N 96  
GLN CD  OE1  doub N N 97  
GLN CD  NE2  sing N N 98  
GLN NE2 HE21 sing N N 99  
GLN NE2 HE22 sing N N 100 
GLN OXT HXT  sing N N 101 
GLU N   CA   sing N N 102 
GLU N   H    sing N N 103 
GLU N   H2   sing N N 104 
GLU CA  C    sing N N 105 
GLU CA  CB   sing N N 106 
GLU CA  HA   sing N N 107 
GLU C   O    doub N N 108 
GLU C   OXT  sing N N 109 
GLU CB  CG   sing N N 110 
GLU CB  HB2  sing N N 111 
GLU CB  HB3  sing N N 112 
GLU CG  CD   sing N N 113 
GLU CG  HG2  sing N N 114 
GLU CG  HG3  sing N N 115 
GLU CD  OE1  doub N N 116 
GLU CD  OE2  sing N N 117 
GLU OE2 HE2  sing N N 118 
GLU OXT HXT  sing N N 119 
GLY N   CA   sing N N 120 
GLY N   H    sing N N 121 
GLY N   H2   sing N N 122 
GLY CA  C    sing N N 123 
GLY CA  HA2  sing N N 124 
GLY CA  HA3  sing N N 125 
GLY C   O    doub N N 126 
GLY C   OXT  sing N N 127 
GLY OXT HXT  sing N N 128 
HIS N   CA   sing N N 129 
HIS N   H    sing N N 130 
HIS N   H2   sing N N 131 
HIS CA  C    sing N N 132 
HIS CA  CB   sing N N 133 
HIS CA  HA   sing N N 134 
HIS C   O    doub N N 135 
HIS C   OXT  sing N N 136 
HIS CB  CG   sing N N 137 
HIS CB  HB2  sing N N 138 
HIS CB  HB3  sing N N 139 
HIS CG  ND1  sing Y N 140 
HIS CG  CD2  doub Y N 141 
HIS ND1 CE1  doub Y N 142 
HIS ND1 HD1  sing N N 143 
HIS CD2 NE2  sing Y N 144 
HIS CD2 HD2  sing N N 145 
HIS CE1 NE2  sing Y N 146 
HIS CE1 HE1  sing N N 147 
HIS NE2 HE2  sing N N 148 
HIS OXT HXT  sing N N 149 
HOH O   H1   sing N N 150 
HOH O   H2   sing N N 151 
ILE N   CA   sing N N 152 
ILE N   H    sing N N 153 
ILE N   H2   sing N N 154 
ILE CA  C    sing N N 155 
ILE CA  CB   sing N N 156 
ILE CA  HA   sing N N 157 
ILE C   O    doub N N 158 
ILE C   OXT  sing N N 159 
ILE CB  CG1  sing N N 160 
ILE CB  CG2  sing N N 161 
ILE CB  HB   sing N N 162 
ILE CG1 CD1  sing N N 163 
ILE CG1 HG12 sing N N 164 
ILE CG1 HG13 sing N N 165 
ILE CG2 HG21 sing N N 166 
ILE CG2 HG22 sing N N 167 
ILE CG2 HG23 sing N N 168 
ILE CD1 HD11 sing N N 169 
ILE CD1 HD12 sing N N 170 
ILE CD1 HD13 sing N N 171 
ILE OXT HXT  sing N N 172 
LEU N   CA   sing N N 173 
LEU N   H    sing N N 174 
LEU N   H2   sing N N 175 
LEU CA  C    sing N N 176 
LEU CA  CB   sing N N 177 
LEU CA  HA   sing N N 178 
LEU C   O    doub N N 179 
LEU C   OXT  sing N N 180 
LEU CB  CG   sing N N 181 
LEU CB  HB2  sing N N 182 
LEU CB  HB3  sing N N 183 
LEU CG  CD1  sing N N 184 
LEU CG  CD2  sing N N 185 
LEU CG  HG   sing N N 186 
LEU CD1 HD11 sing N N 187 
LEU CD1 HD12 sing N N 188 
LEU CD1 HD13 sing N N 189 
LEU CD2 HD21 sing N N 190 
LEU CD2 HD22 sing N N 191 
LEU CD2 HD23 sing N N 192 
LEU OXT HXT  sing N N 193 
LYS N   CA   sing N N 194 
LYS N   H    sing N N 195 
LYS N   H2   sing N N 196 
LYS CA  C    sing N N 197 
LYS CA  CB   sing N N 198 
LYS CA  HA   sing N N 199 
LYS C   O    doub N N 200 
LYS C   OXT  sing N N 201 
LYS CB  CG   sing N N 202 
LYS CB  HB2  sing N N 203 
LYS CB  HB3  sing N N 204 
LYS CG  CD   sing N N 205 
LYS CG  HG2  sing N N 206 
LYS CG  HG3  sing N N 207 
LYS CD  CE   sing N N 208 
LYS CD  HD2  sing N N 209 
LYS CD  HD3  sing N N 210 
LYS CE  NZ   sing N N 211 
LYS CE  HE2  sing N N 212 
LYS CE  HE3  sing N N 213 
LYS NZ  HZ1  sing N N 214 
LYS NZ  HZ2  sing N N 215 
LYS NZ  HZ3  sing N N 216 
LYS OXT HXT  sing N N 217 
MCW C7  O3   sing N N 218 
MCW O3  C6   sing N N 219 
MCW C6  C5   doub N N 220 
MCW C6  C4   sing N N 221 
MCW C5  C3   sing N N 222 
MCW C3  O1   doub N N 223 
MCW C3  C1   sing N N 224 
MCW C1  C2   doub N N 225 
MCW C2  C4   sing N N 226 
MCW C4  O2   doub N N 227 
MCW C7  H7   sing N N 228 
MCW C7  H7A  sing N N 229 
MCW C7  H7B  sing N N 230 
MCW C5  H5   sing N N 231 
MCW C1  H1   sing N N 232 
MCW C2  H2   sing N N 233 
MET N   CA   sing N N 234 
MET N   H    sing N N 235 
MET N   H2   sing N N 236 
MET CA  C    sing N N 237 
MET CA  CB   sing N N 238 
MET CA  HA   sing N N 239 
MET C   O    doub N N 240 
MET C   OXT  sing N N 241 
MET CB  CG   sing N N 242 
MET CB  HB2  sing N N 243 
MET CB  HB3  sing N N 244 
MET CG  SD   sing N N 245 
MET CG  HG2  sing N N 246 
MET CG  HG3  sing N N 247 
MET SD  CE   sing N N 248 
MET CE  HE1  sing N N 249 
MET CE  HE2  sing N N 250 
MET CE  HE3  sing N N 251 
MET OXT HXT  sing N N 252 
PHE N   CA   sing N N 253 
PHE N   H    sing N N 254 
PHE N   H2   sing N N 255 
PHE CA  C    sing N N 256 
PHE CA  CB   sing N N 257 
PHE CA  HA   sing N N 258 
PHE C   O    doub N N 259 
PHE C   OXT  sing N N 260 
PHE CB  CG   sing N N 261 
PHE CB  HB2  sing N N 262 
PHE CB  HB3  sing N N 263 
PHE CG  CD1  doub Y N 264 
PHE CG  CD2  sing Y N 265 
PHE CD1 CE1  sing Y N 266 
PHE CD1 HD1  sing N N 267 
PHE CD2 CE2  doub Y N 268 
PHE CD2 HD2  sing N N 269 
PHE CE1 CZ   doub Y N 270 
PHE CE1 HE1  sing N N 271 
PHE CE2 CZ   sing Y N 272 
PHE CE2 HE2  sing N N 273 
PHE CZ  HZ   sing N N 274 
PHE OXT HXT  sing N N 275 
PRO N   CA   sing N N 276 
PRO N   CD   sing N N 277 
PRO N   H    sing N N 278 
PRO CA  C    sing N N 279 
PRO CA  CB   sing N N 280 
PRO CA  HA   sing N N 281 
PRO C   O    doub N N 282 
PRO C   OXT  sing N N 283 
PRO CB  CG   sing N N 284 
PRO CB  HB2  sing N N 285 
PRO CB  HB3  sing N N 286 
PRO CG  CD   sing N N 287 
PRO CG  HG2  sing N N 288 
PRO CG  HG3  sing N N 289 
PRO CD  HD2  sing N N 290 
PRO CD  HD3  sing N N 291 
PRO OXT HXT  sing N N 292 
SER N   CA   sing N N 293 
SER N   H    sing N N 294 
SER N   H2   sing N N 295 
SER CA  C    sing N N 296 
SER CA  CB   sing N N 297 
SER CA  HA   sing N N 298 
SER C   O    doub N N 299 
SER C   OXT  sing N N 300 
SER CB  OG   sing N N 301 
SER CB  HB2  sing N N 302 
SER CB  HB3  sing N N 303 
SER OG  HG   sing N N 304 
SER OXT HXT  sing N N 305 
THR N   CA   sing N N 306 
THR N   H    sing N N 307 
THR N   H2   sing N N 308 
THR CA  C    sing N N 309 
THR CA  CB   sing N N 310 
THR CA  HA   sing N N 311 
THR C   O    doub N N 312 
THR C   OXT  sing N N 313 
THR CB  OG1  sing N N 314 
THR CB  CG2  sing N N 315 
THR CB  HB   sing N N 316 
THR OG1 HG1  sing N N 317 
THR CG2 HG21 sing N N 318 
THR CG2 HG22 sing N N 319 
THR CG2 HG23 sing N N 320 
THR OXT HXT  sing N N 321 
TRP N   CA   sing N N 322 
TRP N   H    sing N N 323 
TRP N   H2   sing N N 324 
TRP CA  C    sing N N 325 
TRP CA  CB   sing N N 326 
TRP CA  HA   sing N N 327 
TRP C   O    doub N N 328 
TRP C   OXT  sing N N 329 
TRP CB  CG   sing N N 330 
TRP CB  HB2  sing N N 331 
TRP CB  HB3  sing N N 332 
TRP CG  CD1  doub Y N 333 
TRP CG  CD2  sing Y N 334 
TRP CD1 NE1  sing Y N 335 
TRP CD1 HD1  sing N N 336 
TRP CD2 CE2  doub Y N 337 
TRP CD2 CE3  sing Y N 338 
TRP NE1 CE2  sing Y N 339 
TRP NE1 HE1  sing N N 340 
TRP CE2 CZ2  sing Y N 341 
TRP CE3 CZ3  doub Y N 342 
TRP CE3 HE3  sing N N 343 
TRP CZ2 CH2  doub Y N 344 
TRP CZ2 HZ2  sing N N 345 
TRP CZ3 CH2  sing Y N 346 
TRP CZ3 HZ3  sing N N 347 
TRP CH2 HH2  sing N N 348 
TRP OXT HXT  sing N N 349 
TYR N   CA   sing N N 350 
TYR N   H    sing N N 351 
TYR N   H2   sing N N 352 
TYR CA  C    sing N N 353 
TYR CA  CB   sing N N 354 
TYR CA  HA   sing N N 355 
TYR C   O    doub N N 356 
TYR C   OXT  sing N N 357 
TYR CB  CG   sing N N 358 
TYR CB  HB2  sing N N 359 
TYR CB  HB3  sing N N 360 
TYR CG  CD1  doub Y N 361 
TYR CG  CD2  sing Y N 362 
TYR CD1 CE1  sing Y N 363 
TYR CD1 HD1  sing N N 364 
TYR CD2 CE2  doub Y N 365 
TYR CD2 HD2  sing N N 366 
TYR CE1 CZ   doub Y N 367 
TYR CE1 HE1  sing N N 368 
TYR CE2 CZ   sing Y N 369 
TYR CE2 HE2  sing N N 370 
TYR CZ  OH   sing N N 371 
TYR OH  HH   sing N N 372 
TYR OXT HXT  sing N N 373 
VAL N   CA   sing N N 374 
VAL N   H    sing N N 375 
VAL N   H2   sing N N 376 
VAL CA  C    sing N N 377 
VAL CA  CB   sing N N 378 
VAL CA  HA   sing N N 379 
VAL C   O    doub N N 380 
VAL C   OXT  sing N N 381 
VAL CB  CG1  sing N N 382 
VAL CB  CG2  sing N N 383 
VAL CB  HB   sing N N 384 
VAL CG1 HG11 sing N N 385 
VAL CG1 HG12 sing N N 386 
VAL CG1 HG13 sing N N 387 
VAL CG2 HG21 sing N N 388 
VAL CG2 HG22 sing N N 389 
VAL CG2 HG23 sing N N 390 
VAL OXT HXT  sing N N 391 
# 
_pdbx_initial_refinement_model.id               1 
_pdbx_initial_refinement_model.entity_id_list   ? 
_pdbx_initial_refinement_model.type             'experimental model' 
_pdbx_initial_refinement_model.source_name      PDB 
_pdbx_initial_refinement_model.accession_code   1P2P 
_pdbx_initial_refinement_model.details          'PDB ENTRY 1P2P' 
# 
_atom_sites.entry_id                    3HSW 
_atom_sites.fract_transf_matrix[1][1]   0.01437803 
_atom_sites.fract_transf_matrix[1][2]   -0.00803317 
_atom_sites.fract_transf_matrix[1][3]   -0.00374884 
_atom_sites.fract_transf_matrix[2][1]   0.01120667 
_atom_sites.fract_transf_matrix[2][2]   -0.00338342 
_atom_sites.fract_transf_matrix[2][3]   0.01217657 
_atom_sites.fract_transf_matrix[3][1]   -0.00637783 
_atom_sites.fract_transf_matrix[3][2]   -0.01252979 
_atom_sites.fract_transf_matrix[3][3]   0.00238826 
_atom_sites.fract_transf_vector[1]      -0.399472 
_atom_sites.fract_transf_vector[2]      0.235302 
_atom_sites.fract_transf_vector[3]      -0.035825 
# 
loop_
_atom_type.symbol 
C  
CA 
N  
O  
S  
# 
loop_
_atom_site.group_PDB 
_atom_site.id 
_atom_site.type_symbol 
_atom_site.label_atom_id 
_atom_site.label_alt_id 
_atom_site.label_comp_id 
_atom_site.label_asym_id 
_atom_site.label_entity_id 
_atom_site.label_seq_id 
_atom_site.pdbx_PDB_ins_code 
_atom_site.Cartn_x 
_atom_site.Cartn_y 
_atom_site.Cartn_z 
_atom_site.occupancy 
_atom_site.B_iso_or_equiv 
_atom_site.pdbx_formal_charge 
_atom_site.auth_seq_id 
_atom_site.auth_comp_id 
_atom_site.auth_asym_id 
_atom_site.auth_atom_id 
_atom_site.pdbx_PDB_model_num 
ATOM   1    N  N   . ALA A 1 1   ? -1.300  7.281   -6.735  1.00 16.23 ? 1   ALA A N   1 
ATOM   2    C  CA  . ALA A 1 1   ? 0.052   7.881   -6.473  1.00 16.62 ? 1   ALA A CA  1 
ATOM   3    C  C   . ALA A 1 1   ? 0.312   7.867   -4.976  1.00 17.33 ? 1   ALA A C   1 
ATOM   4    O  O   . ALA A 1 1   ? -0.640  7.940   -4.169  1.00 16.83 ? 1   ALA A O   1 
ATOM   5    C  CB  . ALA A 1 1   ? 0.153   9.287   -7.020  1.00 14.54 ? 1   ALA A CB  1 
ATOM   6    N  N   . LEU A 1 2   ? 1.593   7.768   -4.622  1.00 17.80 ? 2   LEU A N   1 
ATOM   7    C  CA  . LEU A 1 2   ? 2.031   7.728   -3.235  1.00 19.05 ? 2   LEU A CA  1 
ATOM   8    C  C   . LEU A 1 2   ? 1.144   8.552   -2.286  1.00 18.78 ? 2   LEU A C   1 
ATOM   9    O  O   . LEU A 1 2   ? 0.503   7.994   -1.380  1.00 18.93 ? 2   LEU A O   1 
ATOM   10   C  CB  . LEU A 1 2   ? 3.478   8.165   -3.157  1.00 19.55 ? 2   LEU A CB  1 
ATOM   11   C  CG  . LEU A 1 2   ? 4.273   7.825   -1.892  1.00 21.97 ? 2   LEU A CG  1 
ATOM   12   C  CD1 . LEU A 1 2   ? 4.375   6.313   -1.653  1.00 22.13 ? 2   LEU A CD1 1 
ATOM   13   C  CD2 . LEU A 1 2   ? 5.662   8.523   -1.894  1.00 21.20 ? 2   LEU A CD2 1 
ATOM   14   N  N   . TRP A 1 3   ? 1.033   9.851   -2.514  1.00 18.18 ? 3   TRP A N   1 
ATOM   15   C  CA  . TRP A 1 3   ? 0.289   10.650  -1.565  1.00 18.71 ? 3   TRP A CA  1 
ATOM   16   C  C   . TRP A 1 3   ? -1.155  10.188  -1.457  1.00 19.46 ? 3   TRP A C   1 
ATOM   17   O  O   . TRP A 1 3   ? -1.740  10.270  -0.375  1.00 21.53 ? 3   TRP A O   1 
ATOM   18   C  CB  . TRP A 1 3   ? 0.331   12.123  -1.907  1.00 19.05 ? 3   TRP A CB  1 
ATOM   19   C  CG  . TRP A 1 3   ? -0.476  12.543  -3.173  1.00 19.25 ? 3   TRP A CG  1 
ATOM   20   C  CD1 . TRP A 1 3   ? -0.053  12.501  -4.481  1.00 16.19 ? 3   TRP A CD1 1 
ATOM   21   C  CD2 . TRP A 1 3   ? -1.805  13.095  -3.204  1.00 19.49 ? 3   TRP A CD2 1 
ATOM   22   N  NE1 . TRP A 1 3   ? -1.042  12.985  -5.305  1.00 15.25 ? 3   TRP A NE1 1 
ATOM   23   C  CE2 . TRP A 1 3   ? -2.122  13.352  -4.560  1.00 16.48 ? 3   TRP A CE2 1 
ATOM   24   C  CE3 . TRP A 1 3   ? -2.772  13.363  -2.219  1.00 21.08 ? 3   TRP A CE3 1 
ATOM   25   C  CZ2 . TRP A 1 3   ? -3.353  13.881  -4.964  1.00 20.29 ? 3   TRP A CZ2 1 
ATOM   26   C  CZ3 . TRP A 1 3   ? -4.023  13.902  -2.623  1.00 22.48 ? 3   TRP A CZ3 1 
ATOM   27   C  CH2 . TRP A 1 3   ? -4.292  14.162  -3.990  1.00 21.92 ? 3   TRP A CH2 1 
ATOM   28   N  N   . GLN A 1 4   ? -1.759  9.701   -2.530  1.00 18.56 ? 4   GLN A N   1 
ATOM   29   C  CA  . GLN A 1 4   ? -3.154  9.334   -2.411  1.00 18.14 ? 4   GLN A CA  1 
ATOM   30   C  C   . GLN A 1 4   ? -3.319  8.120   -1.498  1.00 19.39 ? 4   GLN A C   1 
ATOM   31   O  O   . GLN A 1 4   ? -4.288  8.048   -0.737  1.00 21.02 ? 4   GLN A O   1 
ATOM   32   C  CB  . GLN A 1 4   ? -3.771  9.121   -3.773  1.00 18.05 ? 4   GLN A CB  1 
ATOM   33   C  CG  . GLN A 1 4   ? -3.638  10.333  -4.698  1.00 13.45 ? 4   GLN A CG  1 
ATOM   34   C  CD  . GLN A 1 4   ? -4.089  9.999   -6.095  1.00 12.67 ? 4   GLN A CD  1 
ATOM   35   O  OE1 . GLN A 1 4   ? -3.534  9.108   -6.754  1.00 13.52 ? 4   GLN A OE1 1 
ATOM   36   N  NE2 . GLN A 1 4   ? -5.132  10.660  -6.548  1.00 12.45 ? 4   GLN A NE2 1 
ATOM   37   N  N   . PHE A 1 5   ? -2.331  7.225   -1.500  1.00 19.55 ? 5   PHE A N   1 
ATOM   38   C  CA  . PHE A 1 5   ? -2.297  6.016   -0.664  1.00 19.05 ? 5   PHE A CA  1 
ATOM   39   C  C   . PHE A 1 5   ? -2.171  6.422   0.798   1.00 18.76 ? 5   PHE A C   1 
ATOM   40   O  O   . PHE A 1 5   ? -2.898  5.929   1.663   1.00 16.86 ? 5   PHE A O   1 
ATOM   41   C  CB  . PHE A 1 5   ? -1.070  5.178   -1.073  1.00 19.66 ? 5   PHE A CB  1 
ATOM   42   C  CG  . PHE A 1 5   ? -0.949  3.832   -0.359  1.00 21.15 ? 5   PHE A CG  1 
ATOM   43   C  CD1 . PHE A 1 5   ? -2.082  3.080   -0.009  1.00 17.88 ? 5   PHE A CD1 1 
ATOM   44   C  CD2 . PHE A 1 5   ? 0.317   3.285   -0.104  1.00 21.64 ? 5   PHE A CD2 1 
ATOM   45   C  CE1 . PHE A 1 5   ? -1.946  1.860   0.610   1.00 16.64 ? 5   PHE A CE1 1 
ATOM   46   C  CE2 . PHE A 1 5   ? 0.457   2.043   0.533   1.00 19.16 ? 5   PHE A CE2 1 
ATOM   47   C  CZ  . PHE A 1 5   ? -0.657  1.342   0.887   1.00 18.26 ? 5   PHE A CZ  1 
ATOM   48   N  N   . ARG A 1 6   ? -1.246  7.342   1.069   1.00 18.91 ? 6   ARG A N   1 
ATOM   49   C  CA  . ARG A 1 6   ? -1.128  7.900   2.423   1.00 19.27 ? 6   ARG A CA  1 
ATOM   50   C  C   . ARG A 1 6   ? -2.479  8.373   2.839   1.00 19.14 ? 6   ARG A C   1 
ATOM   51   O  O   . ARG A 1 6   ? -2.915  8.049   3.914   1.00 19.76 ? 6   ARG A O   1 
ATOM   52   C  CB  . ARG A 1 6   ? -0.179  9.071   2.519   1.00 18.98 ? 6   ARG A CB  1 
ATOM   53   C  CG  . ARG A 1 6   ? 1.253   8.721   2.824   1.00 23.82 ? 6   ARG A CG  1 
ATOM   54   C  CD  . ARG A 1 6   ? 2.112   10.014  2.891   1.00 30.16 ? 6   ARG A CD  1 
ATOM   55   N  NE  . ARG A 1 6   ? 2.884   10.246  1.655   1.00 34.53 ? 6   ARG A NE  1 
ATOM   56   C  CZ  . ARG A 1 6   ? 2.833   11.365  0.923   1.00 37.50 ? 6   ARG A CZ  1 
ATOM   57   N  NH1 . ARG A 1 6   ? 2.053   12.376  1.325   1.00 40.60 ? 6   ARG A NH1 1 
ATOM   58   N  NH2 . ARG A 1 6   ? 3.563   11.485  -0.205  1.00 37.69 ? 6   ARG A NH2 1 
ATOM   59   N  N   . SER A 1 7   ? -3.196  9.118   2.005   1.00 19.56 ? 7   SER A N   1 
ATOM   60   C  CA  . SER A 1 7   ? -4.489  9.541   2.523   1.00 20.01 ? 7   SER A CA  1 
ATOM   61   C  C   . SER A 1 7   ? -5.616  8.478   2.434   1.00 20.30 ? 7   SER A C   1 
ATOM   62   O  O   . SER A 1 7   ? -6.594  8.590   3.194   1.00 20.28 ? 7   SER A O   1 
ATOM   63   C  CB  . SER A 1 7   ? -4.895  10.966  2.102   1.00 20.39 ? 7   SER A CB  1 
ATOM   64   O  OG  . SER A 1 7   ? -5.162  11.030  0.743   1.00 20.08 ? 7   SER A OG  1 
ATOM   65   N  N   . MET A 1 8   ? -5.461  7.424   1.607   1.00 19.54 ? 8   MET A N   1 
ATOM   66   C  CA  . MET A 1 8   ? -6.362  6.264   1.746   1.00 19.35 ? 8   MET A CA  1 
ATOM   67   C  C   . MET A 1 8   ? -6.279  5.627   3.144   1.00 20.19 ? 8   MET A C   1 
ATOM   68   O  O   . MET A 1 8   ? -7.308  5.270   3.714   1.00 21.11 ? 8   MET A O   1 
ATOM   69   C  CB  . MET A 1 8   ? -6.087  5.179   0.725   1.00 19.25 ? 8   MET A CB  1 
ATOM   70   C  CG  . MET A 1 8   ? -6.690  5.415   -0.615  1.00 17.78 ? 8   MET A CG  1 
ATOM   71   S  SD  . MET A 1 8   ? -6.683  3.880   -1.528  1.00 17.29 ? 8   MET A SD  1 
ATOM   72   C  CE  . MET A 1 8   ? -7.266  4.431   -3.170  1.00 11.87 ? 8   MET A CE  1 
ATOM   73   N  N   . ILE A 1 9   ? -5.061  5.469   3.666   1.00 19.81 ? 9   ILE A N   1 
ATOM   74   C  CA  . ILE A 1 9   ? -4.814  4.918   4.976   1.00 19.40 ? 9   ILE A CA  1 
ATOM   75   C  C   . ILE A 1 9   ? -5.467  5.782   6.046   1.00 20.84 ? 9   ILE A C   1 
ATOM   76   O  O   . ILE A 1 9   ? -6.160  5.248   6.909   1.00 21.19 ? 9   ILE A O   1 
ATOM   77   C  CB  . ILE A 1 9   ? -3.302  4.743   5.245   1.00 19.05 ? 9   ILE A CB  1 
ATOM   78   C  CG1 . ILE A 1 9   ? -2.675  3.821   4.189   1.00 17.97 ? 9   ILE A CG1 1 
ATOM   79   C  CG2 . ILE A 1 9   ? -3.088  4.106   6.593   1.00 17.99 ? 9   ILE A CG2 1 
ATOM   80   C  CD1 . ILE A 1 9   ? -1.202  4.016   3.998   1.00 19.91 ? 9   ILE A CD1 1 
ATOM   81   N  N   . LYS A 1 10  ? -5.281  7.105   5.994   1.00 21.96 ? 10  LYS A N   1 
ATOM   82   C  CA  . LYS A 1 10  ? -5.947  8.010   6.959   1.00 23.08 ? 10  LYS A CA  1 
ATOM   83   C  C   . LYS A 1 10  ? -7.470  7.886   6.887   1.00 22.88 ? 10  LYS A C   1 
ATOM   84   O  O   . LYS A 1 10  ? -8.169  8.133   7.875   1.00 24.03 ? 10  LYS A O   1 
ATOM   85   C  CB  . LYS A 1 10  ? -5.567  9.515   6.787   1.00 23.72 ? 10  LYS A CB  1 
ATOM   86   C  CG  . LYS A 1 10  ? -4.053  9.892   6.759   1.00 28.45 ? 10  LYS A CG  1 
ATOM   87   C  CD  . LYS A 1 10  ? -3.759  11.389  7.201   1.00 34.88 ? 10  LYS A CD  1 
ATOM   88   C  CE  . LYS A 1 10  ? -2.580  12.129  6.386   1.00 39.26 ? 10  LYS A CE  1 
ATOM   89   N  NZ  . LYS A 1 10  ? -1.097  11.786  6.655   1.00 40.47 ? 10  LYS A NZ  1 
ATOM   90   N  N   . CYS A 1 11  ? -7.986  7.563   5.705   1.00 22.78 ? 11  CYS A N   1 
ATOM   91   C  CA  . CYS A 1 11  ? -9.420  7.406   5.491   1.00 22.16 ? 11  CYS A CA  1 
ATOM   92   C  C   . CYS A 1 11  ? -9.946  6.166   6.242   1.00 22.87 ? 11  CYS A C   1 
ATOM   93   O  O   . CYS A 1 11  ? -10.975 6.241   6.952   1.00 22.67 ? 11  CYS A O   1 
ATOM   94   C  CB  . CYS A 1 11  ? -9.716  7.324   3.992   1.00 21.69 ? 11  CYS A CB  1 
ATOM   95   S  SG  . CYS A 1 11  ? -11.401 6.832   3.566   1.00 20.52 ? 11  CYS A SG  1 
ATOM   96   N  N   . ALA A 1 12  ? -9.226  5.045   6.093   1.00 22.94 ? 12  ALA A N   1 
ATOM   97   C  CA  . ALA A 1 12  ? -9.657  3.763   6.621   1.00 23.66 ? 12  ALA A CA  1 
ATOM   98   C  C   . ALA A 1 12  ? -9.333  3.669   8.094   1.00 24.24 ? 12  ALA A C   1 
ATOM   99   O  O   . ALA A 1 12  ? -10.097 3.083   8.840   1.00 24.66 ? 12  ALA A O   1 
ATOM   100  C  CB  . ALA A 1 12  ? -9.015  2.611   5.859   1.00 23.34 ? 12  ALA A CB  1 
ATOM   101  N  N   . ILE A 1 13  ? -8.180  4.214   8.492   1.00 25.05 ? 13  ILE A N   1 
ATOM   102  C  CA  . ILE A 1 13  ? -7.781  4.330   9.903   1.00 24.95 ? 13  ILE A CA  1 
ATOM   103  C  C   . ILE A 1 13  ? -7.644  5.819   10.298  1.00 26.27 ? 13  ILE A C   1 
ATOM   104  O  O   . ILE A 1 13  ? -6.541  6.365   10.287  1.00 26.62 ? 13  ILE A O   1 
ATOM   105  C  CB  . ILE A 1 13  ? -6.470  3.560   10.194  1.00 24.13 ? 13  ILE A CB  1 
ATOM   106  C  CG1 . ILE A 1 13  ? -6.434  2.260   9.391   1.00 23.39 ? 13  ILE A CG1 1 
ATOM   107  C  CG2 . ILE A 1 13  ? -6.316  3.263   11.696  1.00 22.91 ? 13  ILE A CG2 1 
ATOM   108  C  CD1 . ILE A 1 13  ? -5.047  1.594   9.293   1.00 19.59 ? 13  ILE A CD1 1 
ATOM   109  N  N   . PRO A 1 14  ? -8.767  6.485   10.651  1.00 27.22 ? 14  PRO A N   1 
ATOM   110  C  CA  . PRO A 1 14  ? -8.737  7.901   10.985  1.00 27.57 ? 14  PRO A CA  1 
ATOM   111  C  C   . PRO A 1 14  ? -7.705  8.336   12.033  1.00 28.09 ? 14  PRO A C   1 
ATOM   112  O  O   . PRO A 1 14  ? -7.049  9.350   11.833  1.00 27.77 ? 14  PRO A O   1 
ATOM   113  C  CB  . PRO A 1 14  ? -10.169 8.152   11.456  1.00 28.10 ? 14  PRO A CB  1 
ATOM   114  C  CG  . PRO A 1 14  ? -10.978 7.200   10.601  1.00 27.37 ? 14  PRO A CG  1 
ATOM   115  C  CD  . PRO A 1 14  ? -10.153 5.968   10.702  1.00 27.60 ? 14  PRO A CD  1 
ATOM   116  N  N   . GLY A 1 15  ? -7.536  7.589   13.121  1.00 28.98 ? 15  GLY A N   1 
ATOM   117  C  CA  . GLY A 1 15  ? -6.583  8.004   14.165  1.00 30.61 ? 15  GLY A CA  1 
ATOM   118  C  C   . GLY A 1 15  ? -5.115  7.710   13.855  1.00 31.87 ? 15  GLY A C   1 
ATOM   119  O  O   . GLY A 1 15  ? -4.367  7.262   14.748  1.00 32.44 ? 15  GLY A O   1 
ATOM   120  N  N   . SER A 1 16  ? -4.690  7.951   12.608  1.00 32.42 ? 16  SER A N   1 
ATOM   121  C  CA  . SER A 1 16  ? -3.390  7.423   12.130  1.00 33.19 ? 16  SER A CA  1 
ATOM   122  C  C   . SER A 1 16  ? -2.459  8.349   11.328  1.00 33.76 ? 16  SER A C   1 
ATOM   123  O  O   . SER A 1 16  ? -2.891  9.273   10.631  1.00 34.07 ? 16  SER A O   1 
ATOM   124  C  CB  . SER A 1 16  ? -3.566  6.073   11.400  1.00 32.97 ? 16  SER A CB  1 
ATOM   125  O  OG  . SER A 1 16  ? -3.558  6.211   9.989   1.00 32.05 ? 16  SER A OG  1 
ATOM   126  N  N   . HIS A 1 17  ? -1.170  8.074   11.451  1.00 34.44 ? 17  HIS A N   1 
ATOM   127  C  CA  . HIS A 1 17  ? -0.158  8.812   10.754  1.00 35.92 ? 17  HIS A CA  1 
ATOM   128  C  C   . HIS A 1 17  ? 0.635   7.820   9.907   1.00 35.82 ? 17  HIS A C   1 
ATOM   129  O  O   . HIS A 1 17  ? 1.597   7.237   10.414  1.00 35.50 ? 17  HIS A O   1 
ATOM   130  C  CB  . HIS A 1 17  ? 0.785   9.476   11.756  1.00 36.88 ? 17  HIS A CB  1 
ATOM   131  C  CG  . HIS A 1 17  ? 1.846   10.323  11.114  1.00 41.21 ? 17  HIS A CG  1 
ATOM   132  N  ND1 . HIS A 1 17  ? 2.129   10.274  9.758   1.00 43.16 ? 17  HIS A ND1 1 
ATOM   133  C  CD2 . HIS A 1 17  ? 2.702   11.232  11.646  1.00 44.73 ? 17  HIS A CD2 1 
ATOM   134  C  CE1 . HIS A 1 17  ? 3.102   11.125  9.485   1.00 45.49 ? 17  HIS A CE1 1 
ATOM   135  N  NE2 . HIS A 1 17  ? 3.469   11.719  10.611  1.00 47.31 ? 17  HIS A NE2 1 
ATOM   136  N  N   . PRO A 1 18  ? 0.252   7.647   8.616   1.00 35.64 ? 18  PRO A N   1 
ATOM   137  C  CA  . PRO A 1 18  ? 0.780   6.595   7.751   1.00 35.90 ? 18  PRO A CA  1 
ATOM   138  C  C   . PRO A 1 18  ? 2.323   6.553   7.621   1.00 36.49 ? 18  PRO A C   1 
ATOM   139  O  O   . PRO A 1 18  ? 2.925   5.491   7.854   1.00 36.11 ? 18  PRO A O   1 
ATOM   140  C  CB  . PRO A 1 18  ? 0.114   6.899   6.395   1.00 35.67 ? 18  PRO A CB  1 
ATOM   141  C  CG  . PRO A 1 18  ? -1.116  7.599   6.746   1.00 35.27 ? 18  PRO A CG  1 
ATOM   142  C  CD  . PRO A 1 18  ? -0.704  8.493   7.877   1.00 35.59 ? 18  PRO A CD  1 
ATOM   143  N  N   . LEU A 1 19  ? 2.939   7.593   7.176   1.00 37.17 ? 19  LEU A N   1 
ATOM   144  C  CA  . LEU A 1 19  ? 4.385   7.730   6.944   1.00 37.80 ? 19  LEU A CA  1 
ATOM   145  C  C   . LEU A 1 19  ? 5.133   7.133   8.156   1.00 37.86 ? 19  LEU A C   1 
ATOM   146  O  O   . LEU A 1 19  ? 6.082   6.342   7.991   1.00 37.96 ? 19  LEU A O   1 
ATOM   147  C  CB  . LEU A 1 19  ? 4.778   9.211   6.715   1.00 38.43 ? 19  LEU A CB  1 
ATOM   148  C  CG  . LEU A 1 19  ? 3.934   10.378  6.038   1.00 41.93 ? 19  LEU A CG  1 
ATOM   149  C  CD1 . LEU A 1 19  ? 2.354   10.304  6.106   1.00 42.17 ? 19  LEU A CD1 1 
ATOM   150  C  CD2 . LEU A 1 19  ? 4.404   11.834  6.467   1.00 41.40 ? 19  LEU A CD2 1 
ATOM   151  N  N   . MET A 1 20  ? 4.650   7.594   9.441   1.00 37.72 ? 20  MET A N   1 
ATOM   152  C  CA  . MET A 1 20  ? 5.196   7.192   10.772  1.00 36.95 ? 20  MET A CA  1 
ATOM   153  C  C   . MET A 1 20  ? 4.800   5.767   11.226  1.00 36.00 ? 20  MET A C   1 
ATOM   154  O  O   . MET A 1 20  ? 5.591   5.067   11.866  1.00 36.36 ? 20  MET A O   1 
ATOM   155  C  CB  . MET A 1 20  ? 4.780   8.236   11.851  1.00 37.43 ? 20  MET A CB  1 
ATOM   156  C  CG  . MET A 1 20  ? 5.367   8.039   13.281  1.00 38.76 ? 20  MET A CG  1 
ATOM   157  S  SD  . MET A 1 20  ? 4.240   8.523   14.644  1.00 43.05 ? 20  MET A SD  1 
ATOM   158  C  CE  . MET A 1 20  ? 4.812   7.506   16.038  1.00 39.91 ? 20  MET A CE  1 
ATOM   159  N  N   . ASP A 1 21  ? 3.577   5.350   10.903  1.00 34.82 ? 21  ASP A N   1 
ATOM   160  C  CA  . ASP A 1 21  ? 3.039   4.057   11.338  1.00 33.76 ? 21  ASP A CA  1 
ATOM   161  C  C   . ASP A 1 21  ? 3.495   2.875   10.463  1.00 32.68 ? 21  ASP A C   1 
ATOM   162  O  O   . ASP A 1 21  ? 3.983   1.852   10.986  1.00 32.36 ? 21  ASP A O   1 
ATOM   163  C  CB  . ASP A 1 21  ? 1.493   4.103   11.409  1.00 34.10 ? 21  ASP A CB  1 
ATOM   164  C  CG  . ASP A 1 21  ? 0.961   4.882   12.641  1.00 34.98 ? 21  ASP A CG  1 
ATOM   165  O  OD1 . ASP A 1 21  ? 1.616   4.850   13.716  1.00 35.58 ? 21  ASP A OD1 1 
ATOM   166  O  OD2 . ASP A 1 21  ? -0.117  5.522   12.528  1.00 33.92 ? 21  ASP A OD2 1 
ATOM   167  N  N   . PHE A 1 22  ? 3.339   3.032   9.146   1.00 31.10 ? 22  PHE A N   1 
ATOM   168  C  CA  . PHE A 1 22  ? 3.533   1.934   8.203   1.00 30.07 ? 22  PHE A CA  1 
ATOM   169  C  C   . PHE A 1 22  ? 4.768   2.002   7.337   1.00 29.58 ? 22  PHE A C   1 
ATOM   170  O  O   . PHE A 1 22  ? 4.885   1.212   6.438   1.00 29.71 ? 22  PHE A O   1 
ATOM   171  C  CB  . PHE A 1 22  ? 2.290   1.745   7.321   1.00 29.82 ? 22  PHE A CB  1 
ATOM   172  C  CG  . PHE A 1 22  ? 1.043   1.714   8.090   1.00 29.35 ? 22  PHE A CG  1 
ATOM   173  C  CD1 . PHE A 1 22  ? 0.725   0.600   8.853   1.00 30.85 ? 22  PHE A CD1 1 
ATOM   174  C  CD2 . PHE A 1 22  ? 0.215   2.832   8.136   1.00 28.80 ? 22  PHE A CD2 1 
ATOM   175  C  CE1 . PHE A 1 22  ? -0.441  0.585   9.645   1.00 31.35 ? 22  PHE A CE1 1 
ATOM   176  C  CE2 . PHE A 1 22  ? -0.957  2.835   8.917   1.00 30.17 ? 22  PHE A CE2 1 
ATOM   177  C  CZ  . PHE A 1 22  ? -1.292  1.711   9.669   1.00 29.59 ? 22  PHE A CZ  1 
ATOM   178  N  N   . ASN A 1 23  ? 5.695   2.915   7.592   1.00 29.54 ? 23  ASN A N   1 
ATOM   179  C  CA  . ASN A 1 23  ? 6.953   2.910   6.852   1.00 29.75 ? 23  ASN A CA  1 
ATOM   180  C  C   . ASN A 1 23  ? 7.991   2.277   7.764   1.00 30.30 ? 23  ASN A C   1 
ATOM   181  O  O   . ASN A 1 23  ? 8.035   2.535   8.981   1.00 31.31 ? 23  ASN A O   1 
ATOM   182  C  CB  . ASN A 1 23  ? 7.355   4.322   6.362   1.00 30.40 ? 23  ASN A CB  1 
ATOM   183  C  CG  . ASN A 1 23  ? 8.394   4.305   5.207   1.00 30.84 ? 23  ASN A CG  1 
ATOM   184  O  OD1 . ASN A 1 23  ? 8.201   3.663   4.171   1.00 32.05 ? 23  ASN A OD1 1 
ATOM   185  N  ND2 . ASN A 1 23  ? 9.485   5.041   5.386   1.00 30.00 ? 23  ASN A ND2 1 
ATOM   186  N  N   . ASN A 1 24  ? 8.807   1.411   7.174   1.00 30.01 ? 24  ASN A N   1 
ATOM   187  C  CA  . ASN A 1 24  ? 9.706   0.533   7.918   1.00 29.42 ? 24  ASN A CA  1 
ATOM   188  C  C   . ASN A 1 24  ? 8.972   -0.145  9.071   1.00 27.58 ? 24  ASN A C   1 
ATOM   189  O  O   . ASN A 1 24  ? 9.262   0.059   10.261  1.00 27.75 ? 24  ASN A O   1 
ATOM   190  C  CB  . ASN A 1 24  ? 11.009  1.244   8.356   1.00 30.56 ? 24  ASN A CB  1 
ATOM   191  C  CG  . ASN A 1 24  ? 11.803  1.857   7.156   1.00 33.85 ? 24  ASN A CG  1 
ATOM   192  O  OD1 . ASN A 1 24  ? 12.908  2.383   7.342   1.00 38.73 ? 24  ASN A OD1 1 
ATOM   193  N  ND2 . ASN A 1 24  ? 11.237  1.802   5.947   1.00 33.92 ? 24  ASN A ND2 1 
ATOM   194  N  N   . TYR A 1 25  ? 7.982   -0.925  8.672   1.00 24.91 ? 25  TYR A N   1 
ATOM   195  C  CA  . TYR A 1 25  ? 7.342   -1.871  9.545   1.00 22.43 ? 25  TYR A CA  1 
ATOM   196  C  C   . TYR A 1 25  ? 7.618   -3.261  8.968   1.00 21.69 ? 25  TYR A C   1 
ATOM   197  O  O   . TYR A 1 25  ? 7.341   -3.506  7.774   1.00 22.25 ? 25  TYR A O   1 
ATOM   198  C  CB  . TYR A 1 25  ? 5.827   -1.600  9.605   1.00 21.81 ? 25  TYR A CB  1 
ATOM   199  C  CG  . TYR A 1 25  ? 5.110   -2.478  10.586  1.00 17.06 ? 25  TYR A CG  1 
ATOM   200  C  CD1 . TYR A 1 25  ? 4.688   -3.735  10.217  1.00 15.24 ? 25  TYR A CD1 1 
ATOM   201  C  CD2 . TYR A 1 25  ? 4.864   -2.054  11.874  1.00 14.97 ? 25  TYR A CD2 1 
ATOM   202  C  CE1 . TYR A 1 25  ? 4.035   -4.553  11.090  1.00 13.72 ? 25  TYR A CE1 1 
ATOM   203  C  CE2 . TYR A 1 25  ? 4.216   -2.868  12.772  1.00 15.63 ? 25  TYR A CE2 1 
ATOM   204  C  CZ  . TYR A 1 25  ? 3.806   -4.129  12.363  1.00 15.22 ? 25  TYR A CZ  1 
ATOM   205  O  OH  . TYR A 1 25  ? 3.156   -4.978  13.218  1.00 14.23 ? 25  TYR A OH  1 
ATOM   206  N  N   . GLY A 1 26  ? 8.136   -4.163  9.805   1.00 19.73 ? 26  GLY A N   1 
ATOM   207  C  CA  . GLY A 1 26  ? 8.371   -5.527  9.403   1.00 17.98 ? 26  GLY A CA  1 
ATOM   208  C  C   . GLY A 1 26  ? 9.230   -5.595  8.160   1.00 17.63 ? 26  GLY A C   1 
ATOM   209  O  O   . GLY A 1 26  ? 10.031  -4.685  7.898   1.00 19.03 ? 26  GLY A O   1 
ATOM   210  N  N   . CYS A 1 27  ? 9.020   -6.632  7.355   1.00 15.86 ? 27  CYS A N   1 
ATOM   211  C  CA  . CYS A 1 27  ? 9.904   -6.950  6.275   1.00 14.20 ? 27  CYS A CA  1 
ATOM   212  C  C   . CYS A 1 27  ? 9.498   -6.326  4.945   1.00 14.50 ? 27  CYS A C   1 
ATOM   213  O  O   . CYS A 1 27  ? 10.361  -6.277  4.025   1.00 14.66 ? 27  CYS A O   1 
ATOM   214  C  CB  . CYS A 1 27  ? 9.955   -8.458  6.107   1.00 13.71 ? 27  CYS A CB  1 
ATOM   215  S  SG  . CYS A 1 27  ? 10.549  -9.349  7.528   1.00 10.19 ? 27  CYS A SG  1 
ATOM   216  N  N   . TYR A 1 28  ? 8.212   -5.924  4.809   1.00 13.70 ? 28  TYR A N   1 
ATOM   217  C  CA  . TYR A 1 28  ? 7.632   -5.449  3.509   1.00 13.41 ? 28  TYR A CA  1 
ATOM   218  C  C   . TYR A 1 28  ? 6.874   -4.148  3.540   1.00 14.89 ? 28  TYR A C   1 
ATOM   219  O  O   . TYR A 1 28  ? 6.371   -3.711  2.504   1.00 14.96 ? 28  TYR A O   1 
ATOM   220  C  CB  . TYR A 1 28  ? 6.577   -6.402  2.952   1.00 12.72 ? 28  TYR A CB  1 
ATOM   221  C  CG  . TYR A 1 28  ? 7.306   -7.599  2.417   1.00 12.86 ? 28  TYR A CG  1 
ATOM   222  C  CD1 . TYR A 1 28  ? 7.708   -7.647  1.076   1.00 13.26 ? 28  TYR A CD1 1 
ATOM   223  C  CD2 . TYR A 1 28  ? 7.707   -8.649  3.276   1.00 10.01 ? 28  TYR A CD2 1 
ATOM   224  C  CE1 . TYR A 1 28  ? 8.456   -8.734  0.574   1.00 12.21 ? 28  TYR A CE1 1 
ATOM   225  C  CE2 . TYR A 1 28  ? 8.445   -9.724  2.785   1.00 10.57 ? 28  TYR A CE2 1 
ATOM   226  C  CZ  . TYR A 1 28  ? 8.826   -9.749  1.436   1.00 10.91 ? 28  TYR A CZ  1 
ATOM   227  O  OH  . TYR A 1 28  ? 9.552   -10.794 0.940   1.00 10.08 ? 28  TYR A OH  1 
ATOM   228  N  N   . CYS A 1 29  ? 6.845   -3.488  4.692   1.00 16.05 ? 29  CYS A N   1 
ATOM   229  C  CA  . CYS A 1 29  ? 6.214   -2.178  4.782   1.00 18.35 ? 29  CYS A CA  1 
ATOM   230  C  C   . CYS A 1 29  ? 7.303   -1.108  4.606   1.00 19.77 ? 29  CYS A C   1 
ATOM   231  O  O   . CYS A 1 29  ? 7.841   -0.608  5.586   1.00 20.83 ? 29  CYS A O   1 
ATOM   232  C  CB  . CYS A 1 29  ? 5.525   -1.968  6.121   1.00 19.05 ? 29  CYS A CB  1 
ATOM   233  S  SG  . CYS A 1 29  ? 4.104   -3.018  6.328   1.00 15.20 ? 29  CYS A SG  1 
ATOM   234  N  N   . GLY A 1 30  ? 7.604   -0.713  3.381   1.00 20.53 ? 30  GLY A N   1 
ATOM   235  C  CA  . GLY A 1 30  ? 8.723   0.217   3.191   1.00 21.60 ? 30  GLY A CA  1 
ATOM   236  C  C   . GLY A 1 30  ? 9.404   -0.154  1.902   1.00 22.86 ? 30  GLY A C   1 
ATOM   237  O  O   . GLY A 1 30  ? 8.969   -1.111  1.215   1.00 23.44 ? 30  GLY A O   1 
ATOM   238  N  N   . LEU A 1 31  ? 10.453  0.581   1.530   1.00 23.30 ? 31  LEU A N   1 
ATOM   239  C  CA  . LEU A 1 31  ? 11.060  0.361   0.194   1.00 23.50 ? 31  LEU A CA  1 
ATOM   240  C  C   . LEU A 1 31  ? 11.521  -1.100  0.043   1.00 22.99 ? 31  LEU A C   1 
ATOM   241  O  O   . LEU A 1 31  ? 12.223  -1.616  0.928   1.00 22.12 ? 31  LEU A O   1 
ATOM   242  C  CB  . LEU A 1 31  ? 12.236  1.310   -0.107  1.00 23.45 ? 31  LEU A CB  1 
ATOM   243  C  CG  . LEU A 1 31  ? 12.832  1.076   -1.517  1.00 24.80 ? 31  LEU A CG  1 
ATOM   244  C  CD1 . LEU A 1 31  ? 11.838  1.379   -2.663  1.00 23.64 ? 31  LEU A CD1 1 
ATOM   245  C  CD2 . LEU A 1 31  ? 14.147  1.820   -1.736  1.00 26.06 ? 31  LEU A CD2 1 
ATOM   246  N  N   . GLY A 1 32  ? 11.126  -1.712  -1.090  1.00 22.55 ? 32  GLY A N   1 
ATOM   247  C  CA  . GLY A 1 32  ? 11.374  -3.126  -1.404  1.00 21.63 ? 32  GLY A CA  1 
ATOM   248  C  C   . GLY A 1 32  ? 10.757  -4.039  -0.350  1.00 20.98 ? 32  GLY A C   1 
ATOM   249  O  O   . GLY A 1 32  ? 9.665   -3.767  0.180   1.00 21.05 ? 32  GLY A O   1 
ATOM   250  N  N   . GLY A 1 33  ? 11.478  -5.106  -0.030  1.00 19.20 ? 33  GLY A N   1 
ATOM   251  C  CA  . GLY A 1 33  ? 11.032  -6.097  0.955   1.00 16.98 ? 33  GLY A CA  1 
ATOM   252  C  C   . GLY A 1 33  ? 11.915  -7.328  0.800   1.00 14.95 ? 33  GLY A C   1 
ATOM   253  O  O   . GLY A 1 33  ? 12.506  -7.532  -0.266  1.00 15.24 ? 33  GLY A O   1 
ATOM   254  N  N   . SER A 1 34  ? 12.022  -8.145  1.840   1.00 12.51 ? 34  SER A N   1 
ATOM   255  C  CA  . SER A 1 34  ? 12.735  -9.432  1.705   1.00 10.52 ? 34  SER A CA  1 
ATOM   256  C  C   . SER A 1 34  ? 12.135  -10.507 2.635   1.00 10.00 ? 34  SER A C   1 
ATOM   257  O  O   . SER A 1 34  ? 11.478  -10.152 3.581   1.00 10.00 ? 34  SER A O   1 
ATOM   258  C  CB  . SER A 1 34  ? 14.246  -9.228  1.991   1.00 10.63 ? 34  SER A CB  1 
ATOM   259  O  OG  . SER A 1 34  ? 14.475  -9.091  3.405   1.00 10.12 ? 34  SER A OG  1 
ATOM   260  N  N   . GLY A 1 35  ? 12.385  -11.794 2.390   1.00 10.00 ? 35  GLY A N   1 
ATOM   261  C  CA  . GLY A 1 35  ? 11.995  -12.854 3.336   1.00 10.00 ? 35  GLY A CA  1 
ATOM   262  C  C   . GLY A 1 35  ? 10.490  -13.111 3.463   1.00 10.00 ? 35  GLY A C   1 
ATOM   263  O  O   . GLY A 1 35  ? 9.705   -12.795 2.556   1.00 10.00 ? 35  GLY A O   1 
ATOM   264  N  N   . THR A 1 36  ? 10.072  -13.691 4.585   1.00 10.00 ? 36  THR A N   1 
ATOM   265  C  CA  . THR A 1 36  ? 8.667   -13.955 4.778   1.00 10.00 ? 36  THR A CA  1 
ATOM   266  C  C   . THR A 1 36  ? 8.069   -12.824 5.625   1.00 10.00 ? 36  THR A C   1 
ATOM   267  O  O   . THR A 1 36  ? 8.658   -12.418 6.583   1.00 10.00 ? 36  THR A O   1 
ATOM   268  C  CB  . THR A 1 36  ? 8.501   -15.328 5.403   1.00 10.00 ? 36  THR A CB  1 
ATOM   269  O  OG1 . THR A 1 36  ? 9.044   -16.282 4.499   1.00 10.00 ? 36  THR A OG1 1 
ATOM   270  C  CG2 . THR A 1 36  ? 7.066   -15.689 5.623   1.00 10.00 ? 36  THR A CG2 1 
ATOM   271  N  N   . PRO A 1 37  ? 6.877   -12.326 5.297   1.00 10.00 ? 37  PRO A N   1 
ATOM   272  C  CA  . PRO A 1 37  ? 6.374   -11.305 6.202   1.00 10.79 ? 37  PRO A CA  1 
ATOM   273  C  C   . PRO A 1 37  ? 6.225   -11.797 7.638   1.00 12.25 ? 37  PRO A C   1 
ATOM   274  O  O   . PRO A 1 37  ? 5.882   -12.977 7.848   1.00 12.99 ? 37  PRO A O   1 
ATOM   275  C  CB  . PRO A 1 37  ? 5.006   -10.998 5.615   1.00 10.00 ? 37  PRO A CB  1 
ATOM   276  C  CG  . PRO A 1 37  ? 4.686   -12.212 4.839   1.00 10.00 ? 37  PRO A CG  1 
ATOM   277  C  CD  . PRO A 1 37  ? 5.948   -12.525 4.185   1.00 10.00 ? 37  PRO A CD  1 
ATOM   278  N  N   . VAL A 1 38  ? 6.436   -10.905 8.605   1.00 13.47 ? 38  VAL A N   1 
ATOM   279  C  CA  . VAL A 1 38  ? 6.391   -11.277 10.037  1.00 15.16 ? 38  VAL A CA  1 
ATOM   280  C  C   . VAL A 1 38  ? 4.998   -11.334 10.671  1.00 16.77 ? 38  VAL A C   1 
ATOM   281  O  O   . VAL A 1 38  ? 4.875   -11.790 11.808  1.00 17.62 ? 38  VAL A O   1 
ATOM   282  C  CB  . VAL A 1 38  ? 7.209   -10.292 10.921  1.00 15.06 ? 38  VAL A CB  1 
ATOM   283  C  CG1 . VAL A 1 38  ? 8.700   -10.401 10.655  1.00 14.53 ? 38  VAL A CG1 1 
ATOM   284  C  CG2 . VAL A 1 38  ? 6.718   -8.828  10.763  1.00 14.67 ? 38  VAL A CG2 1 
ATOM   285  N  N   . ASP A 1 39  ? 3.897   -10.914 9.858   1.00 18.46 ? 39  ASP A N   1 
ATOM   286  C  CA  . ASP A 1 39  ? 2.621   -10.340 10.354  1.00 19.89 ? 39  ASP A CA  1 
ATOM   287  C  C   . ASP A 1 39  ? 1.447   -10.445 9.386   1.00 20.07 ? 39  ASP A C   1 
ATOM   288  O  O   . ASP A 1 39  ? 1.661   -10.644 8.201   1.00 21.17 ? 39  ASP A O   1 
ATOM   289  C  CB  . ASP A 1 39  ? 2.872   -8.841  10.436  1.00 20.08 ? 39  ASP A CB  1 
ATOM   290  C  CG  . ASP A 1 39  ? 2.278   -8.216  11.644  1.00 21.67 ? 39  ASP A CG  1 
ATOM   291  O  OD1 . ASP A 1 39  ? 1.027   -7.986  11.654  1.00 30.73 ? 39  ASP A OD1 1 
ATOM   292  O  OD2 . ASP A 1 39  ? 3.079   -7.924  12.557  1.00 17.39 ? 39  ASP A OD2 1 
ATOM   293  N  N   . GLU A 1 40  ? 0.296   -10.248 9.897   1.00 20.07 ? 40  GLU A N   1 
ATOM   294  C  CA  . GLU A 1 40  ? -0.774  -9.889  8.960   1.00 19.96 ? 40  GLU A CA  1 
ATOM   295  C  C   . GLU A 1 40  ? -0.461  -8.568  8.348   1.00 19.35 ? 40  GLU A C   1 
ATOM   296  O  O   . GLU A 1 40  ? -0.595  -8.392  7.124   1.00 19.34 ? 40  GLU A O   1 
ATOM   297  C  CB  . GLU A 1 40  ? -2.094  -9.647  9.655   1.00 20.78 ? 40  GLU A CB  1 
ATOM   298  C  CG  . GLU A 1 40  ? -3.062  -10.760 9.535   1.00 24.55 ? 40  GLU A CG  1 
ATOM   299  C  CD  . GLU A 1 40  ? -3.213  -11.493 10.845  1.00 29.06 ? 40  GLU A CD  1 
ATOM   300  O  OE1 . GLU A 1 40  ? -4.293  -12.104 11.046  1.00 29.96 ? 40  GLU A OE1 1 
ATOM   301  O  OE2 . GLU A 1 40  ? -2.259  -11.434 11.677  1.00 30.72 ? 40  GLU A OE2 1 
ATOM   302  N  N   . LEU A 1 41  ? -0.126  -7.601  9.210   1.00 18.53 ? 41  LEU A N   1 
ATOM   303  C  CA  . LEU A 1 41  ? 0.157   -6.247  8.726   1.00 18.12 ? 41  LEU A CA  1 
ATOM   304  C  C   . LEU A 1 41  ? 1.238   -6.333  7.613   1.00 18.28 ? 41  LEU A C   1 
ATOM   305  O  O   . LEU A 1 41  ? 0.970   -6.033  6.454   1.00 19.74 ? 41  LEU A O   1 
ATOM   306  C  CB  . LEU A 1 41  ? 0.512   -5.264  9.870   1.00 17.61 ? 41  LEU A CB  1 
ATOM   307  C  CG  . LEU A 1 41  ? 0.099   -3.761  9.849   1.00 16.11 ? 41  LEU A CG  1 
ATOM   308  C  CD1 . LEU A 1 41  ? 1.048   -2.904  10.628  1.00 13.38 ? 41  LEU A CD1 1 
ATOM   309  C  CD2 . LEU A 1 41  ? -0.008  -3.152  8.488   1.00 11.46 ? 41  LEU A CD2 1 
ATOM   310  N  N   . ASP A 1 42  ? 2.429   -6.806  7.942   1.00 17.91 ? 42  ASP A N   1 
ATOM   311  C  CA  . ASP A 1 42  ? 3.529   -6.959  6.986   1.00 16.99 ? 42  ASP A CA  1 
ATOM   312  C  C   . ASP A 1 42  ? 3.099   -7.747  5.731   1.00 17.65 ? 42  ASP A C   1 
ATOM   313  O  O   . ASP A 1 42  ? 3.573   -7.455  4.591   1.00 18.74 ? 42  ASP A O   1 
ATOM   314  C  CB  . ASP A 1 42  ? 4.665   -7.633  7.725   1.00 16.17 ? 42  ASP A CB  1 
ATOM   315  C  CG  . ASP A 1 42  ? 5.942   -7.515  7.044   1.00 16.67 ? 42  ASP A CG  1 
ATOM   316  O  OD1 . ASP A 1 42  ? 6.094   -6.606  6.194   1.00 16.17 ? 42  ASP A OD1 1 
ATOM   317  O  OD2 . ASP A 1 42  ? 6.825   -8.347  7.379   1.00 17.33 ? 42  ASP A OD2 1 
ATOM   318  N  N   . ARG A 1 43  ? 2.175   -8.698  5.915   1.00 17.01 ? 43  ARG A N   1 
ATOM   319  C  CA  . ARG A 1 43  ? 1.616   -9.443  4.801   1.00 18.21 ? 43  ARG A CA  1 
ATOM   320  C  C   . ARG A 1 43  ? 0.853   -8.462  3.888   1.00 17.84 ? 43  ARG A C   1 
ATOM   321  O  O   . ARG A 1 43  ? 0.990   -8.514  2.649   1.00 17.68 ? 43  ARG A O   1 
ATOM   322  C  CB  . ARG A 1 43  ? 0.667   -10.533 5.314   1.00 19.74 ? 43  ARG A CB  1 
ATOM   323  C  CG  . ARG A 1 43  ? 0.741   -11.966 4.688   1.00 25.62 ? 43  ARG A CG  1 
ATOM   324  C  CD  . ARG A 1 43  ? 0.071   -12.119 3.302   1.00 33.80 ? 43  ARG A CD  1 
ATOM   325  N  NE  . ARG A 1 43  ? 0.935   -11.680 2.181   1.00 39.93 ? 43  ARG A NE  1 
ATOM   326  C  CZ  . ARG A 1 43  ? 0.895   -12.185 0.934   1.00 42.58 ? 43  ARG A CZ  1 
ATOM   327  N  NH1 . ARG A 1 43  ? 1.723   -11.707 0.001   1.00 42.45 ? 43  ARG A NH1 1 
ATOM   328  N  NH2 . ARG A 1 43  ? 0.026   -13.160 0.609   1.00 42.47 ? 43  ARG A NH2 1 
ATOM   329  N  N   . CYS A 1 44  ? 0.050   -7.566  4.479   1.00 17.00 ? 44  CYS A N   1 
ATOM   330  C  CA  . CYS A 1 44  ? -0.692  -6.595  3.647   1.00 16.50 ? 44  CYS A CA  1 
ATOM   331  C  C   . CYS A 1 44  ? 0.266   -5.820  2.753   1.00 17.01 ? 44  CYS A C   1 
ATOM   332  O  O   . CYS A 1 44  ? -0.085  -5.514  1.603   1.00 17.22 ? 44  CYS A O   1 
ATOM   333  C  CB  . CYS A 1 44  ? -1.462  -5.604  4.487   1.00 15.81 ? 44  CYS A CB  1 
ATOM   334  S  SG  . CYS A 1 44  ? -2.701  -6.340  5.577   1.00 14.67 ? 44  CYS A SG  1 
ATOM   335  N  N   . CYS A 1 45  ? 1.464   -5.519  3.281   1.00 16.85 ? 45  CYS A N   1 
ATOM   336  C  CA  . CYS A 1 45  ? 2.502   -4.740  2.576   1.00 17.32 ? 45  CYS A CA  1 
ATOM   337  C  C   . CYS A 1 45  ? 3.161   -5.563  1.491   1.00 17.08 ? 45  CYS A C   1 
ATOM   338  O  O   . CYS A 1 45  ? 3.491   -5.024  0.436   1.00 15.98 ? 45  CYS A O   1 
ATOM   339  C  CB  . CYS A 1 45  ? 3.596   -4.281  3.537   1.00 17.43 ? 45  CYS A CB  1 
ATOM   340  S  SG  . CYS A 1 45  ? 3.081   -2.894  4.556   1.00 21.26 ? 45  CYS A SG  1 
ATOM   341  N  N   . GLU A 1 46  ? 3.384   -6.855  1.769   1.00 17.49 ? 46  GLU A N   1 
ATOM   342  C  CA  . GLU A 1 46  ? 3.959   -7.752  0.760   1.00 17.63 ? 46  GLU A CA  1 
ATOM   343  C  C   . GLU A 1 46  ? 3.019   -7.889  -0.436  1.00 18.05 ? 46  GLU A C   1 
ATOM   344  O  O   . GLU A 1 46  ? 3.461   -7.789  -1.614  1.00 18.81 ? 46  GLU A O   1 
ATOM   345  C  CB  . GLU A 1 46  ? 4.308   -9.150  1.320   1.00 17.59 ? 46  GLU A CB  1 
ATOM   346  C  CG  . GLU A 1 46  ? 4.951   -10.072 0.258   1.00 17.30 ? 46  GLU A CG  1 
ATOM   347  C  CD  . GLU A 1 46  ? 4.888   -11.541 0.595   1.00 19.18 ? 46  GLU A CD  1 
ATOM   348  O  OE1 . GLU A 1 46  ? 4.202   -11.882 1.585   1.00 20.57 ? 46  GLU A OE1 1 
ATOM   349  O  OE2 . GLU A 1 46  ? 5.486   -12.367 -0.145  1.00 15.82 ? 46  GLU A OE2 1 
ATOM   350  N  N   . THR A 1 47  ? 1.733   -8.119  -0.149  1.00 17.70 ? 47  THR A N   1 
ATOM   351  C  CA  . THR A 1 47  ? 0.704   -8.166  -1.203  1.00 16.91 ? 47  THR A CA  1 
ATOM   352  C  C   . THR A 1 47  ? 0.665   -6.861  -2.037  1.00 17.77 ? 47  THR A C   1 
ATOM   353  O  O   . THR A 1 47  ? 0.469   -6.915  -3.251  1.00 18.06 ? 47  THR A O   1 
ATOM   354  C  CB  . THR A 1 47  ? -0.712  -8.441  -0.603  1.00 17.28 ? 47  THR A CB  1 
ATOM   355  O  OG1 . THR A 1 47  ? -0.699  -9.658  0.155   1.00 15.88 ? 47  THR A OG1 1 
ATOM   356  C  CG2 . THR A 1 47  ? -1.812  -8.505  -1.702  1.00 14.17 ? 47  THR A CG2 1 
ATOM   357  N  N   . HIS A 1 48  ? 0.840   -5.704  -1.384  1.00 17.60 ? 48  HIS A N   1 
ATOM   358  C  CA  . HIS A 1 48  ? 0.835   -4.401  -2.051  1.00 18.10 ? 48  HIS A CA  1 
ATOM   359  C  C   . HIS A 1 48  ? 2.071   -4.344  -2.951  1.00 18.66 ? 48  HIS A C   1 
ATOM   360  O  O   . HIS A 1 48  ? 1.987   -3.999  -4.156  1.00 18.52 ? 48  HIS A O   1 
ATOM   361  C  CB  . HIS A 1 48  ? 0.826   -3.298  -0.990  1.00 18.11 ? 48  HIS A CB  1 
ATOM   362  C  CG  . HIS A 1 48  ? 0.628   -1.907  -1.526  1.00 21.44 ? 48  HIS A CG  1 
ATOM   363  N  ND1 . HIS A 1 48  ? 1.599   -0.923  -1.424  1.00 21.19 ? 48  HIS A ND1 1 
ATOM   364  C  CD2 . HIS A 1 48  ? -0.446  -1.316  -2.113  1.00 22.49 ? 48  HIS A CD2 1 
ATOM   365  C  CE1 . HIS A 1 48  ? 1.149   0.192   -1.972  1.00 23.14 ? 48  HIS A CE1 1 
ATOM   366  N  NE2 . HIS A 1 48  ? -0.086  -0.017  -2.401  1.00 22.98 ? 48  HIS A NE2 1 
ATOM   367  N  N   . ASP A 1 49  ? 3.210   -4.713  -2.371  1.00 18.21 ? 49  ASP A N   1 
ATOM   368  C  CA  . ASP A 1 49  ? 4.417   -4.792  -3.131  1.00 18.79 ? 49  ASP A CA  1 
ATOM   369  C  C   . ASP A 1 49  ? 4.153   -5.647  -4.355  1.00 19.81 ? 49  ASP A C   1 
ATOM   370  O  O   . ASP A 1 49  ? 4.587   -5.277  -5.464  1.00 20.08 ? 49  ASP A O   1 
ATOM   371  C  CB  . ASP A 1 49  ? 5.541   -5.377  -2.318  1.00 17.39 ? 49  ASP A CB  1 
ATOM   372  C  CG  . ASP A 1 49  ? 6.170   -4.374  -1.410  1.00 17.83 ? 49  ASP A CG  1 
ATOM   373  O  OD1 . ASP A 1 49  ? 5.585   -3.295  -1.211  1.00 15.60 ? 49  ASP A OD1 1 
ATOM   374  O  OD2 . ASP A 1 49  ? 7.282   -4.645  -0.878  1.00 19.17 ? 49  ASP A OD2 1 
ATOM   375  N  N   . ASN A 1 50  ? 3.457   -6.777  -4.175  1.00 20.33 ? 50  ASN A N   1 
ATOM   376  C  CA  . ASN A 1 50  ? 3.263   -7.703  -5.304  1.00 21.19 ? 50  ASN A CA  1 
ATOM   377  C  C   . ASN A 1 50  ? 2.231   -7.143  -6.259  1.00 20.81 ? 50  ASN A C   1 
ATOM   378  O  O   . ASN A 1 50  ? 2.295   -7.383  -7.470  1.00 21.96 ? 50  ASN A O   1 
ATOM   379  C  CB  . ASN A 1 50  ? 2.794   -9.093  -4.858  1.00 22.83 ? 50  ASN A CB  1 
ATOM   380  C  CG  . ASN A 1 50  ? 3.908   -9.946  -4.222  1.00 26.03 ? 50  ASN A CG  1 
ATOM   381  O  OD1 . ASN A 1 50  ? 4.928   -10.229 -4.857  1.00 30.76 ? 50  ASN A OD1 1 
ATOM   382  N  ND2 . ASN A 1 50  ? 3.692   -10.377 -2.969  1.00 26.56 ? 50  ASN A ND2 1 
ATOM   383  N  N   . CYS A 1 51  ? 1.264   -6.414  -5.716  1.00 19.41 ? 51  CYS A N   1 
ATOM   384  C  CA  . CYS A 1 51  ? 0.267   -5.778  -6.517  1.00 18.66 ? 51  CYS A CA  1 
ATOM   385  C  C   . CYS A 1 51  ? 0.924   -4.761  -7.478  1.00 19.13 ? 51  CYS A C   1 
ATOM   386  O  O   . CYS A 1 51  ? 0.483   -4.609  -8.601  1.00 19.04 ? 51  CYS A O   1 
ATOM   387  C  CB  . CYS A 1 51  ? -0.714  -5.083  -5.603  1.00 18.34 ? 51  CYS A CB  1 
ATOM   388  S  SG  . CYS A 1 51  ? -2.282  -4.708  -6.369  1.00 17.48 ? 51  CYS A SG  1 
ATOM   389  N  N   . TYR A 1 52  ? 1.990   -4.088  -7.043  1.00 19.86 ? 52  TYR A N   1 
ATOM   390  C  CA  . TYR A 1 52  ? 2.652   -3.051  -7.861  1.00 19.91 ? 52  TYR A CA  1 
ATOM   391  C  C   . TYR A 1 52  ? 3.541   -3.716  -8.880  1.00 21.08 ? 52  TYR A C   1 
ATOM   392  O  O   . TYR A 1 52  ? 3.824   -3.143  -9.941  1.00 20.89 ? 52  TYR A O   1 
ATOM   393  C  CB  . TYR A 1 52  ? 3.435   -2.048  -7.002  1.00 18.68 ? 52  TYR A CB  1 
ATOM   394  C  CG  . TYR A 1 52  ? 2.620   -0.870  -6.541  1.00 16.98 ? 52  TYR A CG  1 
ATOM   395  C  CD1 . TYR A 1 52  ? 1.380   -1.045  -5.970  1.00 19.55 ? 52  TYR A CD1 1 
ATOM   396  C  CD2 . TYR A 1 52  ? 3.081   0.445   -6.691  1.00 17.20 ? 52  TYR A CD2 1 
ATOM   397  C  CE1 . TYR A 1 52  ? 0.572   0.092   -5.560  1.00 17.44 ? 52  TYR A CE1 1 
ATOM   398  C  CE2 . TYR A 1 52  ? 2.305   1.548   -6.281  1.00 13.86 ? 52  TYR A CE2 1 
ATOM   399  C  CZ  . TYR A 1 52  ? 1.048   1.348   -5.698  1.00 16.64 ? 52  TYR A CZ  1 
ATOM   400  O  OH  . TYR A 1 52  ? 0.253   2.411   -5.230  1.00 18.06 ? 52  TYR A OH  1 
ATOM   401  N  N   . ARG A 1 53  ? 3.953   -4.943  -8.573  1.00 22.70 ? 53  ARG A N   1 
ATOM   402  C  CA  . ARG A 1 53  ? 4.730   -5.756  -9.494  1.00 24.30 ? 53  ARG A CA  1 
ATOM   403  C  C   . ARG A 1 53  ? 3.855   -6.188  -10.666 1.00 24.92 ? 53  ARG A C   1 
ATOM   404  O  O   . ARG A 1 53  ? 4.290   -6.078  -11.817 1.00 25.21 ? 53  ARG A O   1 
ATOM   405  C  CB  . ARG A 1 53  ? 5.312   -6.924  -8.730  1.00 25.48 ? 53  ARG A CB  1 
ATOM   406  C  CG  . ARG A 1 53  ? 5.987   -8.097  -9.498  1.00 30.96 ? 53  ARG A CG  1 
ATOM   407  C  CD  . ARG A 1 53  ? 6.444   -9.153  -8.446  1.00 38.22 ? 53  ARG A CD  1 
ATOM   408  N  NE  . ARG A 1 53  ? 6.571   -8.496  -7.128  1.00 44.57 ? 53  ARG A NE  1 
ATOM   409  C  CZ  . ARG A 1 53  ? 7.690   -8.363  -6.400  1.00 47.83 ? 53  ARG A CZ  1 
ATOM   410  N  NH1 . ARG A 1 53  ? 8.860   -8.904  -6.802  1.00 48.27 ? 53  ARG A NH1 1 
ATOM   411  N  NH2 . ARG A 1 53  ? 7.618   -7.721  -5.226  1.00 45.97 ? 53  ARG A NH2 1 
ATOM   412  N  N   . ASP A 1 54  ? 2.624   -6.629  -10.397 1.00 24.83 ? 54  ASP A N   1 
ATOM   413  C  CA  . ASP A 1 54  ? 1.722   -7.029  -11.478 1.00 26.04 ? 54  ASP A CA  1 
ATOM   414  C  C   . ASP A 1 54  ? 1.351   -5.932  -12.460 1.00 26.78 ? 54  ASP A C   1 
ATOM   415  O  O   . ASP A 1 54  ? 1.405   -6.170  -13.675 1.00 27.79 ? 54  ASP A O   1 
ATOM   416  C  CB  . ASP A 1 54  ? 0.438   -7.615  -10.929 1.00 26.39 ? 54  ASP A CB  1 
ATOM   417  C  CG  . ASP A 1 54  ? 0.687   -8.755  -10.007 1.00 27.83 ? 54  ASP A CG  1 
ATOM   418  O  OD1 . ASP A 1 54  ? -0.287  -9.172  -9.334  1.00 27.98 ? 54  ASP A OD1 1 
ATOM   419  O  OD2 . ASP A 1 54  ? 1.854   -9.213  -9.957  1.00 29.52 ? 54  ASP A OD2 1 
ATOM   420  N  N   . ALA A 1 55  ? 0.889   -4.784  -11.943 1.00 27.10 ? 55  ALA A N   1 
ATOM   421  C  CA  . ALA A 1 55  ? 0.691   -3.548  -12.716 1.00 27.21 ? 55  ALA A CA  1 
ATOM   422  C  C   . ALA A 1 55  ? 1.944   -3.178  -13.543 1.00 28.09 ? 55  ALA A C   1 
ATOM   423  O  O   . ALA A 1 55  ? 1.858   -2.961  -14.758 1.00 27.60 ? 55  ALA A O   1 
ATOM   424  C  CB  . ALA A 1 55  ? 0.345   -2.416  -11.775 1.00 26.20 ? 55  ALA A CB  1 
ATOM   425  N  N   . LYS A 1 56  ? 3.104   -3.098  -12.888 1.00 29.26 ? 56  LYS A N   1 
ATOM   426  C  CA  . LYS A 1 56  ? 4.327   -2.852  -13.619 1.00 30.70 ? 56  LYS A CA  1 
ATOM   427  C  C   . LYS A 1 56  ? 4.325   -3.827  -14.787 1.00 32.35 ? 56  LYS A C   1 
ATOM   428  O  O   . LYS A 1 56  ? 4.642   -3.424  -15.902 1.00 33.40 ? 56  LYS A O   1 
ATOM   429  C  CB  . LYS A 1 56  ? 5.579   -3.061  -12.757 1.00 30.80 ? 56  LYS A CB  1 
ATOM   430  C  CG  . LYS A 1 56  ? 6.131   -1.840  -11.957 1.00 31.30 ? 56  LYS A CG  1 
ATOM   431  C  CD  . LYS A 1 56  ? 7.720   -1.807  -11.845 1.00 32.73 ? 56  LYS A CD  1 
ATOM   432  C  CE  . LYS A 1 56  ? 8.341   -2.714  -10.738 1.00 34.02 ? 56  LYS A CE  1 
ATOM   433  N  NZ  . LYS A 1 56  ? 7.920   -2.325  -9.320  1.00 35.82 ? 56  LYS A NZ  1 
ATOM   434  N  N   . ASN A 1 57  ? 3.936   -5.091  -14.538 1.00 33.91 ? 57  ASN A N   1 
ATOM   435  C  CA  . ASN A 1 57  ? 3.981   -6.205  -15.538 1.00 35.21 ? 57  ASN A CA  1 
ATOM   436  C  C   . ASN A 1 57  ? 2.747   -6.407  -16.462 1.00 35.86 ? 57  ASN A C   1 
ATOM   437  O  O   . ASN A 1 57  ? 2.481   -7.524  -16.923 1.00 35.34 ? 57  ASN A O   1 
ATOM   438  C  CB  . ASN A 1 57  ? 4.395   -7.528  -14.853 1.00 35.09 ? 57  ASN A CB  1 
ATOM   439  C  CG  . ASN A 1 57  ? 5.901   -7.585  -14.557 1.00 36.52 ? 57  ASN A CG  1 
ATOM   440  O  OD1 . ASN A 1 57  ? 6.344   -7.595  -13.390 1.00 39.27 ? 57  ASN A OD1 1 
ATOM   441  N  ND2 . ASN A 1 57  ? 6.699   -7.584  -15.619 1.00 36.36 ? 57  ASN A ND2 1 
ATOM   442  N  N   . LEU A 1 58  ? 2.018   -5.312  -16.723 1.00 36.90 ? 58  LEU A N   1 
ATOM   443  C  CA  . LEU A 1 58  ? 0.870   -5.261  -17.646 1.00 38.00 ? 58  LEU A CA  1 
ATOM   444  C  C   . LEU A 1 58  ? 1.334   -4.522  -18.903 1.00 38.54 ? 58  LEU A C   1 
ATOM   445  O  O   . LEU A 1 58  ? 1.822   -3.409  -18.781 1.00 38.54 ? 58  LEU A O   1 
ATOM   446  C  CB  . LEU A 1 58  ? -0.268  -4.478  -16.992 1.00 38.28 ? 58  LEU A CB  1 
ATOM   447  C  CG  . LEU A 1 58  ? -1.305  -5.098  -16.038 1.00 40.39 ? 58  LEU A CG  1 
ATOM   448  C  CD1 . LEU A 1 58  ? -1.789  -4.083  -14.983 1.00 40.50 ? 58  LEU A CD1 1 
ATOM   449  C  CD2 . LEU A 1 58  ? -2.513  -5.678  -16.804 1.00 42.17 ? 58  LEU A CD2 1 
ATOM   450  N  N   . ASP A 1 59  ? 1.220   -5.105  -20.107 1.00 39.20 ? 59  ASP A N   1 
ATOM   451  C  CA  . ASP A 1 59  ? 1.873   -4.459  -21.280 1.00 39.64 ? 59  ASP A CA  1 
ATOM   452  C  C   . ASP A 1 59  ? 1.265   -3.100  -21.565 1.00 39.13 ? 59  ASP A C   1 
ATOM   453  O  O   . ASP A 1 59  ? 1.941   -2.215  -22.106 1.00 39.75 ? 59  ASP A O   1 
ATOM   454  C  CB  . ASP A 1 59  ? 1.833   -5.239  -22.618 1.00 40.26 ? 59  ASP A CB  1 
ATOM   455  C  CG  . ASP A 1 59  ? 1.249   -6.633  -22.506 1.00 42.25 ? 59  ASP A CG  1 
ATOM   456  O  OD1 . ASP A 1 59  ? 1.976   -7.565  -22.053 1.00 43.07 ? 59  ASP A OD1 1 
ATOM   457  O  OD2 . ASP A 1 59  ? 0.077   -6.790  -22.952 1.00 43.07 ? 59  ASP A OD2 1 
ATOM   458  N  N   . SER A 1 60  ? -0.009  -2.954  -21.206 1.00 37.76 ? 60  SER A N   1 
ATOM   459  C  CA  . SER A 1 60  ? -0.821  -1.802  -21.603 1.00 36.85 ? 60  SER A CA  1 
ATOM   460  C  C   . SER A 1 60  ? -0.407  -0.517  -20.848 1.00 36.28 ? 60  SER A C   1 
ATOM   461  O  O   . SER A 1 60  ? -0.629  0.614   -21.318 1.00 36.54 ? 60  SER A O   1 
ATOM   462  C  CB  . SER A 1 60  ? -2.285  -2.150  -21.356 1.00 36.66 ? 60  SER A CB  1 
ATOM   463  O  OG  . SER A 1 60  ? -2.344  -3.367  -20.613 1.00 36.98 ? 60  SER A OG  1 
ATOM   464  N  N   . CYS A 1 61  ? 0.234   -0.722  -19.693 1.00 34.90 ? 61  CYS A N   1 
ATOM   465  C  CA  . CYS A 1 61  ? 0.593   0.332   -18.745 1.00 32.51 ? 61  CYS A CA  1 
ATOM   466  C  C   . CYS A 1 61  ? 2.071   0.704   -18.813 1.00 32.18 ? 61  CYS A C   1 
ATOM   467  O  O   . CYS A 1 61  ? 2.933   -0.143  -18.645 1.00 32.77 ? 61  CYS A O   1 
ATOM   468  C  CB  . CYS A 1 61  ? 0.231   -0.144  -17.345 1.00 31.63 ? 61  CYS A CB  1 
ATOM   469  S  SG  . CYS A 1 61  ? -1.527  -0.582  -17.156 1.00 27.41 ? 61  CYS A SG  1 
ATOM   470  N  N   . LYS A 1 62  ? 2.369   1.966   -19.073 1.00 31.48 ? 62  LYS A N   1 
ATOM   471  C  CA  . LYS A 1 62  ? 3.745   2.407   -19.036 1.00 30.93 ? 62  LYS A CA  1 
ATOM   472  C  C   . LYS A 1 62  ? 3.845   3.587   -18.093 1.00 29.46 ? 62  LYS A C   1 
ATOM   473  O  O   . LYS A 1 62  ? 3.708   4.738   -18.526 1.00 29.63 ? 62  LYS A O   1 
ATOM   474  C  CB  . LYS A 1 62  ? 4.235   2.796   -20.431 1.00 31.52 ? 62  LYS A CB  1 
ATOM   475  C  CG  . LYS A 1 62  ? 5.790   2.916   -20.525 1.00 36.59 ? 62  LYS A CG  1 
ATOM   476  C  CD  . LYS A 1 62  ? 6.425   4.179   -19.819 1.00 40.99 ? 62  LYS A CD  1 
ATOM   477  C  CE  . LYS A 1 62  ? 7.825   3.893   -19.227 1.00 42.02 ? 62  LYS A CE  1 
ATOM   478  N  NZ  . LYS A 1 62  ? 7.801   2.911   -18.066 1.00 42.20 ? 62  LYS A NZ  1 
ATOM   479  N  N   . PHE A 1 63  ? 4.081   3.297   -16.812 1.00 27.72 ? 63  PHE A N   1 
ATOM   480  C  CA  . PHE A 1 63  ? 4.189   4.335   -15.761 1.00 26.30 ? 63  PHE A CA  1 
ATOM   481  C  C   . PHE A 1 63  ? 5.377   5.259   -15.849 1.00 25.35 ? 63  PHE A C   1 
ATOM   482  O  O   . PHE A 1 63  ? 6.422   4.872   -16.383 1.00 25.37 ? 63  PHE A O   1 
ATOM   483  C  CB  . PHE A 1 63  ? 4.147   3.712   -14.379 1.00 25.85 ? 63  PHE A CB  1 
ATOM   484  C  CG  . PHE A 1 63  ? 2.946   2.892   -14.166 1.00 24.37 ? 63  PHE A CG  1 
ATOM   485  C  CD1 . PHE A 1 63  ? 1.718   3.512   -14.004 1.00 21.59 ? 63  PHE A CD1 1 
ATOM   486  C  CD2 . PHE A 1 63  ? 3.032   1.484   -14.205 1.00 24.19 ? 63  PHE A CD2 1 
ATOM   487  C  CE1 . PHE A 1 63  ? 0.570   2.752   -13.806 1.00 23.48 ? 63  PHE A CE1 1 
ATOM   488  C  CE2 . PHE A 1 63  ? 1.895   0.692   -14.009 1.00 24.10 ? 63  PHE A CE2 1 
ATOM   489  C  CZ  . PHE A 1 63  ? 0.648   1.323   -13.806 1.00 24.93 ? 63  PHE A CZ  1 
ATOM   490  N  N   . LEU A 1 64  ? 5.207   6.482   -15.336 1.00 24.55 ? 64  LEU A N   1 
ATOM   491  C  CA  . LEU A 1 64  ? 6.293   7.454   -15.371 1.00 24.81 ? 64  LEU A CA  1 
ATOM   492  C  C   . LEU A 1 64  ? 7.453   6.944   -14.513 1.00 25.43 ? 64  LEU A C   1 
ATOM   493  O  O   . LEU A 1 64  ? 7.248   6.539   -13.364 1.00 25.16 ? 64  LEU A O   1 
ATOM   494  C  CB  . LEU A 1 64  ? 5.847   8.853   -14.926 1.00 24.11 ? 64  LEU A CB  1 
ATOM   495  C  CG  . LEU A 1 64  ? 6.801   9.997   -15.293 1.00 23.26 ? 64  LEU A CG  1 
ATOM   496  C  CD1 . LEU A 1 64  ? 6.584   10.435  -16.719 1.00 21.90 ? 64  LEU A CD1 1 
ATOM   497  C  CD2 . LEU A 1 64  ? 6.619   11.169  -14.358 1.00 22.08 ? 64  LEU A CD2 1 
ATOM   498  N  N   . VAL A 1 65  ? 8.662   6.910   -15.088 1.00 26.68 ? 65  VAL A N   1 
ATOM   499  C  CA  . VAL A 1 65  ? 9.852   6.616   -14.284 1.00 27.45 ? 65  VAL A CA  1 
ATOM   500  C  C   . VAL A 1 65  ? 9.730   5.157   -13.772 1.00 28.11 ? 65  VAL A C   1 
ATOM   501  O  O   . VAL A 1 65  ? 10.588  4.654   -13.023 1.00 27.92 ? 65  VAL A O   1 
ATOM   502  C  CB  . VAL A 1 65  ? 10.052  7.783   -13.197 1.00 27.16 ? 65  VAL A CB  1 
ATOM   503  C  CG1 . VAL A 1 65  ? 10.133  7.322   -11.768 1.00 26.86 ? 65  VAL A CG1 1 
ATOM   504  C  CG2 . VAL A 1 65  ? 11.198  8.655   -13.577 1.00 27.34 ? 65  VAL A CG2 1 
ATOM   505  N  N   . ASP A 1 66  ? 8.643   4.551   -14.220 1.00 28.17 ? 66  ASP A N   1 
ATOM   506  C  CA  . ASP A 1 66  ? 8.378   3.137   -14.105 1.00 28.19 ? 66  ASP A CA  1 
ATOM   507  C  C   . ASP A 1 66  ? 7.853   2.729   -12.791 1.00 27.20 ? 66  ASP A C   1 
ATOM   508  O  O   . ASP A 1 66  ? 8.019   1.618   -12.375 1.00 26.89 ? 66  ASP A O   1 
ATOM   509  C  CB  . ASP A 1 66  ? 9.615   2.352   -14.368 1.00 29.75 ? 66  ASP A CB  1 
ATOM   510  C  CG  . ASP A 1 66  ? 9.330   1.124   -15.099 1.00 34.93 ? 66  ASP A CG  1 
ATOM   511  O  OD1 . ASP A 1 66  ? 9.043   0.111   -14.477 1.00 39.28 ? 66  ASP A OD1 1 
ATOM   512  O  OD2 . ASP A 1 66  ? 9.346   1.179   -16.321 1.00 41.77 ? 66  ASP A OD2 1 
ATOM   513  N  N   . ASN A 1 67  ? 7.202   3.648   -12.140 1.00 26.10 ? 67  ASN A N   1 
ATOM   514  C  CA  . ASN A 1 67  ? 6.864   3.490   -10.770 1.00 25.47 ? 67  ASN A CA  1 
ATOM   515  C  C   . ASN A 1 67  ? 5.392   3.786   -10.757 1.00 24.46 ? 67  ASN A C   1 
ATOM   516  O  O   . ASN A 1 67  ? 5.000   4.914   -11.043 1.00 24.89 ? 67  ASN A O   1 
ATOM   517  C  CB  . ASN A 1 67  ? 7.708   4.492   -9.960  1.00 25.43 ? 67  ASN A CB  1 
ATOM   518  C  CG  . ASN A 1 67  ? 7.496   4.427   -8.438  1.00 25.65 ? 67  ASN A CG  1 
ATOM   519  O  OD1 . ASN A 1 67  ? 8.187   5.183   -7.742  1.00 29.97 ? 67  ASN A OD1 1 
ATOM   520  N  ND2 . ASN A 1 67  ? 6.570   3.570   -7.907  1.00 21.04 ? 67  ASN A ND2 1 
ATOM   521  N  N   . PRO A 1 68  ? 4.572   2.757   -10.474 1.00 23.79 ? 68  PRO A N   1 
ATOM   522  C  CA  . PRO A 1 68  ? 3.136   2.931   -10.346 1.00 23.24 ? 68  PRO A CA  1 
ATOM   523  C  C   . PRO A 1 68  ? 2.797   4.006   -9.353  1.00 23.09 ? 68  PRO A C   1 
ATOM   524  O  O   . PRO A 1 68  ? 1.747   4.611   -9.521  1.00 24.59 ? 68  PRO A O   1 
ATOM   525  C  CB  . PRO A 1 68  ? 2.652   1.575   -9.834  1.00 22.60 ? 68  PRO A CB  1 
ATOM   526  C  CG  . PRO A 1 68  ? 3.601   0.637   -10.434 1.00 23.12 ? 68  PRO A CG  1 
ATOM   527  C  CD  . PRO A 1 68  ? 4.939   1.331   -10.481 1.00 23.46 ? 68  PRO A CD  1 
ATOM   528  N  N   . TYR A 1 69  ? 3.677   4.295   -8.390  1.00 21.61 ? 69  TYR A N   1 
ATOM   529  C  CA  . TYR A 1 69  ? 3.421   5.313   -7.351  1.00 20.97 ? 69  TYR A CA  1 
ATOM   530  C  C   . TYR A 1 69  ? 3.253   6.715   -7.875  1.00 19.26 ? 69  TYR A C   1 
ATOM   531  O  O   . TYR A 1 69  ? 2.775   7.651   -7.176  1.00 18.50 ? 69  TYR A O   1 
ATOM   532  C  CB  . TYR A 1 69  ? 4.582   5.389   -6.381  1.00 22.53 ? 69  TYR A CB  1 
ATOM   533  C  CG  . TYR A 1 69  ? 4.369   4.577   -5.159  1.00 28.50 ? 69  TYR A CG  1 
ATOM   534  C  CD1 . TYR A 1 69  ? 5.274   3.574   -4.831  1.00 33.23 ? 69  TYR A CD1 1 
ATOM   535  C  CD2 . TYR A 1 69  ? 3.229   4.765   -4.337  1.00 32.52 ? 69  TYR A CD2 1 
ATOM   536  C  CE1 . TYR A 1 69  ? 5.091   2.793   -3.700  1.00 36.53 ? 69  TYR A CE1 1 
ATOM   537  C  CE2 . TYR A 1 69  ? 3.025   3.976   -3.192  1.00 35.35 ? 69  TYR A CE2 1 
ATOM   538  C  CZ  . TYR A 1 69  ? 3.988   2.995   -2.881  1.00 38.14 ? 69  TYR A CZ  1 
ATOM   539  O  OH  . TYR A 1 69  ? 3.873   2.164   -1.777  1.00 42.50 ? 69  TYR A OH  1 
ATOM   540  N  N   . THR A 1 70  ? 3.706   6.856   -9.105  1.00 16.68 ? 70  THR A N   1 
ATOM   541  C  CA  . THR A 1 70  ? 3.744   8.102   -9.812  1.00 14.60 ? 70  THR A CA  1 
ATOM   542  C  C   . THR A 1 70  ? 2.346   8.387   -10.410 1.00 14.10 ? 70  THR A C   1 
ATOM   543  O  O   . THR A 1 70  ? 2.078   9.440   -10.937 1.00 14.17 ? 70  THR A O   1 
ATOM   544  C  CB  . THR A 1 70  ? 4.816   7.836   -10.839 1.00 14.29 ? 70  THR A CB  1 
ATOM   545  O  OG1 . THR A 1 70  ? 6.077   8.431   -10.425 1.00 13.86 ? 70  THR A OG1 1 
ATOM   546  C  CG2 . THR A 1 70  ? 4.394   8.232   -12.153 1.00 13.09 ? 70  THR A CG2 1 
ATOM   547  N  N   . GLU A 1 71  ? 1.447   7.424   -10.311 1.00 13.38 ? 71  GLU A N   1 
ATOM   548  C  CA  . GLU A 1 71  ? 0.260   7.449   -11.114 1.00 13.67 ? 71  GLU A CA  1 
ATOM   549  C  C   . GLU A 1 71  ? -0.919  7.848   -10.226 1.00 14.08 ? 71  GLU A C   1 
ATOM   550  O  O   . GLU A 1 71  ? -1.300  7.091   -9.332  1.00 11.73 ? 71  GLU A O   1 
ATOM   551  C  CB  . GLU A 1 71  ? 0.062   6.043   -11.697 1.00 14.73 ? 71  GLU A CB  1 
ATOM   552  C  CG  . GLU A 1 71  ? -1.322  5.779   -12.307 1.00 15.17 ? 71  GLU A CG  1 
ATOM   553  C  CD  . GLU A 1 71  ? -1.449  6.547   -13.591 1.00 20.28 ? 71  GLU A CD  1 
ATOM   554  O  OE1 . GLU A 1 71  ? -2.125  7.602   -13.655 1.00 17.41 ? 71  GLU A OE1 1 
ATOM   555  O  OE2 . GLU A 1 71  ? -0.768  6.135   -14.537 1.00 23.39 ? 71  GLU A OE2 1 
ATOM   556  N  N   . SER A 1 72  ? -1.459  9.054   -10.472 1.00 14.66 ? 72  SER A N   1 
ATOM   557  C  CA  . SER A 1 72  ? -2.590  9.628   -9.734  1.00 13.89 ? 72  SER A CA  1 
ATOM   558  C  C   . SER A 1 72  ? -3.871  9.077   -10.297 1.00 14.86 ? 72  SER A C   1 
ATOM   559  O  O   . SER A 1 72  ? -3.995  8.932   -11.512 1.00 14.29 ? 72  SER A O   1 
ATOM   560  C  CB  . SER A 1 72  ? -2.653  11.142  -9.948  1.00 14.16 ? 72  SER A CB  1 
ATOM   561  O  OG  . SER A 1 72  ? -1.390  11.774  -9.810  1.00 11.00 ? 72  SER A OG  1 
ATOM   562  N  N   . TYR A 1 73  ? -4.851  8.824   -9.429  1.00 16.08 ? 73  TYR A N   1 
ATOM   563  C  CA  . TYR A 1 73  ? -6.068  8.180   -9.851  1.00 16.50 ? 73  TYR A CA  1 
ATOM   564  C  C   . TYR A 1 73  ? -7.361  8.835   -9.398  1.00 18.17 ? 73  TYR A C   1 
ATOM   565  O  O   . TYR A 1 73  ? -8.466  8.502   -9.916  1.00 19.70 ? 73  TYR A O   1 
ATOM   566  C  CB  . TYR A 1 73  ? -6.096  6.708   -9.458  1.00 15.76 ? 73  TYR A CB  1 
ATOM   567  C  CG  . TYR A 1 73  ? -5.620  6.413   -8.054  1.00 15.53 ? 73  TYR A CG  1 
ATOM   568  C  CD1 . TYR A 1 73  ? -6.335  6.852   -6.952  1.00 15.88 ? 73  TYR A CD1 1 
ATOM   569  C  CD2 . TYR A 1 73  ? -4.472  5.674   -7.832  1.00 15.27 ? 73  TYR A CD2 1 
ATOM   570  C  CE1 . TYR A 1 73  ? -5.926  6.596   -5.698  1.00 12.30 ? 73  TYR A CE1 1 
ATOM   571  C  CE2 . TYR A 1 73  ? -4.049  5.406   -6.551  1.00 13.08 ? 73  TYR A CE2 1 
ATOM   572  C  CZ  . TYR A 1 73  ? -4.791  5.881   -5.502  1.00 14.11 ? 73  TYR A CZ  1 
ATOM   573  O  OH  . TYR A 1 73  ? -4.410  5.611   -4.225  1.00 12.31 ? 73  TYR A OH  1 
ATOM   574  N  N   . SER A 1 74  ? -7.466  9.612   -8.397  1.00 17.65 ? 74  SER A N   1 
ATOM   575  C  CA  . SER A 1 74  ? -8.884  9.847   -8.165  1.00 19.81 ? 74  SER A CA  1 
ATOM   576  C  C   . SER A 1 74  ? -9.699  8.751   -7.470  1.00 18.96 ? 74  SER A C   1 
ATOM   577  O  O   . SER A 1 74  ? -10.467 8.025   -8.014  1.00 19.30 ? 74  SER A O   1 
ATOM   578  C  CB  . SER A 1 74  ? -9.589  10.038  -9.496  1.00 19.62 ? 74  SER A CB  1 
ATOM   579  O  OG  . SER A 1 74  ? -10.916 10.438  -9.302  1.00 22.62 ? 74  SER A OG  1 
ATOM   580  N  N   . TYR A 1 75  ? -9.776  8.961   -6.178  1.00 18.70 ? 75  TYR A N   1 
ATOM   581  C  CA  . TYR A 1 75  ? -10.688 8.283   -5.299  1.00 17.83 ? 75  TYR A CA  1 
ATOM   582  C  C   . TYR A 1 75  ? -11.505 9.210   -4.369  1.00 17.96 ? 75  TYR A C   1 
ATOM   583  O  O   . TYR A 1 75  ? -11.253 10.364  -4.242  1.00 17.66 ? 75  TYR A O   1 
ATOM   584  C  CB  . TYR A 1 75  ? -9.859  7.370   -4.426  1.00 17.95 ? 75  TYR A CB  1 
ATOM   585  C  CG  . TYR A 1 75  ? -9.164  8.113   -3.345  1.00 17.09 ? 75  TYR A CG  1 
ATOM   586  C  CD1 . TYR A 1 75  ? -8.215  9.054   -3.632  1.00 19.17 ? 75  TYR A CD1 1 
ATOM   587  C  CD2 . TYR A 1 75  ? -9.434  7.863   -2.048  1.00 16.27 ? 75  TYR A CD2 1 
ATOM   588  C  CE1 . TYR A 1 75  ? -7.576  9.703   -2.667  1.00 17.66 ? 75  TYR A CE1 1 
ATOM   589  C  CE2 . TYR A 1 75  ? -8.783  8.517   -1.084  1.00 18.20 ? 75  TYR A CE2 1 
ATOM   590  C  CZ  . TYR A 1 75  ? -7.866  9.440   -1.401  1.00 18.98 ? 75  TYR A CZ  1 
ATOM   591  O  OH  . TYR A 1 75  ? -7.225  10.106  -0.430  1.00 24.25 ? 75  TYR A OH  1 
ATOM   592  N  N   . SER A 1 76  ? -12.472 8.649   -3.679  1.00 18.55 ? 76  SER A N   1 
ATOM   593  C  CA  . SER A 1 76  ? -13.201 9.309   -2.613  1.00 19.17 ? 76  SER A CA  1 
ATOM   594  C  C   . SER A 1 76  ? -13.309 8.527   -1.317  1.00 19.82 ? 76  SER A C   1 
ATOM   595  O  O   . SER A 1 76  ? -13.262 7.328   -1.286  1.00 19.71 ? 76  SER A O   1 
ATOM   596  C  CB  . SER A 1 76  ? -14.591 9.726   -3.079  1.00 19.09 ? 76  SER A CB  1 
ATOM   597  O  OG  . SER A 1 76  ? -15.367 8.646   -3.507  1.00 18.54 ? 76  SER A OG  1 
ATOM   598  N  N   . CYS A 1 77  ? -13.419 9.248   -0.209  1.00 20.57 ? 77  CYS A N   1 
ATOM   599  C  CA  . CYS A 1 77  ? -13.438 8.591   1.090   1.00 21.29 ? 77  CYS A CA  1 
ATOM   600  C  C   . CYS A 1 77  ? -14.567 9.096   1.972   1.00 22.46 ? 77  CYS A C   1 
ATOM   601  O  O   . CYS A 1 77  ? -14.467 10.170  2.566   1.00 22.53 ? 77  CYS A O   1 
ATOM   602  C  CB  . CYS A 1 77  ? -12.095 8.780   1.802   1.00 21.30 ? 77  CYS A CB  1 
ATOM   603  S  SG  . CYS A 1 77  ? -11.882 7.755   3.276   1.00 20.64 ? 77  CYS A SG  1 
ATOM   604  N  N   . SER A 1 78  ? -15.642 8.320   2.064   1.00 23.48 ? 78  SER A N   1 
ATOM   605  C  CA  . SER A 1 78  ? -16.728 8.694   2.938   1.00 24.47 ? 78  SER A CA  1 
ATOM   606  C  C   . SER A 1 78  ? -16.804 7.819   4.196   1.00 24.69 ? 78  SER A C   1 
ATOM   607  O  O   . SER A 1 78  ? -17.370 6.704   4.209   1.00 24.82 ? 78  SER A O   1 
ATOM   608  C  CB  . SER A 1 78  ? -18.046 8.761   2.212   1.00 23.91 ? 78  SER A CB  1 
ATOM   609  O  OG  . SER A 1 78  ? -19.057 9.064   3.165   1.00 28.10 ? 78  SER A OG  1 
ATOM   610  N  N   . ASN A 1 79  ? -16.257 8.356   5.281   1.00 24.76 ? 79  ASN A N   1 
ATOM   611  C  CA  . ASN A 1 79  ? -16.347 7.722   6.590   1.00 24.42 ? 79  ASN A CA  1 
ATOM   612  C  C   . ASN A 1 79  ? -15.835 6.287   6.610   1.00 23.88 ? 79  ASN A C   1 
ATOM   613  O  O   . ASN A 1 79  ? -16.597 5.348   6.842   1.00 23.63 ? 79  ASN A O   1 
ATOM   614  C  CB  . ASN A 1 79  ? -17.786 7.769   7.108   1.00 24.65 ? 79  ASN A CB  1 
ATOM   615  C  CG  . ASN A 1 79  ? -18.790 7.278   6.084   1.00 25.16 ? 79  ASN A CG  1 
ATOM   616  O  OD1 . ASN A 1 79  ? -19.724 7.993   5.720   1.00 22.81 ? 79  ASN A OD1 1 
ATOM   617  N  ND2 . ASN A 1 79  ? -18.604 6.050   5.615   1.00 24.85 ? 79  ASN A ND2 1 
ATOM   618  N  N   . THR A 1 80  ? -14.538 6.124   6.371   1.00 23.16 ? 80  THR A N   1 
ATOM   619  C  CA  . THR A 1 80  ? -13.911 4.813   6.445   1.00 22.19 ? 80  THR A CA  1 
ATOM   620  C  C   . THR A 1 80  ? -14.337 3.907   5.298   1.00 21.99 ? 80  THR A C   1 
ATOM   621  O  O   . THR A 1 80  ? -14.336 2.683   5.436   1.00 22.99 ? 80  THR A O   1 
ATOM   622  C  CB  . THR A 1 80  ? -14.228 4.112   7.781   1.00 21.89 ? 80  THR A CB  1 
ATOM   623  O  OG1 . THR A 1 80  ? -13.474 4.723   8.835   1.00 21.02 ? 80  THR A OG1 1 
ATOM   624  C  CG2 . THR A 1 80  ? -13.879 2.633   7.703   1.00 21.53 ? 80  THR A CG2 1 
ATOM   625  N  N   . GLU A 1 81  ? -14.701 4.503   4.167   1.00 21.49 ? 81  GLU A N   1 
ATOM   626  C  CA  . GLU A 1 81  ? -15.095 3.702   3.012   1.00 21.37 ? 81  GLU A CA  1 
ATOM   627  C  C   . GLU A 1 81  ? -14.346 4.286   1.846   1.00 20.19 ? 81  GLU A C   1 
ATOM   628  O  O   . GLU A 1 81  ? -14.668 5.385   1.364   1.00 21.54 ? 81  GLU A O   1 
ATOM   629  C  CB  . GLU A 1 81  ? -16.592 3.575   2.658   1.00 22.33 ? 81  GLU A CB  1 
ATOM   630  C  CG  . GLU A 1 81  ? -17.454 2.657   3.594   1.00 27.30 ? 81  GLU A CG  1 
ATOM   631  C  CD  . GLU A 1 81  ? -16.828 1.262   3.939   1.00 33.94 ? 81  GLU A CD  1 
ATOM   632  O  OE1 . GLU A 1 81  ? -17.126 0.726   5.057   1.00 33.50 ? 81  GLU A OE1 1 
ATOM   633  O  OE2 . GLU A 1 81  ? -16.036 0.703   3.100   1.00 36.51 ? 81  GLU A OE2 1 
ATOM   634  N  N   . ILE A 1 82  ? -13.363 3.558   1.353   1.00 18.45 ? 82  ILE A N   1 
ATOM   635  C  CA  . ILE A 1 82  ? -12.660 4.028   0.156   1.00 16.85 ? 82  ILE A CA  1 
ATOM   636  C  C   . ILE A 1 82  ? -13.464 3.643   -1.098  1.00 17.09 ? 82  ILE A C   1 
ATOM   637  O  O   . ILE A 1 82  ? -14.061 2.569   -1.157  1.00 17.85 ? 82  ILE A O   1 
ATOM   638  C  CB  . ILE A 1 82  ? -11.230 3.509   0.141   1.00 15.79 ? 82  ILE A CB  1 
ATOM   639  C  CG1 . ILE A 1 82  ? -10.552 3.895   1.450   1.00 13.59 ? 82  ILE A CG1 1 
ATOM   640  C  CG2 . ILE A 1 82  ? -10.468 4.159   -0.909  1.00 14.40 ? 82  ILE A CG2 1 
ATOM   641  C  CD1 . ILE A 1 82  ? -9.321  3.138   1.716   1.00 10.00 ? 82  ILE A CD1 1 
ATOM   642  N  N   . THR A 1 83  ? -13.564 4.542   -2.064  1.00 16.89 ? 83  THR A N   1 
ATOM   643  C  CA  . THR A 1 83  ? -14.180 4.213   -3.336  1.00 16.61 ? 83  THR A CA  1 
ATOM   644  C  C   . THR A 1 83  ? -13.263 4.624   -4.497  1.00 16.88 ? 83  THR A C   1 
ATOM   645  O  O   . THR A 1 83  ? -12.896 5.789   -4.597  1.00 18.41 ? 83  THR A O   1 
ATOM   646  C  CB  . THR A 1 83  ? -15.550 4.899   -3.468  1.00 17.29 ? 83  THR A CB  1 
ATOM   647  O  OG1 . THR A 1 83  ? -16.384 4.600   -2.309  1.00 17.22 ? 83  THR A OG1 1 
ATOM   648  C  CG2 . THR A 1 83  ? -16.247 4.442   -4.779  1.00 17.05 ? 83  THR A CG2 1 
ATOM   649  N  N   . CYS A 1 84  ? -12.843 3.676   -5.345  1.00 15.85 ? 84  CYS A N   1 
ATOM   650  C  CA  . CYS A 1 84  ? -12.088 3.999   -6.547  1.00 14.14 ? 84  CYS A CA  1 
ATOM   651  C  C   . CYS A 1 84  ? -13.055 4.389   -7.647  1.00 14.38 ? 84  CYS A C   1 
ATOM   652  O  O   . CYS A 1 84  ? -13.888 3.593   -8.107  1.00 14.18 ? 84  CYS A O   1 
ATOM   653  C  CB  . CYS A 1 84  ? -11.276 2.806   -7.018  1.00 14.08 ? 84  CYS A CB  1 
ATOM   654  S  SG  . CYS A 1 84  ? -9.831  2.462   -5.988  1.00 13.96 ? 84  CYS A SG  1 
ATOM   655  N  N   . ASN A 1 85  ? -12.950 5.627   -8.076  1.00 14.59 ? 85  ASN A N   1 
ATOM   656  C  CA  . ASN A 1 85  ? -13.679 6.123   -9.231  1.00 14.38 ? 85  ASN A CA  1 
ATOM   657  C  C   . ASN A 1 85  ? -13.620 5.156   -10.364 1.00 14.01 ? 85  ASN A C   1 
ATOM   658  O  O   . ASN A 1 85  ? -12.531 4.688   -10.699 1.00 12.55 ? 85  ASN A O   1 
ATOM   659  C  CB  . ASN A 1 85  ? -12.973 7.337   -9.730  1.00 15.13 ? 85  ASN A CB  1 
ATOM   660  C  CG  . ASN A 1 85  ? -13.910 8.368   -10.179 1.00 16.30 ? 85  ASN A CG  1 
ATOM   661  O  OD1 . ASN A 1 85  ? -14.859 8.085   -10.900 1.00 18.10 ? 85  ASN A OD1 1 
ATOM   662  N  ND2 . ASN A 1 85  ? -13.663 9.592   -9.755  1.00 17.89 ? 85  ASN A ND2 1 
ATOM   663  N  N   . SER A 1 86  ? -14.783 4.905   -10.977 1.00 14.08 ? 86  SER A N   1 
ATOM   664  C  CA  . SER A 1 86  ? -14.946 3.918   -12.061 1.00 13.66 ? 86  SER A CA  1 
ATOM   665  C  C   . SER A 1 86  ? -14.381 4.505   -13.376 1.00 13.77 ? 86  SER A C   1 
ATOM   666  O  O   . SER A 1 86  ? -14.048 3.800   -14.324 1.00 14.42 ? 86  SER A O   1 
ATOM   667  C  CB  . SER A 1 86  ? -16.433 3.546   -12.190 1.00 13.08 ? 86  SER A CB  1 
ATOM   668  O  OG  . SER A 1 86  ? -17.214 4.729   -12.356 1.00 13.92 ? 86  SER A OG  1 
ATOM   669  N  N   . LYS A 1 87  ? -14.266 5.821   -13.404 1.00 13.42 ? 87  LYS A N   1 
ATOM   670  C  CA  . LYS A 1 87  ? -13.743 6.519   -14.532 1.00 13.03 ? 87  LYS A CA  1 
ATOM   671  C  C   . LYS A 1 87  ? -12.181 6.568   -14.509 1.00 13.27 ? 87  LYS A C   1 
ATOM   672  O  O   . LYS A 1 87  ? -11.557 7.171   -15.383 1.00 13.38 ? 87  LYS A O   1 
ATOM   673  C  CB  . LYS A 1 87  ? -14.351 7.926   -14.541 1.00 12.95 ? 87  LYS A CB  1 
ATOM   674  C  CG  . LYS A 1 87  ? -15.802 8.009   -15.006 1.00 10.83 ? 87  LYS A CG  1 
ATOM   675  C  CD  . LYS A 1 87  ? -16.373 9.382   -14.626 1.00 15.07 ? 87  LYS A CD  1 
ATOM   676  C  CE  . LYS A 1 87  ? -17.010 9.303   -13.205 1.00 21.91 ? 87  LYS A CE  1 
ATOM   677  N  NZ  . LYS A 1 87  ? -16.849 10.488  -12.275 1.00 23.67 ? 87  LYS A NZ  1 
ATOM   678  N  N   . ASN A 1 88  ? -11.540 5.949   -13.524 1.00 12.70 ? 88  ASN A N   1 
ATOM   679  C  CA  . ASN A 1 88  ? -10.099 5.655   -13.646 1.00 12.50 ? 88  ASN A CA  1 
ATOM   680  C  C   . ASN A 1 88  ? -9.830  4.836   -14.899 1.00 12.73 ? 88  ASN A C   1 
ATOM   681  O  O   . ASN A 1 88  ? -10.628 3.979   -15.200 1.00 12.91 ? 88  ASN A O   1 
ATOM   682  C  CB  . ASN A 1 88  ? -9.632  4.877   -12.406 1.00 12.43 ? 88  ASN A CB  1 
ATOM   683  C  CG  . ASN A 1 88  ? -9.512  5.790   -11.170 1.00 11.87 ? 88  ASN A CG  1 
ATOM   684  O  OD1 . ASN A 1 88  ? -9.609  5.327   -10.018 1.00 11.89 ? 88  ASN A OD1 1 
ATOM   685  N  ND2 . ASN A 1 88  ? -9.378  7.102   -11.417 1.00 10.00 ? 88  ASN A ND2 1 
ATOM   686  N  N   . ASN A 1 89  ? -8.769  5.115   -15.671 1.00 13.06 ? 89  ASN A N   1 
ATOM   687  C  CA  . ASN A 1 89  ? -8.386  4.197   -16.772 1.00 12.17 ? 89  ASN A CA  1 
ATOM   688  C  C   . ASN A 1 89  ? -7.927  2.891   -16.168 1.00 12.62 ? 89  ASN A C   1 
ATOM   689  O  O   . ASN A 1 89  ? -7.702  2.822   -14.943 1.00 12.90 ? 89  ASN A O   1 
ATOM   690  C  CB  . ASN A 1 89  ? -7.326  4.778   -17.772 1.00 12.41 ? 89  ASN A CB  1 
ATOM   691  C  CG  . ASN A 1 89  ? -5.914  4.928   -17.184 1.00 10.29 ? 89  ASN A CG  1 
ATOM   692  O  OD1 . ASN A 1 89  ? -5.378  4.019   -16.511 1.00 10.00 ? 89  ASN A OD1 1 
ATOM   693  N  ND2 . ASN A 1 89  ? -5.309  6.096   -17.416 1.00 10.00 ? 89  ASN A ND2 1 
ATOM   694  N  N   . ALA A 1 90  ? -7.778  1.865   -17.008 1.00 12.85 ? 90  ALA A N   1 
ATOM   695  C  CA  . ALA A 1 90  ? -7.461  0.524   -16.501 1.00 13.28 ? 90  ALA A CA  1 
ATOM   696  C  C   . ALA A 1 90  ? -6.239  0.483   -15.587 1.00 13.32 ? 90  ALA A C   1 
ATOM   697  O  O   . ALA A 1 90  ? -6.282  -0.191  -14.564 1.00 13.90 ? 90  ALA A O   1 
ATOM   698  C  CB  . ALA A 1 90  ? -7.336  -0.488  -17.649 1.00 12.43 ? 90  ALA A CB  1 
ATOM   699  N  N   . CYS A 1 91  ? -5.160  1.184   -15.940 1.00 13.68 ? 91  CYS A N   1 
ATOM   700  C  CA  . CYS A 1 91  ? -3.940  1.143   -15.140 1.00 15.08 ? 91  CYS A CA  1 
ATOM   701  C  C   . CYS A 1 91  ? -4.098  1.885   -13.817 1.00 15.36 ? 91  CYS A C   1 
ATOM   702  O  O   . CYS A 1 91  ? -3.610  1.395   -12.785 1.00 17.04 ? 91  CYS A O   1 
ATOM   703  C  CB  . CYS A 1 91  ? -2.783  1.806   -15.868 1.00 15.90 ? 91  CYS A CB  1 
ATOM   704  S  SG  . CYS A 1 91  ? -2.498  1.152   -17.512 1.00 19.96 ? 91  CYS A SG  1 
ATOM   705  N  N   . GLU A 1 92  ? -4.698  3.085   -13.863 1.00 13.46 ? 92  GLU A N   1 
ATOM   706  C  CA  . GLU A 1 92  ? -5.083  3.840   -12.676 1.00 11.95 ? 92  GLU A CA  1 
ATOM   707  C  C   . GLU A 1 92  ? -6.025  3.043   -11.753 1.00 12.52 ? 92  GLU A C   1 
ATOM   708  O  O   . GLU A 1 92  ? -5.841  3.041   -10.512 1.00 12.60 ? 92  GLU A O   1 
ATOM   709  C  CB  . GLU A 1 92  ? -5.779  5.136   -13.097 1.00 11.30 ? 92  GLU A CB  1 
ATOM   710  C  CG  . GLU A 1 92  ? -4.948  6.054   -13.978 1.00 10.29 ? 92  GLU A CG  1 
ATOM   711  C  CD  . GLU A 1 92  ? -5.685  7.278   -14.439 1.00 13.45 ? 92  GLU A CD  1 
ATOM   712  O  OE1 . GLU A 1 92  ? -5.014  8.325   -14.624 1.00 14.39 ? 92  GLU A OE1 1 
ATOM   713  O  OE2 . GLU A 1 92  ? -6.936  7.228   -14.622 1.00 12.55 ? 92  GLU A OE2 1 
ATOM   714  N  N   . ALA A 1 93  ? -7.048  2.401   -12.332 1.00 10.96 ? 93  ALA A N   1 
ATOM   715  C  CA  . ALA A 1 93  ? -7.957  1.541   -11.533 1.00 11.60 ? 93  ALA A CA  1 
ATOM   716  C  C   . ALA A 1 93  ? -7.190  0.408   -10.829 1.00 12.95 ? 93  ALA A C   1 
ATOM   717  O  O   . ALA A 1 93  ? -7.458  0.108   -9.668  1.00 14.08 ? 93  ALA A O   1 
ATOM   718  C  CB  . ALA A 1 93  ? -9.071  0.955   -12.397 1.00 10.06 ? 93  ALA A CB  1 
ATOM   719  N  N   . PHE A 1 94  ? -6.215  -0.203  -11.521 1.00 13.28 ? 94  PHE A N   1 
ATOM   720  C  CA  . PHE A 1 94  ? -5.472  -1.288  -10.952 1.00 13.47 ? 94  PHE A CA  1 
ATOM   721  C  C   . PHE A 1 94  ? -4.649  -0.731  -9.840  1.00 13.50 ? 94  PHE A C   1 
ATOM   722  O  O   . PHE A 1 94  ? -4.710  -1.235  -8.721  1.00 12.87 ? 94  PHE A O   1 
ATOM   723  C  CB  . PHE A 1 94  ? -4.577  -1.887  -11.978 1.00 14.07 ? 94  PHE A CB  1 
ATOM   724  C  CG  . PHE A 1 94  ? -3.913  -3.169  -11.535 1.00 17.76 ? 94  PHE A CG  1 
ATOM   725  C  CD1 . PHE A 1 94  ? -2.904  -3.172  -10.558 1.00 17.62 ? 94  PHE A CD1 1 
ATOM   726  C  CD2 . PHE A 1 94  ? -4.272  -4.393  -12.119 1.00 20.88 ? 94  PHE A CD2 1 
ATOM   727  C  CE1 . PHE A 1 94  ? -2.273  -4.396  -10.168 1.00 19.80 ? 94  PHE A CE1 1 
ATOM   728  C  CE2 . PHE A 1 94  ? -3.644  -5.619  -11.723 1.00 19.08 ? 94  PHE A CE2 1 
ATOM   729  C  CZ  . PHE A 1 94  ? -2.662  -5.607  -10.745 1.00 18.14 ? 94  PHE A CZ  1 
ATOM   730  N  N   . ILE A 1 95  ? -3.864  0.309   -10.123 1.00 14.38 ? 95  ILE A N   1 
ATOM   731  C  CA  . ILE A 1 95  ? -3.108  0.961   -9.025  1.00 14.74 ? 95  ILE A CA  1 
ATOM   732  C  C   . ILE A 1 95  ? -4.100  1.329   -7.898  1.00 16.04 ? 95  ILE A C   1 
ATOM   733  O  O   . ILE A 1 95  ? -3.922  0.874   -6.760  1.00 16.51 ? 95  ILE A O   1 
ATOM   734  C  CB  . ILE A 1 95  ? -2.336  2.216   -9.452  1.00 15.15 ? 95  ILE A CB  1 
ATOM   735  C  CG1 . ILE A 1 95  ? -1.288  1.888   -10.529 1.00 14.11 ? 95  ILE A CG1 1 
ATOM   736  C  CG2 . ILE A 1 95  ? -1.692  2.940   -8.231  1.00 12.95 ? 95  ILE A CG2 1 
ATOM   737  C  CD1 . ILE A 1 95  ? -0.584  0.646   -10.230 1.00 12.67 ? 95  ILE A CD1 1 
ATOM   738  N  N   . CYS A 1 96  ? -5.163  2.075   -8.196  1.00 15.39 ? 96  CYS A N   1 
ATOM   739  C  CA  . CYS A 1 96  ? -6.116  2.439   -7.147  1.00 15.88 ? 96  CYS A CA  1 
ATOM   740  C  C   . CYS A 1 96  ? -6.465  1.235   -6.210  1.00 17.01 ? 96  CYS A C   1 
ATOM   741  O  O   . CYS A 1 96  ? -6.304  1.321   -4.990  1.00 17.59 ? 96  CYS A O   1 
ATOM   742  C  CB  . CYS A 1 96  ? -7.389  3.087   -7.765  1.00 15.83 ? 96  CYS A CB  1 
ATOM   743  S  SG  . CYS A 1 96  ? -8.499  3.920   -6.572  1.00 16.19 ? 96  CYS A SG  1 
ATOM   744  N  N   . ASN A 1 97  ? -6.892  0.109   -6.786  1.00 17.29 ? 97  ASN A N   1 
ATOM   745  C  CA  . ASN A 1 97  ? -7.269  -1.070  -6.041  1.00 17.67 ? 97  ASN A CA  1 
ATOM   746  C  C   . ASN A 1 97  ? -6.154  -1.706  -5.253  1.00 17.60 ? 97  ASN A C   1 
ATOM   747  O  O   . ASN A 1 97  ? -6.422  -2.352  -4.237  1.00 18.51 ? 97  ASN A O   1 
ATOM   748  C  CB  . ASN A 1 97  ? -7.842  -2.124  -6.987  1.00 18.83 ? 97  ASN A CB  1 
ATOM   749  C  CG  . ASN A 1 97  ? -9.254  -1.770  -7.482  1.00 22.94 ? 97  ASN A CG  1 
ATOM   750  O  OD1 . ASN A 1 97  ? -9.505  -1.769  -8.695  1.00 29.41 ? 97  ASN A OD1 1 
ATOM   751  N  ND2 . ASN A 1 97  ? -10.166 -1.425  -6.555  1.00 23.72 ? 97  ASN A ND2 1 
ATOM   752  N  N   . CYS A 1 98  ? -4.912  -1.598  -5.714  1.00 16.66 ? 98  CYS A N   1 
ATOM   753  C  CA  . CYS A 1 98  ? -3.812  -2.038  -4.858  1.00 16.68 ? 98  CYS A CA  1 
ATOM   754  C  C   . CYS A 1 98  ? -3.814  -1.210  -3.584  1.00 16.91 ? 98  CYS A C   1 
ATOM   755  O  O   . CYS A 1 98  ? -3.692  -1.765  -2.509  1.00 18.15 ? 98  CYS A O   1 
ATOM   756  C  CB  . CYS A 1 98  ? -2.431  -1.858  -5.508  1.00 16.61 ? 98  CYS A CB  1 
ATOM   757  S  SG  . CYS A 1 98  ? -2.173  -2.753  -6.995  1.00 14.75 ? 98  CYS A SG  1 
ATOM   758  N  N   . ASP A 1 99  ? -3.909  0.121   -3.708  1.00 16.72 ? 99  ASP A N   1 
ATOM   759  C  CA  . ASP A 1 99  ? -3.800  1.025   -2.543  1.00 15.99 ? 99  ASP A CA  1 
ATOM   760  C  C   . ASP A 1 99  ? -4.980  0.765   -1.638  1.00 16.24 ? 99  ASP A C   1 
ATOM   761  O  O   . ASP A 1 99  ? -4.816  0.603   -0.424  1.00 17.29 ? 99  ASP A O   1 
ATOM   762  C  CB  . ASP A 1 99  ? -3.747  2.515   -2.939  1.00 14.82 ? 99  ASP A CB  1 
ATOM   763  C  CG  . ASP A 1 99  ? -2.404  2.913   -3.565  1.00 14.82 ? 99  ASP A CG  1 
ATOM   764  O  OD1 . ASP A 1 99  ? -2.227  4.118   -3.884  1.00 11.43 ? 99  ASP A OD1 1 
ATOM   765  O  OD2 . ASP A 1 99  ? -1.531  2.017   -3.781  1.00 10.59 ? 99  ASP A OD2 1 
ATOM   766  N  N   . ARG A 1 100 ? -6.163  0.672   -2.189  1.00 15.52 ? 100 ARG A N   1 
ATOM   767  C  CA  . ARG A 1 100 ? -7.366  0.528   -1.398  1.00 16.26 ? 100 ARG A CA  1 
ATOM   768  C  C   . ARG A 1 100 ? -7.406  -0.765  -0.614  1.00 16.98 ? 100 ARG A C   1 
ATOM   769  O  O   . ARG A 1 100 ? -7.645  -0.759  0.555   1.00 18.09 ? 100 ARG A O   1 
ATOM   770  C  CB  . ARG A 1 100 ? -8.602  0.724   -2.278  1.00 16.98 ? 100 ARG A CB  1 
ATOM   771  C  CG  . ARG A 1 100 ? -9.876  0.092   -1.851  1.00 16.29 ? 100 ARG A CG  1 
ATOM   772  C  CD  . ARG A 1 100 ? -10.493 -0.596  -3.014  1.00 19.74 ? 100 ARG A CD  1 
ATOM   773  N  NE  . ARG A 1 100 ? -11.613 -1.427  -2.628  1.00 25.64 ? 100 ARG A NE  1 
ATOM   774  C  CZ  . ARG A 1 100 ? -12.579 -0.998  -1.855  1.00 25.85 ? 100 ARG A CZ  1 
ATOM   775  N  NH1 . ARG A 1 100 ? -12.522 0.221   -1.408  1.00 28.62 ? 100 ARG A NH1 1 
ATOM   776  N  NH2 . ARG A 1 100 ? -13.568 -1.776  -1.525  1.00 24.54 ? 100 ARG A NH2 1 
ATOM   777  N  N   . ASN A 1 101 ? -7.135  -1.859  -1.285  1.00 16.02 ? 101 ASN A N   1 
ATOM   778  C  CA  . ASN A 1 101 ? -6.991  -3.156  -0.665  1.00 14.89 ? 101 ASN A CA  1 
ATOM   779  C  C   . ASN A 1 101 ? -5.947  -3.127  0.423   1.00 15.51 ? 101 ASN A C   1 
ATOM   780  O  O   . ASN A 1 101 ? -6.121  -3.739  1.486   1.00 15.76 ? 101 ASN A O   1 
ATOM   781  C  CB  . ASN A 1 101 ? -6.615  -4.180  -1.712  1.00 15.10 ? 101 ASN A CB  1 
ATOM   782  C  CG  . ASN A 1 101 ? -7.789  -4.545  -2.615  1.00 16.21 ? 101 ASN A CG  1 
ATOM   783  O  OD1 . ASN A 1 101 ? -8.939  -4.344  -2.261  1.00 19.13 ? 101 ASN A OD1 1 
ATOM   784  N  ND2 . ASN A 1 101 ? -7.498  -5.074  -3.786  1.00 17.54 ? 101 ASN A ND2 1 
ATOM   785  N  N   . ALA A 1 102 ? -4.857  -2.411  0.202   1.00 15.34 ? 102 ALA A N   1 
ATOM   786  C  CA  . ALA A 1 102 ? -3.851  -2.346  1.252   1.00 15.44 ? 102 ALA A CA  1 
ATOM   787  C  C   . ALA A 1 102 ? -4.376  -1.507  2.427   1.00 16.17 ? 102 ALA A C   1 
ATOM   788  O  O   . ALA A 1 102 ? -4.207  -1.907  3.572   1.00 17.14 ? 102 ALA A O   1 
ATOM   789  C  CB  . ALA A 1 102 ? -2.578  -1.804  0.731   1.00 15.01 ? 102 ALA A CB  1 
ATOM   790  N  N   . ALA A 1 103 ? -5.055  -0.377  2.176   1.00 16.42 ? 103 ALA A N   1 
ATOM   791  C  CA  . ALA A 1 103 ? -5.596  0.402   3.288   1.00 15.78 ? 103 ALA A CA  1 
ATOM   792  C  C   . ALA A 1 103 ? -6.684  -0.383  4.053   1.00 16.67 ? 103 ALA A C   1 
ATOM   793  O  O   . ALA A 1 103 ? -6.690  -0.395  5.291   1.00 18.31 ? 103 ALA A O   1 
ATOM   794  C  CB  . ALA A 1 103 ? -6.089  1.706   2.815   1.00 16.24 ? 103 ALA A CB  1 
ATOM   795  N  N   . ILE A 1 104 ? -7.595  -1.057  3.342   1.00 16.20 ? 104 ILE A N   1 
ATOM   796  C  CA  . ILE A 1 104 ? -8.612  -1.896  3.983   1.00 15.38 ? 104 ILE A CA  1 
ATOM   797  C  C   . ILE A 1 104 ? -7.845  -2.940  4.836   1.00 16.31 ? 104 ILE A C   1 
ATOM   798  O  O   . ILE A 1 104 ? -8.159  -3.122  6.019   1.00 17.15 ? 104 ILE A O   1 
ATOM   799  C  CB  . ILE A 1 104 ? -9.598  -2.534  2.914   1.00 15.29 ? 104 ILE A CB  1 
ATOM   800  C  CG1 . ILE A 1 104 ? -10.626 -1.522  2.415   1.00 14.45 ? 104 ILE A CG1 1 
ATOM   801  C  CG2 . ILE A 1 104 ? -10.353 -3.752  3.452   1.00 12.24 ? 104 ILE A CG2 1 
ATOM   802  C  CD1 . ILE A 1 104 ? -11.268 -1.954  1.132   1.00 13.36 ? 104 ILE A CD1 1 
ATOM   803  N  N   . CYS A 1 105 ? -6.820  -3.576  4.237   1.00 15.71 ? 105 CYS A N   1 
ATOM   804  C  CA  . CYS A 1 105 ? -5.955  -4.574  4.896   1.00 14.71 ? 105 CYS A CA  1 
ATOM   805  C  C   . CYS A 1 105 ? -5.294  -4.050  6.174   1.00 15.03 ? 105 CYS A C   1 
ATOM   806  O  O   . CYS A 1 105 ? -5.444  -4.655  7.230   1.00 15.44 ? 105 CYS A O   1 
ATOM   807  C  CB  . CYS A 1 105 ? -4.888  -5.066  3.929   1.00 14.42 ? 105 CYS A CB  1 
ATOM   808  S  SG  . CYS A 1 105 ? -4.178  -6.704  4.287   1.00 13.62 ? 105 CYS A SG  1 
ATOM   809  N  N   . PHE A 1 106 ? -4.599  -2.911  6.102   1.00 15.20 ? 106 PHE A N   1 
ATOM   810  C  CA  . PHE A 1 106 ? -4.000  -2.327  7.303   1.00 14.42 ? 106 PHE A CA  1 
ATOM   811  C  C   . PHE A 1 106 ? -5.066  -2.098  8.371   1.00 15.37 ? 106 PHE A C   1 
ATOM   812  O  O   . PHE A 1 106 ? -4.806  -2.362  9.539   1.00 15.78 ? 106 PHE A O   1 
ATOM   813  C  CB  . PHE A 1 106 ? -3.327  -0.992  7.031   1.00 13.78 ? 106 PHE A CB  1 
ATOM   814  C  CG  . PHE A 1 106 ? -2.180  -1.035  6.057   1.00 12.51 ? 106 PHE A CG  1 
ATOM   815  C  CD1 . PHE A 1 106 ? -1.713  -2.220  5.500   1.00 10.00 ? 106 PHE A CD1 1 
ATOM   816  C  CD2 . PHE A 1 106 ? -1.557  0.169   5.696   1.00 11.01 ? 106 PHE A CD2 1 
ATOM   817  C  CE1 . PHE A 1 106 ? -0.657  -2.193  4.586   1.00 10.57 ? 106 PHE A CE1 1 
ATOM   818  C  CE2 . PHE A 1 106 ? -0.493  0.209   4.808   1.00 10.61 ? 106 PHE A CE2 1 
ATOM   819  C  CZ  . PHE A 1 106 ? -0.019  -0.968  4.256   1.00 10.96 ? 106 PHE A CZ  1 
ATOM   820  N  N   . SER A 1 107 ? -6.258  -1.618  7.993   1.00 15.99 ? 107 SER A N   1 
ATOM   821  C  CA  . SER A 1 107 ? -7.280  -1.304  9.004   1.00 16.97 ? 107 SER A CA  1 
ATOM   822  C  C   . SER A 1 107 ? -7.629  -2.497  9.875   1.00 17.68 ? 107 SER A C   1 
ATOM   823  O  O   . SER A 1 107 ? -8.069  -2.326  11.013  1.00 17.59 ? 107 SER A O   1 
ATOM   824  C  CB  . SER A 1 107 ? -8.558  -0.685  8.396   1.00 17.26 ? 107 SER A CB  1 
ATOM   825  O  OG  . SER A 1 107 ? -9.364  -1.608  7.673   1.00 16.93 ? 107 SER A OG  1 
ATOM   826  N  N   . LYS A 1 108 ? -7.401  -3.697  9.333   1.00 18.55 ? 108 LYS A N   1 
ATOM   827  C  CA  . LYS A 1 108 ? -7.831  -4.952  9.950   1.00 18.95 ? 108 LYS A CA  1 
ATOM   828  C  C   . LYS A 1 108 ? -6.688  -5.824  10.446  1.00 19.21 ? 108 LYS A C   1 
ATOM   829  O  O   . LYS A 1 108 ? -6.937  -6.788  11.125  1.00 19.96 ? 108 LYS A O   1 
ATOM   830  C  CB  . LYS A 1 108 ? -8.722  -5.742  8.982   1.00 18.72 ? 108 LYS A CB  1 
ATOM   831  C  CG  . LYS A 1 108 ? -10.148 -5.229  8.968   1.00 19.07 ? 108 LYS A CG  1 
ATOM   832  C  CD  . LYS A 1 108 ? -10.873 -5.575  7.686   1.00 20.82 ? 108 LYS A CD  1 
ATOM   833  C  CE  . LYS A 1 108 ? -12.294 -4.948  7.660   1.00 24.46 ? 108 LYS A CE  1 
ATOM   834  N  NZ  . LYS A 1 108 ? -12.453 -3.563  8.245   1.00 23.67 ? 108 LYS A NZ  1 
ATOM   835  N  N   . ALA A 1 109 ? -5.445  -5.512  10.105  1.00 19.41 ? 109 ALA A N   1 
ATOM   836  C  CA  . ALA A 1 109 ? -4.300  -6.210  10.721  1.00 19.58 ? 109 ALA A CA  1 
ATOM   837  C  C   . ALA A 1 109 ? -4.094  -5.718  12.135  1.00 20.21 ? 109 ALA A C   1 
ATOM   838  O  O   . ALA A 1 109 ? -4.419  -4.548  12.449  1.00 20.30 ? 109 ALA A O   1 
ATOM   839  C  CB  . ALA A 1 109 ? -3.074  -5.973  9.965   1.00 18.74 ? 109 ALA A CB  1 
ATOM   840  N  N   . PRO A 1 110 ? -3.620  -6.618  13.013  1.00 20.65 ? 110 PRO A N   1 
ATOM   841  C  CA  . PRO A 1 110 ? -3.141  -6.175  14.306  1.00 21.22 ? 110 PRO A CA  1 
ATOM   842  C  C   . PRO A 1 110 ? -1.855  -5.411  14.094  1.00 21.53 ? 110 PRO A C   1 
ATOM   843  O  O   . PRO A 1 110 ? -1.062  -5.794  13.222  1.00 22.95 ? 110 PRO A O   1 
ATOM   844  C  CB  . PRO A 1 110 ? -2.870  -7.493  15.072  1.00 21.02 ? 110 PRO A CB  1 
ATOM   845  C  CG  . PRO A 1 110 ? -3.061  -8.587  14.130  1.00 20.43 ? 110 PRO A CG  1 
ATOM   846  C  CD  . PRO A 1 110 ? -3.895  -8.066  13.004  1.00 21.01 ? 110 PRO A CD  1 
ATOM   847  N  N   . TYR A 1 111 ? -1.664  -4.337  14.856  1.00 21.24 ? 111 TYR A N   1 
ATOM   848  C  CA  . TYR A 1 111 ? -0.441  -3.565  14.802  1.00 21.02 ? 111 TYR A CA  1 
ATOM   849  C  C   . TYR A 1 111 ? 0.365   -3.990  15.962  1.00 21.69 ? 111 TYR A C   1 
ATOM   850  O  O   . TYR A 1 111 ? -0.105  -3.887  17.079  1.00 22.34 ? 111 TYR A O   1 
ATOM   851  C  CB  . TYR A 1 111 ? -0.707  -2.072  14.954  1.00 20.86 ? 111 TYR A CB  1 
ATOM   852  C  CG  . TYR A 1 111 ? 0.517   -1.226  14.648  1.00 20.61 ? 111 TYR A CG  1 
ATOM   853  C  CD1 . TYR A 1 111 ? 1.397   -0.821  15.667  1.00 18.61 ? 111 TYR A CD1 1 
ATOM   854  C  CD2 . TYR A 1 111 ? 0.814   -0.851  13.319  1.00 19.63 ? 111 TYR A CD2 1 
ATOM   855  C  CE1 . TYR A 1 111 ? 2.539   -0.055  15.366  1.00 18.30 ? 111 TYR A CE1 1 
ATOM   856  C  CE2 . TYR A 1 111 ? 1.954   -0.094  13.019  1.00 20.11 ? 111 TYR A CE2 1 
ATOM   857  C  CZ  . TYR A 1 111 ? 2.806   0.297   14.051  1.00 19.92 ? 111 TYR A CZ  1 
ATOM   858  O  OH  . TYR A 1 111 ? 3.902   1.065   13.737  1.00 22.44 ? 111 TYR A OH  1 
ATOM   859  N  N   . ASN A 1 112 ? 1.574   -4.487  15.712  1.00 22.86 ? 112 ASN A N   1 
ATOM   860  C  CA  . ASN A 1 112 ? 2.501   -4.888  16.791  1.00 23.10 ? 112 ASN A CA  1 
ATOM   861  C  C   . ASN A 1 112 ? 3.641   -3.909  16.850  1.00 24.04 ? 112 ASN A C   1 
ATOM   862  O  O   . ASN A 1 112 ? 4.384   -3.752  15.881  1.00 23.77 ? 112 ASN A O   1 
ATOM   863  C  CB  . ASN A 1 112 ? 3.048   -6.286  16.562  1.00 22.19 ? 112 ASN A CB  1 
ATOM   864  C  CG  . ASN A 1 112 ? 2.011   -7.344  16.757  1.00 21.65 ? 112 ASN A CG  1 
ATOM   865  O  OD1 . ASN A 1 112 ? 1.567   -7.589  17.877  1.00 24.00 ? 112 ASN A OD1 1 
ATOM   866  N  ND2 . ASN A 1 112 ? 1.626   -7.998  15.677  1.00 18.71 ? 112 ASN A ND2 1 
ATOM   867  N  N   . LYS A 1 113 ? 3.760   -3.222  17.976  1.00 25.68 ? 113 LYS A N   1 
ATOM   868  C  CA  . LYS A 1 113 ? 4.794   -2.211  18.107  1.00 27.62 ? 113 LYS A CA  1 
ATOM   869  C  C   . LYS A 1 113 ? 6.156   -2.836  17.840  1.00 28.12 ? 113 LYS A C   1 
ATOM   870  O  O   . LYS A 1 113 ? 6.970   -2.255  17.121  1.00 28.69 ? 113 LYS A O   1 
ATOM   871  C  CB  . LYS A 1 113 ? 4.728   -1.493  19.466  1.00 27.91 ? 113 LYS A CB  1 
ATOM   872  C  CG  . LYS A 1 113 ? 4.098   -0.056  19.373  1.00 30.22 ? 113 LYS A CG  1 
ATOM   873  C  CD  . LYS A 1 113 ? 4.102   0.713   20.720  1.00 31.61 ? 113 LYS A CD  1 
ATOM   874  C  CE  . LYS A 1 113 ? 5.417   0.517   21.526  1.00 30.74 ? 113 LYS A CE  1 
ATOM   875  N  NZ  . LYS A 1 113 ? 5.327   -0.631  22.476  1.00 31.39 ? 113 LYS A NZ  1 
ATOM   876  N  N   . GLU A 1 114 ? 6.354   -4.039  18.374  1.00 28.68 ? 114 GLU A N   1 
ATOM   877  C  CA  . GLU A 1 114 ? 7.579   -4.825  18.222  1.00 29.49 ? 114 GLU A CA  1 
ATOM   878  C  C   . GLU A 1 114 ? 8.269   -4.833  16.839  1.00 29.22 ? 114 GLU A C   1 
ATOM   879  O  O   . GLU A 1 114 ? 9.513   -4.883  16.751  1.00 29.48 ? 114 GLU A O   1 
ATOM   880  C  CB  . GLU A 1 114 ? 7.298   -6.262  18.649  1.00 29.86 ? 114 GLU A CB  1 
ATOM   881  C  CG  . GLU A 1 114 ? 7.060   -6.396  20.133  1.00 33.37 ? 114 GLU A CG  1 
ATOM   882  C  CD  . GLU A 1 114 ? 5.650   -6.835  20.483  1.00 37.69 ? 114 GLU A CD  1 
ATOM   883  O  OE1 . GLU A 1 114 ? 5.492   -7.428  21.602  1.00 38.41 ? 114 GLU A OE1 1 
ATOM   884  O  OE2 . GLU A 1 114 ? 4.726   -6.609  19.647  1.00 35.77 ? 114 GLU A OE2 1 
ATOM   885  N  N   . HIS A 1 115 ? 7.464   -4.773  15.778  1.00 28.32 ? 115 HIS A N   1 
ATOM   886  C  CA  . HIS A 1 115 ? 7.947   -4.927  14.426  1.00 27.32 ? 115 HIS A CA  1 
ATOM   887  C  C   . HIS A 1 115 ? 8.168   -3.636  13.611  1.00 27.26 ? 115 HIS A C   1 
ATOM   888  O  O   . HIS A 1 115 ? 8.482   -3.724  12.409  1.00 26.80 ? 115 HIS A O   1 
ATOM   889  C  CB  . HIS A 1 115 ? 6.985   -5.825  13.673  1.00 27.73 ? 115 HIS A CB  1 
ATOM   890  C  CG  . HIS A 1 115 ? 6.895   -7.224  14.217  1.00 26.85 ? 115 HIS A CG  1 
ATOM   891  N  ND1 . HIS A 1 115 ? 5.693   -7.843  14.480  1.00 25.28 ? 115 HIS A ND1 1 
ATOM   892  C  CD2 . HIS A 1 115 ? 7.853   -8.132  14.513  1.00 26.24 ? 115 HIS A CD2 1 
ATOM   893  C  CE1 . HIS A 1 115 ? 5.911   -9.071  14.913  1.00 26.14 ? 115 HIS A CE1 1 
ATOM   894  N  NE2 . HIS A 1 115 ? 7.216   -9.268  14.952  1.00 26.88 ? 115 HIS A NE2 1 
ATOM   895  N  N   . LYS A 1 116 ? 7.980   -2.466  14.239  1.00 26.70 ? 116 LYS A N   1 
ATOM   896  C  CA  . LYS A 1 116 ? 8.275   -1.153  13.640  1.00 26.45 ? 116 LYS A CA  1 
ATOM   897  C  C   . LYS A 1 116 ? 9.784   -1.085  13.597  1.00 26.41 ? 116 LYS A C   1 
ATOM   898  O  O   . LYS A 1 116 ? 10.407  -1.456  14.591  1.00 26.52 ? 116 LYS A O   1 
ATOM   899  C  CB  . LYS A 1 116 ? 7.821   -0.034  14.598  1.00 27.00 ? 116 LYS A CB  1 
ATOM   900  C  CG  . LYS A 1 116 ? 7.268   1.267   13.952  1.00 27.10 ? 116 LYS A CG  1 
ATOM   901  C  CD  . LYS A 1 116 ? 8.274   2.137   13.168  1.00 28.06 ? 116 LYS A CD  1 
ATOM   902  C  CE  . LYS A 1 116 ? 7.633   2.620   11.837  1.00 27.33 ? 116 LYS A CE  1 
ATOM   903  N  NZ  . LYS A 1 116 ? 8.209   3.882   11.258  1.00 29.45 ? 116 LYS A NZ  1 
ATOM   904  N  N   . ASN A 1 117 ? 10.379  -0.599  12.503  1.00 25.75 ? 117 ASN A N   1 
ATOM   905  C  CA  . ASN A 1 117 ? 11.843  -0.537  12.408  1.00 26.21 ? 117 ASN A CA  1 
ATOM   906  C  C   . ASN A 1 117 ? 12.509  -1.834  12.874  1.00 26.05 ? 117 ASN A C   1 
ATOM   907  O  O   . ASN A 1 117 ? 13.339  -1.828  13.818  1.00 26.34 ? 117 ASN A O   1 
ATOM   908  C  CB  . ASN A 1 117 ? 12.422  0.666   13.188  1.00 26.30 ? 117 ASN A CB  1 
ATOM   909  C  CG  . ASN A 1 117 ? 12.486  1.940   12.330  1.00 29.42 ? 117 ASN A CG  1 
ATOM   910  O  OD1 . ASN A 1 117 ? 12.375  3.059   12.844  1.00 32.34 ? 117 ASN A OD1 1 
ATOM   911  N  ND2 . ASN A 1 117 ? 12.640  1.770   11.006  1.00 31.88 ? 117 ASN A ND2 1 
ATOM   912  N  N   . LEU A 1 118 ? 12.110  -2.940  12.236  1.00 25.45 ? 118 LEU A N   1 
ATOM   913  C  CA  . LEU A 1 118 ? 12.663  -4.274  12.505  1.00 25.04 ? 118 LEU A CA  1 
ATOM   914  C  C   . LEU A 1 118 ? 14.072  -4.281  11.991  1.00 25.63 ? 118 LEU A C   1 
ATOM   915  O  O   . LEU A 1 118 ? 14.395  -3.630  10.973  1.00 26.15 ? 118 LEU A O   1 
ATOM   916  C  CB  . LEU A 1 118 ? 11.917  -5.358  11.716  1.00 24.67 ? 118 LEU A CB  1 
ATOM   917  C  CG  . LEU A 1 118 ? 11.402  -6.618  12.390  1.00 22.98 ? 118 LEU A CG  1 
ATOM   918  C  CD1 . LEU A 1 118 ? 11.456  -7.758  11.441  1.00 20.27 ? 118 LEU A CD1 1 
ATOM   919  C  CD2 . LEU A 1 118 ? 12.240  -6.929  13.588  1.00 26.68 ? 118 LEU A CD2 1 
ATOM   920  N  N   . ASP A 1 119 ? 14.914  -5.072  12.615  1.00 25.92 ? 119 ASP A N   1 
ATOM   921  C  CA  . ASP A 1 119 ? 16.202  -5.334  12.047  1.00 26.07 ? 119 ASP A CA  1 
ATOM   922  C  C   . ASP A 1 119 ? 15.993  -6.259  10.858  1.00 26.40 ? 119 ASP A C   1 
ATOM   923  O  O   . ASP A 1 119 ? 15.935  -7.444  11.004  1.00 26.90 ? 119 ASP A O   1 
ATOM   924  C  CB  . ASP A 1 119 ? 17.095  -5.981  13.082  1.00 25.76 ? 119 ASP A CB  1 
ATOM   925  C  CG  . ASP A 1 119 ? 18.489  -6.120  12.619  1.00 26.07 ? 119 ASP A CG  1 
ATOM   926  O  OD1 . ASP A 1 119 ? 18.763  -5.767  11.477  1.00 22.56 ? 119 ASP A OD1 1 
ATOM   927  O  OD2 . ASP A 1 119 ? 19.316  -6.584  13.395  1.00 25.56 ? 119 ASP A OD2 1 
ATOM   928  N  N   . THR A 1 120 ? 15.839  -5.695  9.682   1.00 25.41 ? 120 THR A N   1 
ATOM   929  C  CA  . THR A 1 120 ? 15.614  -6.491  8.467   1.00 25.26 ? 120 THR A CA  1 
ATOM   930  C  C   . THR A 1 120 ? 16.733  -7.460  8.101   1.00 25.87 ? 120 THR A C   1 
ATOM   931  O  O   . THR A 1 120 ? 16.482  -8.527  7.524   1.00 26.29 ? 120 THR A O   1 
ATOM   932  C  CB  . THR A 1 120 ? 15.304  -5.638  7.212   1.00 25.49 ? 120 THR A CB  1 
ATOM   933  O  OG1 . THR A 1 120 ? 16.312  -4.631  7.026   1.00 25.68 ? 120 THR A OG1 1 
ATOM   934  C  CG2 . THR A 1 120 ? 13.888  -5.020  7.284   1.00 23.33 ? 120 THR A CG2 1 
ATOM   935  N  N   . LYS A 1 121 ? 17.973  -7.135  8.431   1.00 26.32 ? 121 LYS A N   1 
ATOM   936  C  CA  . LYS A 1 121 ? 19.035  -8.035  7.993   1.00 26.84 ? 121 LYS A CA  1 
ATOM   937  C  C   . LYS A 1 121 ? 19.229  -9.239  8.891   1.00 26.08 ? 121 LYS A C   1 
ATOM   938  O  O   . LYS A 1 121 ? 19.941  -10.175 8.540   1.00 26.36 ? 121 LYS A O   1 
ATOM   939  C  CB  . LYS A 1 121 ? 20.321  -7.285  7.654   1.00 27.30 ? 121 LYS A CB  1 
ATOM   940  C  CG  . LYS A 1 121 ? 20.199  -6.471  6.308   1.00 30.72 ? 121 LYS A CG  1 
ATOM   941  C  CD  . LYS A 1 121 ? 19.740  -7.319  5.052   1.00 34.26 ? 121 LYS A CD  1 
ATOM   942  C  CE  . LYS A 1 121 ? 18.189  -7.187  4.665   1.00 36.43 ? 121 LYS A CE  1 
ATOM   943  N  NZ  . LYS A 1 121 ? 17.376  -8.478  4.831   1.00 35.05 ? 121 LYS A NZ  1 
ATOM   944  N  N   . LYS A 1 122 ? 18.538  -9.219  10.026  1.00 25.17 ? 122 LYS A N   1 
ATOM   945  C  CA  . LYS A 1 122 ? 18.471  -10.352 10.942  1.00 23.90 ? 122 LYS A CA  1 
ATOM   946  C  C   . LYS A 1 122 ? 17.184  -11.156 10.717  1.00 23.03 ? 122 LYS A C   1 
ATOM   947  O  O   . LYS A 1 122 ? 17.250  -12.369 10.687  1.00 23.57 ? 122 LYS A O   1 
ATOM   948  C  CB  . LYS A 1 122 ? 18.546  -9.873  12.402  1.00 24.46 ? 122 LYS A CB  1 
ATOM   949  C  CG  . LYS A 1 122 ? 19.558  -10.577 13.281  1.00 24.04 ? 122 LYS A CG  1 
ATOM   950  C  CD  . LYS A 1 122 ? 20.100  -9.654  14.372  1.00 25.75 ? 122 LYS A CD  1 
ATOM   951  C  CE  . LYS A 1 122 ? 21.478  -10.130 14.894  1.00 27.10 ? 122 LYS A CE  1 
ATOM   952  N  NZ  . LYS A 1 122 ? 21.591  -11.629 15.153  1.00 25.55 ? 122 LYS A NZ  1 
ATOM   953  N  N   . TYR A 1 123 ? 16.030  -10.506 10.525  1.00 21.48 ? 123 TYR A N   1 
ATOM   954  C  CA  . TYR A 1 123 ? 14.751  -11.218 10.656  1.00 20.03 ? 123 TYR A CA  1 
ATOM   955  C  C   . TYR A 1 123 ? 13.913  -11.388 9.393   1.00 18.48 ? 123 TYR A C   1 
ATOM   956  O  O   . TYR A 1 123 ? 12.813  -11.990 9.442   1.00 17.81 ? 123 TYR A O   1 
ATOM   957  C  CB  . TYR A 1 123 ? 13.908  -10.621 11.796  1.00 20.78 ? 123 TYR A CB  1 
ATOM   958  C  CG  . TYR A 1 123 ? 14.665  -10.541 13.127  1.00 24.57 ? 123 TYR A CG  1 
ATOM   959  C  CD1 . TYR A 1 123 ? 15.203  -11.695 13.741  1.00 26.45 ? 123 TYR A CD1 1 
ATOM   960  C  CD2 . TYR A 1 123 ? 14.848  -9.301  13.774  1.00 27.03 ? 123 TYR A CD2 1 
ATOM   961  C  CE1 . TYR A 1 123 ? 15.908  -11.611 14.971  1.00 29.68 ? 123 TYR A CE1 1 
ATOM   962  C  CE2 . TYR A 1 123 ? 15.537  -9.202  14.995  1.00 29.45 ? 123 TYR A CE2 1 
ATOM   963  C  CZ  . TYR A 1 123 ? 16.067  -10.349 15.584  1.00 30.63 ? 123 TYR A CZ  1 
ATOM   964  O  OH  . TYR A 1 123 ? 16.750  -10.212 16.767  1.00 31.30 ? 123 TYR A OH  1 
ATOM   965  N  N   . CYS A 1 124 ? 14.433  -10.900 8.270   1.00 16.47 ? 124 CYS A N   1 
ATOM   966  C  CA  . CYS A 1 124 ? 13.672  -10.864 7.035   1.00 15.73 ? 124 CYS A CA  1 
ATOM   967  C  C   . CYS A 1 124 ? 14.426  -11.584 5.964   1.00 16.10 ? 124 CYS A C   1 
ATOM   968  O  O   . CYS A 1 124 ? 14.781  -11.087 4.906   1.00 16.05 ? 124 CYS A O   1 
ATOM   969  C  CB  . CYS A 1 124 ? 13.380  -9.427  6.608   1.00 15.41 ? 124 CYS A CB  1 
ATOM   970  S  SG  . CYS A 1 124 ? 12.375  -8.522  7.800   1.00 14.14 ? 124 CYS A SG  1 
ATOM   971  O  OXT . CYS A 1 124 ? 14.730  -12.740 6.165   1.00 17.80 ? 124 CYS A OXT 1 
HETATM 972  C  C7  . MCW B 2 .   ? 6.524   3.233   0.874   1.00 74.15 ? 500 MCW A C7  1 
HETATM 973  O  O3  . MCW B 2 .   ? 5.766   2.487   1.910   1.00 75.82 ? 500 MCW A O3  1 
HETATM 974  C  C6  . MCW B 2 .   ? 4.747   3.144   2.582   1.00 73.11 ? 500 MCW A C6  1 
HETATM 975  C  C5  . MCW B 2 .   ? 4.731   4.533   2.718   1.00 71.31 ? 500 MCW A C5  1 
HETATM 976  C  C3  . MCW B 2 .   ? 3.696   5.144   3.380   1.00 68.93 ? 500 MCW A C3  1 
HETATM 977  O  O1  . MCW B 2 .   ? 3.673   6.343   3.510   1.00 71.24 ? 500 MCW A O1  1 
HETATM 978  C  C1  . MCW B 2 .   ? 2.675   4.440   3.936   1.00 70.39 ? 500 MCW A C1  1 
HETATM 979  C  C2  . MCW B 2 .   ? 2.681   3.062   3.827   1.00 71.90 ? 500 MCW A C2  1 
HETATM 980  C  C4  . MCW B 2 .   ? 3.706   2.416   3.156   1.00 71.62 ? 500 MCW A C4  1 
HETATM 981  O  O2  . MCW B 2 .   ? 3.654   1.196   3.083   1.00 69.65 ? 500 MCW A O2  1 
HETATM 982  CA CA  . CA  C 3 .   ? 7.583   -2.706  0.316   1.00 36.34 ? 501 CA  A CA  1 
HETATM 983  CA CA  . CA  D 3 .   ? -3.163  9.424   -13.794 0.50 29.54 ? 502 CA  A CA  1 
HETATM 984  O  O   . HOH E 4 .   ? -0.635  5.008   -5.759  1.00 10.00 ? 503 HOH A O   1 
HETATM 985  O  O   . HOH E 4 .   ? -10.237 7.751   -17.556 1.00 22.61 ? 504 HOH A O   1 
HETATM 986  O  O   . HOH E 4 .   ? 16.215  -11.793 3.370   1.00 12.09 ? 505 HOH A O   1 
HETATM 987  O  O   . HOH E 4 .   ? -15.498 2.035   -8.450  1.00 26.05 ? 506 HOH A O   1 
HETATM 988  O  O   . HOH E 4 .   ? 2.959   -10.334 12.558  1.00 10.00 ? 507 HOH A O   1 
HETATM 989  O  O   . HOH E 4 .   ? 5.556   1.125   -16.275 1.00 20.84 ? 508 HOH A O   1 
HETATM 990  O  O   . HOH E 4 .   ? 4.972   7.956   2.123   1.00 15.10 ? 509 HOH A O   1 
HETATM 991  O  O   . HOH E 4 .   ? 4.333   -1.309  -2.305  1.00 10.00 ? 510 HOH A O   1 
HETATM 992  O  O   . HOH E 4 .   ? -2.697  7.065   -16.663 1.00 20.84 ? 511 HOH A O   1 
HETATM 993  O  O   . HOH E 4 .   ? 11.808  -14.061 6.881   1.00 10.00 ? 512 HOH A O   1 
HETATM 994  O  O   . HOH E 4 .   ? 1.630   -14.083 8.280   1.00 15.33 ? 513 HOH A O   1 
HETATM 995  O  O   . HOH E 4 .   ? -2.650  -5.489  0.467   1.00 15.04 ? 514 HOH A O   1 
HETATM 996  O  O   . HOH E 4 .   ? 2.741   7.105   -14.379 1.00 12.06 ? 515 HOH A O   1 
HETATM 997  O  O   . HOH E 4 .   ? -9.260  11.824  -6.054  1.00 18.00 ? 516 HOH A O   1 
HETATM 998  O  O   . HOH E 4 .   ? -2.781  -4.841  -2.375  1.00 16.22 ? 517 HOH A O   1 
HETATM 999  O  O   . HOH E 4 .   ? 8.235   -1.854  -1.785  1.00 17.12 ? 518 HOH A O   1 
HETATM 1000 O  O   . HOH E 4 .   ? 5.667   -0.662  -4.565  1.00 19.85 ? 519 HOH A O   1 
HETATM 1001 O  O   . HOH E 4 .   ? 6.125   -0.906  1.277   1.00 18.08 ? 520 HOH A O   1 
HETATM 1002 O  O   . HOH E 4 .   ? -10.149 -2.889  -3.990  1.00 15.99 ? 521 HOH A O   1 
HETATM 1003 O  O   . HOH E 4 .   ? -12.312 8.589   7.563   1.00 10.00 ? 522 HOH A O   1 
HETATM 1004 O  O   . HOH E 4 .   ? 6.912   1.295   -6.348  1.00 21.30 ? 523 HOH A O   1 
HETATM 1005 O  O   . HOH E 4 .   ? 8.724   10.378  -9.426  1.00 41.18 ? 524 HOH A O   1 
HETATM 1006 O  O   . HOH E 4 .   ? -8.157  -2.280  -13.097 1.00 16.62 ? 525 HOH A O   1 
HETATM 1007 O  O   . HOH E 4 .   ? -3.939  -6.478  -3.675  1.00 23.07 ? 526 HOH A O   1 
HETATM 1008 O  O   . HOH E 4 .   ? 11.583  -2.584  5.780   1.00 20.10 ? 527 HOH A O   1 
HETATM 1009 O  O   . HOH E 4 .   ? -13.688 1.251   -5.299  1.00 21.84 ? 528 HOH A O   1 
HETATM 1010 O  O   . HOH E 4 .   ? 8.716   -6.297  -2.665  1.00 22.09 ? 529 HOH A O   1 
HETATM 1011 O  O   . HOH E 4 .   ? 0.729   -10.190 -7.168  1.00 20.10 ? 530 HOH A O   1 
HETATM 1012 O  O   . HOH E 4 .   ? 12.788  -2.000  3.518   1.00 22.94 ? 531 HOH A O   1 
HETATM 1013 O  O   . HOH E 4 .   ? 9.359   5.058   -4.535  1.00 38.57 ? 532 HOH A O   1 
HETATM 1014 O  O   . HOH E 4 .   ? 4.709   -9.818  19.104  1.00 15.58 ? 533 HOH A O   1 
HETATM 1015 O  O   . HOH E 4 .   ? 6.790   1.497   -0.814  1.00 42.15 ? 534 HOH A O   1 
# 
